data_2XIB
#
_entry.id   2XIB
#
_cell.length_a   54.680
_cell.length_b   185.990
_cell.length_c   97.630
_cell.angle_alpha   90.00
_cell.angle_beta   94.75
_cell.angle_gamma   90.00
#
_symmetry.space_group_name_H-M   'P 1 21 1'
#
loop_
_entity.id
_entity.type
_entity.pdbx_description
1 polymer ALPHA-L-FUCOSIDASE
2 non-polymer (2S,3R,4S,5R)-2-METHYLPIPERIDINE-3,4,5-TRIOL
3 non-polymer 'SULFATE ION'
4 non-polymer GLYCEROL
5 non-polymer 2-AMINO-2-HYDROXYMETHYL-PROPANE-1,3-DIOL
6 water water
#
_entity_poly.entity_id   1
_entity_poly.type   'polypeptide(L)'
_entity_poly.pdbx_seq_one_letter_code
;AKKEIPLKYGATNEGKRQDPAMQKFRDNRLGAFIHWGLYAIPGGEWNGKVYGGAAEWLKSWAKVPADEWLKLMDQWNPTK
FDAKKWAKMAKEMGTKYVKITTKHHEGFCLWPSKYTKYTVANTPYKRDILGELVKAYNDEGIDVHFYFSVMDWSNPDYRY
DIKSKEDSIAFSRFLEFTDNQLKELATRYPTVKDFWFDGTWDASVKKNGWWTAHAEQMLKELVPGVAINSRLRADDKGKR
HFDSNGRLMGDYESGYERRLPDPVKDLKVTQWDWEACMTIPENQWGYHKDWSLSYVKTPIEVIDRIVHAVSMGGNMVVNF
GPQADGDFRPEEKAMATAIGKWMNRYGKAVYACDYAGFEKQDWGYYTRGKNDEVYMVVFNQPYSERLIVKTPKGITVEKA
TLLTTGEDITVVETTRNEYNVSVPKKNPGEPYVIQLKVRAAKGTKSIYRDALT
;
_entity_poly.pdbx_strand_id   A,B,C,D
#
# COMPACT_ATOMS: atom_id res chain seq x y z
N GLU A 4 -14.71 72.64 4.56
CA GLU A 4 -13.64 71.60 4.41
C GLU A 4 -13.28 71.39 2.94
N ILE A 5 -12.05 70.93 2.72
CA ILE A 5 -11.50 70.67 1.39
C ILE A 5 -11.97 69.32 0.84
N PRO A 6 -12.38 69.26 -0.44
CA PRO A 6 -12.72 67.96 -1.03
C PRO A 6 -11.44 67.18 -1.35
N LEU A 7 -11.35 65.96 -0.84
CA LEU A 7 -10.16 65.13 -1.02
C LEU A 7 -10.57 63.79 -1.60
N LYS A 8 -9.86 63.33 -2.63
CA LYS A 8 -10.06 61.97 -3.12
C LYS A 8 -9.42 60.95 -2.16
N TYR A 9 -8.26 61.30 -1.60
CA TYR A 9 -7.41 60.35 -0.90
C TYR A 9 -7.17 60.69 0.58
N GLY A 10 -8.21 61.19 1.23
CA GLY A 10 -8.13 61.67 2.61
C GLY A 10 -8.62 60.65 3.62
N ALA A 11 -8.94 61.15 4.82
CA ALA A 11 -9.32 60.30 5.95
C ALA A 11 -10.26 59.18 5.55
N THR A 12 -9.84 57.97 5.90
CA THR A 12 -10.51 56.76 5.48
C THR A 12 -11.76 56.62 6.36
N ASN A 13 -11.56 56.26 7.65
CA ASN A 13 -12.63 56.23 8.66
C ASN A 13 -12.68 57.58 9.44
N GLU A 14 -13.67 57.76 10.31
CA GLU A 14 -13.78 59.00 11.11
C GLU A 14 -13.34 58.83 12.57
N GLY A 15 -13.90 57.85 13.27
CA GLY A 15 -13.55 57.63 14.67
C GLY A 15 -12.69 56.38 14.85
N LYS A 16 -12.67 55.85 16.07
CA LYS A 16 -11.97 54.60 16.33
C LYS A 16 -12.76 53.44 15.72
N ARG A 17 -12.06 52.57 15.00
CA ARG A 17 -12.66 51.29 14.57
C ARG A 17 -13.02 50.50 15.82
N GLN A 18 -14.19 49.87 15.84
CA GLN A 18 -14.56 49.08 17.02
C GLN A 18 -14.96 47.65 16.66
N ASP A 19 -14.52 47.20 15.49
CA ASP A 19 -14.61 45.79 15.11
C ASP A 19 -13.59 44.97 15.92
N PRO A 20 -13.85 43.66 16.07
CA PRO A 20 -13.02 42.82 16.96
C PRO A 20 -11.53 42.80 16.65
N ALA A 21 -11.16 42.85 15.37
CA ALA A 21 -9.72 42.87 15.03
C ALA A 21 -9.03 44.10 15.63
N MET A 22 -9.68 45.26 15.57
CA MET A 22 -9.11 46.47 16.16
C MET A 22 -9.20 46.50 17.69
N GLN A 23 -10.22 45.86 18.26
CA GLN A 23 -10.29 45.66 19.70
C GLN A 23 -9.11 44.81 20.17
N LYS A 24 -8.76 43.77 19.42
CA LYS A 24 -7.63 42.90 19.77
C LYS A 24 -6.31 43.67 19.66
N PHE A 25 -6.11 44.35 18.54
CA PHE A 25 -4.94 45.23 18.38
C PHE A 25 -4.73 46.14 19.59
N ARG A 26 -5.81 46.77 20.02
CA ARG A 26 -5.80 47.73 21.11
C ARG A 26 -5.49 47.01 22.42
N ASP A 27 -6.29 45.99 22.73
CA ASP A 27 -6.16 45.24 23.98
C ASP A 27 -4.76 44.66 24.17
N ASN A 28 -4.14 44.22 23.09
CA ASN A 28 -2.81 43.65 23.19
C ASN A 28 -1.87 44.55 23.99
N ARG A 29 -1.88 45.85 23.62
CA ARG A 29 -1.11 46.93 24.26
C ARG A 29 0.41 46.86 24.21
N LEU A 30 1.01 45.73 24.56
CA LEU A 30 2.47 45.65 24.67
C LEU A 30 3.02 44.79 23.58
N GLY A 31 3.92 45.36 22.76
CA GLY A 31 4.47 44.63 21.64
C GLY A 31 5.98 44.65 21.65
N ALA A 32 6.57 43.77 20.86
CA ALA A 32 8.00 43.79 20.63
C ALA A 32 8.24 44.09 19.13
N PHE A 33 9.33 44.77 18.83
CA PHE A 33 9.76 45.06 17.48
C PHE A 33 11.02 44.22 17.26
N ILE A 34 11.10 43.60 16.09
CA ILE A 34 12.31 42.94 15.62
C ILE A 34 12.82 43.68 14.38
N HIS A 35 13.99 44.31 14.49
CA HIS A 35 14.73 44.77 13.33
C HIS A 35 15.84 43.76 13.00
N TRP A 36 15.67 43.02 11.91
CA TRP A 36 16.70 42.03 11.50
C TRP A 36 16.89 42.08 9.99
N GLY A 37 18.13 42.30 9.57
CA GLY A 37 18.49 42.41 8.17
C GLY A 37 20.00 42.32 8.01
N LEU A 38 20.50 42.69 6.83
CA LEU A 38 21.94 42.55 6.56
C LEU A 38 22.81 43.35 7.53
N TYR A 39 22.32 44.53 7.93
CA TYR A 39 23.00 45.40 8.91
C TYR A 39 23.52 44.70 10.15
N ALA A 40 22.86 43.62 10.59
CA ALA A 40 23.24 42.95 11.82
C ALA A 40 24.67 42.35 11.76
N ILE A 41 25.12 42.05 10.54
CA ILE A 41 26.38 41.40 10.25
C ILE A 41 27.58 42.29 10.57
N PRO A 42 27.70 43.44 9.90
CA PRO A 42 28.77 44.36 10.29
C PRO A 42 28.53 45.00 11.64
N GLY A 43 27.25 45.19 12.01
CA GLY A 43 26.87 45.63 13.35
C GLY A 43 27.36 47.01 13.70
N GLY A 44 27.32 47.93 12.73
CA GLY A 44 27.79 49.28 12.94
C GLY A 44 29.23 49.57 12.54
N GLU A 45 30.04 48.52 12.31
CA GLU A 45 31.43 48.70 11.88
C GLU A 45 31.60 48.52 10.36
N TRP A 46 32.37 49.41 9.74
CA TRP A 46 32.70 49.31 8.31
C TRP A 46 34.13 49.75 7.97
N ASN A 47 34.88 48.87 7.29
CA ASN A 47 36.29 49.11 6.94
C ASN A 47 37.07 49.67 8.12
N GLY A 48 37.02 48.95 9.24
CA GLY A 48 37.74 49.33 10.45
C GLY A 48 37.00 50.23 11.43
N LYS A 49 36.17 51.15 10.91
CA LYS A 49 35.58 52.22 11.75
C LYS A 49 34.20 51.86 12.33
N VAL A 50 34.01 52.06 13.63
CA VAL A 50 32.68 51.93 14.24
C VAL A 50 31.93 53.25 14.15
N TYR A 51 30.74 53.22 13.55
CA TYR A 51 29.87 54.41 13.42
C TYR A 51 28.80 54.43 14.52
N GLY A 52 28.60 55.62 15.09
CA GLY A 52 27.69 55.81 16.23
C GLY A 52 26.23 55.99 15.85
N GLY A 53 25.98 56.32 14.59
CA GLY A 53 24.64 56.42 14.08
C GLY A 53 23.96 55.06 14.08
N ALA A 54 22.67 55.07 13.76
CA ALA A 54 21.83 53.85 13.81
C ALA A 54 22.42 52.72 12.93
N ALA A 55 22.56 51.53 13.50
CA ALA A 55 23.24 50.41 12.85
C ALA A 55 22.59 50.03 11.53
N GLU A 56 21.27 50.16 11.47
CA GLU A 56 20.53 49.79 10.29
C GLU A 56 20.67 50.79 9.15
N TRP A 57 21.19 51.97 9.44
CA TRP A 57 21.53 52.94 8.41
C TRP A 57 23.03 52.96 8.13
N LEU A 58 23.78 51.95 8.58
CA LEU A 58 25.26 51.92 8.32
C LEU A 58 25.63 52.15 6.86
N LYS A 59 24.75 51.79 5.94
CA LYS A 59 24.98 51.97 4.51
C LYS A 59 25.02 53.44 4.12
N SER A 60 24.22 54.25 4.80
CA SER A 60 24.22 55.67 4.55
C SER A 60 25.48 56.25 5.18
N TRP A 61 25.73 55.92 6.45
CA TRP A 61 26.89 56.48 7.18
C TRP A 61 28.19 56.19 6.42
N ALA A 62 28.42 54.92 6.12
CA ALA A 62 29.66 54.47 5.50
C ALA A 62 29.77 54.76 4.02
N LYS A 63 28.71 55.31 3.41
CA LYS A 63 28.69 55.58 1.98
C LYS A 63 28.98 54.31 1.19
N VAL A 64 28.33 53.21 1.55
CA VAL A 64 28.52 51.93 0.86
C VAL A 64 27.60 51.87 -0.36
N PRO A 65 28.15 51.57 -1.55
CA PRO A 65 27.26 51.42 -2.71
C PRO A 65 26.35 50.19 -2.56
N ALA A 66 25.16 50.27 -3.16
CA ALA A 66 24.14 49.22 -3.10
C ALA A 66 24.73 47.84 -3.39
N ASP A 67 25.46 47.78 -4.50
CA ASP A 67 26.20 46.59 -4.93
C ASP A 67 26.89 45.91 -3.76
N GLU A 68 27.77 46.69 -3.15
CA GLU A 68 28.67 46.23 -2.10
C GLU A 68 27.92 45.93 -0.81
N TRP A 69 26.91 46.73 -0.48
CA TRP A 69 26.16 46.48 0.77
C TRP A 69 25.44 45.13 0.67
N LEU A 70 24.76 44.91 -0.44
CA LEU A 70 23.94 43.71 -0.63
C LEU A 70 24.77 42.40 -0.70
N LYS A 71 26.05 42.52 -1.07
CA LYS A 71 27.00 41.38 -1.01
C LYS A 71 27.03 40.71 0.36
N LEU A 72 26.64 41.42 1.42
CA LEU A 72 26.54 40.86 2.77
C LEU A 72 25.61 39.66 2.85
N MET A 73 24.64 39.57 1.94
CA MET A 73 23.83 38.34 1.79
C MET A 73 24.70 37.09 1.79
N ASP A 74 25.86 37.17 1.14
CA ASP A 74 26.82 36.06 1.11
C ASP A 74 27.25 35.61 2.48
N GLN A 75 27.16 36.47 3.49
CA GLN A 75 27.47 36.07 4.88
C GLN A 75 26.24 35.73 5.74
N TRP A 76 25.03 35.86 5.19
CA TRP A 76 23.80 35.61 5.96
C TRP A 76 23.52 34.14 6.20
N ASN A 77 23.79 33.66 7.41
CA ASN A 77 23.63 32.25 7.76
C ASN A 77 23.42 32.22 9.27
N PRO A 78 22.23 32.65 9.74
CA PRO A 78 21.99 32.73 11.20
C PRO A 78 21.85 31.36 11.86
N THR A 79 23.01 30.78 12.19
CA THR A 79 23.12 29.43 12.75
C THR A 79 22.35 29.16 14.07
N LYS A 80 22.26 30.15 14.94
CA LYS A 80 21.59 29.95 16.23
C LYS A 80 20.11 30.31 16.19
N PHE A 81 19.57 30.62 15.00
CA PHE A 81 18.18 31.04 14.89
C PHE A 81 17.24 29.89 15.22
N ASP A 82 16.28 30.16 16.11
CA ASP A 82 15.26 29.17 16.42
C ASP A 82 13.97 29.93 16.68
N ALA A 83 13.07 29.89 15.70
CA ALA A 83 11.83 30.61 15.77
C ALA A 83 11.06 30.32 17.08
N LYS A 84 11.06 29.07 17.53
CA LYS A 84 10.31 28.68 18.73
C LYS A 84 10.89 29.33 19.98
N LYS A 85 12.21 29.46 20.04
CA LYS A 85 12.88 30.08 21.16
C LYS A 85 12.53 31.57 21.20
N TRP A 86 12.62 32.24 20.05
CA TRP A 86 12.19 33.64 19.90
C TRP A 86 10.76 33.84 20.41
N ALA A 87 9.88 32.92 20.01
CA ALA A 87 8.50 32.97 20.43
C ALA A 87 8.40 32.79 21.95
N LYS A 88 9.09 31.81 22.52
CA LYS A 88 9.04 31.61 23.98
C LYS A 88 9.51 32.87 24.73
N MET A 89 10.59 33.46 24.26
CA MET A 89 11.13 34.70 24.84
C MET A 89 10.15 35.88 24.78
N ALA A 90 9.44 36.04 23.66
CA ALA A 90 8.35 37.02 23.61
C ALA A 90 7.33 36.72 24.69
N LYS A 91 6.92 35.46 24.77
CA LYS A 91 5.85 35.09 25.68
C LYS A 91 6.29 35.27 27.14
N GLU A 92 7.56 35.08 27.43
CA GLU A 92 8.08 35.29 28.78
C GLU A 92 8.21 36.79 29.13
N MET A 93 8.22 37.64 28.12
CA MET A 93 8.26 39.07 28.35
C MET A 93 6.86 39.63 28.59
N GLY A 94 5.85 38.92 28.08
CA GLY A 94 4.47 39.32 28.21
C GLY A 94 3.99 40.08 26.99
N THR A 95 4.75 39.99 25.89
CA THR A 95 4.41 40.74 24.72
C THR A 95 3.31 39.98 24.02
N LYS A 96 2.33 40.71 23.51
CA LYS A 96 1.13 40.10 22.97
C LYS A 96 1.16 40.11 21.46
N TYR A 97 2.14 40.80 20.90
CA TYR A 97 2.30 40.88 19.47
C TYR A 97 3.70 41.33 19.12
N VAL A 98 4.17 40.91 17.94
CA VAL A 98 5.51 41.25 17.48
C VAL A 98 5.44 41.87 16.11
N LYS A 99 6.19 42.95 15.92
CA LYS A 99 6.28 43.60 14.62
C LYS A 99 7.65 43.26 14.04
N ILE A 100 7.63 42.72 12.83
CA ILE A 100 8.85 42.20 12.22
C ILE A 100 9.22 42.97 10.97
N THR A 101 10.49 43.36 10.83
CA THR A 101 10.94 43.93 9.56
C THR A 101 10.92 42.89 8.43
N THR A 102 9.92 42.98 7.56
CA THR A 102 9.85 42.11 6.37
C THR A 102 10.91 42.56 5.36
N LYS A 103 11.02 43.87 5.20
CA LYS A 103 12.01 44.47 4.32
C LYS A 103 12.30 45.83 4.90
N HIS A 104 13.55 46.09 5.23
CA HIS A 104 13.96 47.43 5.65
C HIS A 104 14.40 48.30 4.43
N HIS A 105 14.90 49.49 4.70
CA HIS A 105 15.41 50.38 3.65
C HIS A 105 16.41 49.72 2.68
N GLU A 106 17.30 48.89 3.21
CA GLU A 106 18.32 48.20 2.41
C GLU A 106 17.69 47.35 1.33
N GLY A 107 16.48 46.85 1.57
CA GLY A 107 15.69 46.14 0.53
C GLY A 107 15.86 44.63 0.53
N PHE A 108 16.53 44.09 1.55
CA PHE A 108 16.73 42.65 1.75
C PHE A 108 15.48 42.08 2.40
N CYS A 109 14.85 41.13 1.73
CA CYS A 109 13.61 40.54 2.19
C CYS A 109 13.86 39.29 3.01
N LEU A 110 13.21 39.21 4.17
CA LEU A 110 13.30 38.07 5.04
C LEU A 110 12.39 36.92 4.61
N TRP A 111 11.66 37.10 3.52
CA TRP A 111 10.89 36.02 2.94
C TRP A 111 11.38 35.86 1.53
N PRO A 112 11.16 34.69 0.92
CA PRO A 112 11.65 34.50 -0.45
C PRO A 112 10.78 35.17 -1.53
N SER A 113 10.74 36.50 -1.55
CA SER A 113 9.96 37.22 -2.58
C SER A 113 10.34 36.84 -4.02
N LYS A 114 9.33 36.64 -4.87
CA LYS A 114 9.59 36.31 -6.28
C LYS A 114 9.94 37.57 -7.10
N TYR A 115 9.91 38.75 -6.46
CA TYR A 115 10.06 39.99 -7.19
C TYR A 115 11.46 40.62 -7.12
N THR A 116 12.37 39.97 -6.41
CA THR A 116 13.74 40.44 -6.36
C THR A 116 14.65 39.32 -5.92
N LYS A 117 15.91 39.44 -6.26
CA LYS A 117 16.91 38.42 -5.89
C LYS A 117 17.52 38.66 -4.51
N TYR A 118 17.20 39.80 -3.91
CA TYR A 118 17.78 40.17 -2.63
C TYR A 118 16.89 39.67 -1.49
N THR A 119 16.89 38.36 -1.31
CA THR A 119 16.04 37.72 -0.33
C THR A 119 16.80 36.62 0.38
N VAL A 120 16.23 36.14 1.47
CA VAL A 120 16.77 34.98 2.18
C VAL A 120 16.98 33.75 1.29
N ALA A 121 16.21 33.61 0.21
CA ALA A 121 16.38 32.45 -0.73
C ALA A 121 17.80 32.40 -1.37
N ASN A 122 18.39 33.57 -1.61
CA ASN A 122 19.71 33.63 -2.20
C ASN A 122 20.82 33.85 -1.17
N THR A 123 20.57 33.42 0.07
CA THR A 123 21.57 33.37 1.13
C THR A 123 21.87 31.92 1.40
N PRO A 124 23.04 31.61 2.00
CA PRO A 124 23.35 30.21 2.37
C PRO A 124 22.34 29.56 3.31
N TYR A 125 21.68 30.35 4.16
CA TYR A 125 20.63 29.89 5.07
C TYR A 125 19.40 29.39 4.32
N LYS A 126 19.11 30.04 3.19
CA LYS A 126 18.03 29.69 2.25
C LYS A 126 16.56 29.81 2.73
N ARG A 127 16.29 29.43 3.97
CA ARG A 127 14.92 29.26 4.49
C ARG A 127 14.11 30.55 4.66
N ASP A 128 12.79 30.38 4.62
CA ASP A 128 11.85 31.46 4.88
C ASP A 128 11.77 31.86 6.35
N ILE A 129 12.67 32.76 6.76
CA ILE A 129 12.71 33.24 8.13
C ILE A 129 11.39 33.88 8.57
N LEU A 130 10.81 34.74 7.74
CA LEU A 130 9.52 35.36 8.07
C LEU A 130 8.44 34.31 8.31
N GLY A 131 8.32 33.37 7.38
CA GLY A 131 7.34 32.31 7.52
C GLY A 131 7.51 31.48 8.78
N GLU A 132 8.75 31.21 9.20
CA GLU A 132 9.00 30.46 10.44
C GLU A 132 8.67 31.23 11.72
N LEU A 133 9.00 32.53 11.73
CA LEU A 133 8.61 33.39 12.84
C LEU A 133 7.09 33.49 12.95
N VAL A 134 6.40 33.76 11.84
CA VAL A 134 4.92 33.82 11.86
C VAL A 134 4.30 32.59 12.54
N LYS A 135 4.70 31.41 12.08
CA LYS A 135 4.21 30.16 12.64
C LYS A 135 4.56 30.06 14.13
N ALA A 136 5.82 30.28 14.49
CA ALA A 136 6.23 30.15 15.90
C ALA A 136 5.53 31.15 16.79
N TYR A 137 5.43 32.41 16.39
CA TYR A 137 4.73 33.42 17.22
C TYR A 137 3.25 33.09 17.32
N ASN A 138 2.63 32.69 16.21
CA ASN A 138 1.22 32.29 16.20
C ASN A 138 0.90 31.07 17.12
N ASP A 139 1.77 30.07 17.12
CA ASP A 139 1.63 28.87 17.98
C ASP A 139 1.58 29.23 19.48
N GLU A 140 2.16 30.37 19.85
CA GLU A 140 2.12 30.88 21.23
C GLU A 140 0.99 31.90 21.49
N GLY A 141 0.08 32.06 20.54
CA GLY A 141 -0.99 33.04 20.72
C GLY A 141 -0.55 34.49 20.49
N ILE A 142 0.60 34.70 19.84
CA ILE A 142 1.14 36.03 19.62
C ILE A 142 0.83 36.52 18.19
N ASP A 143 0.15 37.65 18.10
CA ASP A 143 -0.20 38.27 16.81
C ASP A 143 1.09 38.76 16.15
N VAL A 144 1.19 38.65 14.82
CA VAL A 144 2.37 39.13 14.10
C VAL A 144 1.96 40.27 13.17
N HIS A 145 2.79 41.30 13.14
CA HIS A 145 2.57 42.53 12.36
C HIS A 145 3.75 42.69 11.43
N PHE A 146 3.52 43.18 10.22
CA PHE A 146 4.62 43.35 9.25
C PHE A 146 5.08 44.82 9.10
N TYR A 147 6.30 45.07 9.49
CA TYR A 147 6.98 46.31 9.12
C TYR A 147 7.33 46.15 7.63
N PHE A 148 7.18 47.22 6.87
CA PHE A 148 7.55 47.23 5.46
C PHE A 148 7.99 48.64 5.07
N SER A 149 9.24 48.78 4.61
CA SER A 149 9.80 50.05 4.15
C SER A 149 9.49 50.27 2.69
N VAL A 150 8.76 51.33 2.37
CA VAL A 150 8.51 51.69 0.98
C VAL A 150 9.81 52.16 0.28
N MET A 151 10.53 53.09 0.88
CA MET A 151 11.90 53.44 0.42
C MET A 151 12.77 52.18 0.35
N ASP A 152 13.32 51.89 -0.83
CA ASP A 152 14.10 50.66 -1.05
C ASP A 152 15.39 50.97 -1.80
N TRP A 153 16.53 50.84 -1.13
CA TRP A 153 17.85 51.20 -1.70
C TRP A 153 18.45 50.16 -2.66
N SER A 154 17.73 49.05 -2.88
CA SER A 154 18.23 47.95 -3.71
C SER A 154 17.56 47.94 -5.08
N ASN A 155 16.46 48.67 -5.21
CA ASN A 155 15.75 48.76 -6.47
C ASN A 155 16.15 50.07 -7.13
N PRO A 156 16.75 49.99 -8.33
CA PRO A 156 17.19 51.23 -8.96
C PRO A 156 16.05 52.07 -9.55
N ASP A 157 14.85 51.52 -9.61
CA ASP A 157 13.68 52.30 -10.02
C ASP A 157 13.17 53.23 -8.92
N TYR A 158 13.72 53.10 -7.71
CA TYR A 158 13.34 53.98 -6.63
C TYR A 158 13.76 55.43 -6.90
N ARG A 159 12.91 56.37 -6.51
CA ARG A 159 13.13 57.80 -6.67
C ARG A 159 12.75 58.56 -5.40
N TYR A 160 13.61 59.50 -5.02
CA TYR A 160 13.38 60.36 -3.87
C TYR A 160 12.46 61.54 -4.22
N ASP A 161 12.31 61.79 -5.51
CA ASP A 161 11.42 62.84 -6.00
C ASP A 161 11.23 62.61 -7.49
N ILE A 162 10.13 63.15 -8.02
CA ILE A 162 9.85 63.10 -9.44
C ILE A 162 10.26 64.46 -10.06
N LYS A 163 11.31 64.45 -10.88
CA LYS A 163 11.79 65.69 -11.52
C LYS A 163 11.98 65.52 -13.04
N SER A 164 11.31 64.56 -13.65
CA SER A 164 11.44 64.33 -15.09
C SER A 164 10.39 63.34 -15.56
N LYS A 165 10.37 63.07 -16.87
CA LYS A 165 9.51 62.03 -17.42
C LYS A 165 10.04 60.71 -16.94
N GLU A 166 11.37 60.55 -17.05
CA GLU A 166 12.04 59.30 -16.71
C GLU A 166 11.73 58.89 -15.26
N ASP A 167 11.91 59.83 -14.33
CA ASP A 167 11.59 59.62 -12.91
C ASP A 167 10.17 59.12 -12.68
N SER A 168 9.22 59.72 -13.39
CA SER A 168 7.81 59.33 -13.30
C SER A 168 7.58 57.88 -13.72
N ILE A 169 8.09 57.50 -14.88
CA ILE A 169 7.88 56.15 -15.39
C ILE A 169 8.67 55.12 -14.55
N ALA A 170 9.88 55.51 -14.16
CA ALA A 170 10.71 54.70 -13.26
C ALA A 170 9.95 54.43 -11.96
N PHE A 171 9.43 55.48 -11.34
CA PHE A 171 8.75 55.35 -10.05
C PHE A 171 7.43 54.59 -10.18
N SER A 172 6.76 54.77 -11.31
CA SER A 172 5.54 54.03 -11.57
C SER A 172 5.82 52.53 -11.52
N ARG A 173 6.97 52.13 -12.04
CA ARG A 173 7.38 50.73 -12.00
C ARG A 173 7.72 50.32 -10.58
N PHE A 174 8.35 51.22 -9.83
CA PHE A 174 8.68 50.96 -8.44
C PHE A 174 7.42 50.75 -7.58
N LEU A 175 6.34 51.47 -7.88
CA LEU A 175 5.08 51.23 -7.18
C LEU A 175 4.45 49.90 -7.57
N GLU A 176 4.56 49.50 -8.83
CA GLU A 176 4.08 48.17 -9.24
C GLU A 176 4.77 47.09 -8.41
N PHE A 177 6.09 47.20 -8.37
CA PHE A 177 6.99 46.31 -7.65
C PHE A 177 6.57 46.23 -6.19
N THR A 178 6.35 47.39 -5.57
CA THR A 178 5.94 47.45 -4.18
C THR A 178 4.61 46.72 -3.97
N ASP A 179 3.64 47.02 -4.82
CA ASP A 179 2.32 46.36 -4.79
C ASP A 179 2.41 44.85 -4.87
N ASN A 180 3.31 44.37 -5.74
CA ASN A 180 3.50 42.94 -5.95
C ASN A 180 3.98 42.30 -4.66
N GLN A 181 4.98 42.91 -4.02
CA GLN A 181 5.50 42.40 -2.74
C GLN A 181 4.44 42.41 -1.63
N LEU A 182 3.63 43.45 -1.58
CA LEU A 182 2.60 43.58 -0.57
C LEU A 182 1.52 42.52 -0.76
N LYS A 183 1.02 42.35 -1.98
CA LYS A 183 0.11 41.26 -2.33
C LYS A 183 0.72 39.90 -1.97
N GLU A 184 1.98 39.74 -2.28
CA GLU A 184 2.69 38.50 -1.97
C GLU A 184 2.68 38.26 -0.46
N LEU A 185 3.10 39.25 0.34
CA LEU A 185 3.08 39.13 1.81
C LEU A 185 1.69 38.77 2.35
N ALA A 186 0.68 39.50 1.86
CA ALA A 186 -0.68 39.35 2.36
C ALA A 186 -1.27 37.97 2.05
N THR A 187 -0.95 37.44 0.87
CA THR A 187 -1.47 36.14 0.43
C THR A 187 -0.67 34.95 0.94
N ARG A 188 0.64 35.11 1.10
CA ARG A 188 1.48 34.04 1.63
C ARG A 188 1.27 33.82 3.11
N TYR A 189 1.02 34.90 3.84
CA TYR A 189 0.91 34.87 5.32
C TYR A 189 -0.42 35.49 5.77
N PRO A 190 -1.52 34.75 5.58
CA PRO A 190 -2.85 35.33 5.79
C PRO A 190 -3.19 35.63 7.23
N THR A 191 -2.41 35.16 8.19
CA THR A 191 -2.69 35.51 9.56
C THR A 191 -2.18 36.91 9.96
N VAL A 192 -1.55 37.65 9.05
CA VAL A 192 -0.97 38.94 9.37
C VAL A 192 -2.08 39.89 9.90
N LYS A 193 -1.79 40.63 10.97
CA LYS A 193 -2.82 41.49 11.59
C LYS A 193 -2.67 43.00 11.29
N ASP A 194 -1.50 43.37 10.78
CA ASP A 194 -1.13 44.75 10.64
C ASP A 194 -0.01 44.87 9.64
N PHE A 195 -0.07 45.90 8.80
CA PHE A 195 1.11 46.37 8.08
C PHE A 195 1.52 47.75 8.60
N TRP A 196 2.78 47.85 9.03
CA TRP A 196 3.34 49.09 9.51
C TRP A 196 4.36 49.63 8.50
N PHE A 197 3.95 50.62 7.73
CA PHE A 197 4.77 51.21 6.68
C PHE A 197 5.74 52.23 7.26
N ASP A 198 6.93 52.24 6.68
CA ASP A 198 8.01 53.13 7.03
C ASP A 198 8.66 53.64 5.74
N GLY A 199 9.46 54.70 5.87
CA GLY A 199 10.19 55.23 4.72
C GLY A 199 9.28 55.69 3.63
N THR A 200 8.20 56.39 4.00
CA THR A 200 7.26 56.98 3.05
C THR A 200 7.33 58.51 3.00
N TRP A 201 8.42 59.09 3.52
CA TRP A 201 8.57 60.54 3.66
C TRP A 201 9.20 61.26 2.45
N ASP A 202 9.71 60.51 1.48
CA ASP A 202 10.30 61.13 0.28
C ASP A 202 9.20 61.78 -0.56
N ALA A 203 9.58 62.74 -1.40
CA ALA A 203 8.61 63.54 -2.17
C ALA A 203 7.84 62.73 -3.21
N SER A 204 8.47 61.69 -3.77
CA SER A 204 7.81 60.83 -4.74
C SER A 204 6.55 60.20 -4.20
N VAL A 205 6.59 59.78 -2.93
CA VAL A 205 5.44 59.15 -2.29
C VAL A 205 4.39 60.22 -1.97
N LYS A 206 4.83 61.38 -1.48
CA LYS A 206 3.93 62.53 -1.18
C LYS A 206 3.22 62.99 -2.42
N LYS A 207 3.96 63.01 -3.54
CA LYS A 207 3.37 63.41 -4.80
C LYS A 207 2.37 62.38 -5.31
N ASN A 208 2.38 61.18 -4.72
CA ASN A 208 1.52 60.07 -5.15
C ASN A 208 0.69 59.52 -4.00
N GLY A 209 -0.02 60.41 -3.34
CA GLY A 209 -0.91 60.06 -2.24
C GLY A 209 -1.92 59.03 -2.63
N TRP A 210 -2.41 59.12 -3.87
CA TRP A 210 -3.37 58.15 -4.39
C TRP A 210 -2.90 56.72 -4.12
N TRP A 211 -1.59 56.49 -4.24
CA TRP A 211 -1.02 55.15 -4.06
C TRP A 211 -1.07 54.69 -2.60
N THR A 212 -0.84 55.60 -1.65
CA THR A 212 -0.88 55.23 -0.25
C THR A 212 -2.30 54.73 0.04
N ALA A 213 -3.30 55.42 -0.53
CA ALA A 213 -4.71 55.04 -0.35
C ALA A 213 -5.00 53.68 -0.98
N HIS A 214 -4.44 53.48 -2.18
CA HIS A 214 -4.58 52.21 -2.92
C HIS A 214 -3.97 51.04 -2.13
N ALA A 215 -2.79 51.26 -1.58
CA ALA A 215 -2.12 50.23 -0.77
C ALA A 215 -2.99 49.82 0.39
N GLU A 216 -3.53 50.81 1.10
CA GLU A 216 -4.40 50.54 2.26
C GLU A 216 -5.61 49.72 1.84
N GLN A 217 -6.35 50.21 0.85
CA GLN A 217 -7.58 49.55 0.41
C GLN A 217 -7.30 48.13 -0.08
N MET A 218 -6.31 47.97 -0.96
CA MET A 218 -5.96 46.66 -1.50
C MET A 218 -5.62 45.69 -0.37
N LEU A 219 -4.86 46.14 0.61
CA LEU A 219 -4.48 45.26 1.69
C LEU A 219 -5.69 44.89 2.54
N LYS A 220 -6.60 45.84 2.77
CA LYS A 220 -7.78 45.55 3.59
C LYS A 220 -8.73 44.54 2.91
N GLU A 221 -8.71 44.54 1.58
CA GLU A 221 -9.43 43.53 0.80
C GLU A 221 -8.78 42.16 0.86
N LEU A 222 -7.46 42.12 1.01
CA LEU A 222 -6.75 40.85 1.03
C LEU A 222 -6.75 40.19 2.41
N VAL A 223 -6.85 41.03 3.45
CA VAL A 223 -6.74 40.56 4.84
C VAL A 223 -7.82 41.21 5.72
N PRO A 224 -8.94 40.50 5.91
CA PRO A 224 -10.05 41.06 6.66
C PRO A 224 -9.62 41.53 8.06
N GLY A 225 -9.97 42.76 8.40
CA GLY A 225 -9.63 43.30 9.72
C GLY A 225 -8.20 43.76 9.93
N VAL A 226 -7.35 43.67 8.91
CA VAL A 226 -5.96 44.07 9.06
C VAL A 226 -5.87 45.54 9.47
N ALA A 227 -4.85 45.88 10.25
CA ALA A 227 -4.62 47.27 10.65
C ALA A 227 -3.54 47.83 9.75
N ILE A 228 -3.65 49.12 9.46
CA ILE A 228 -2.72 49.81 8.57
C ILE A 228 -2.32 51.15 9.21
N ASN A 229 -1.02 51.43 9.33
CA ASN A 229 -0.63 52.60 10.14
C ASN A 229 -0.79 53.92 9.39
N SER A 230 -0.86 55.00 10.16
CA SER A 230 -0.97 56.35 9.60
C SER A 230 0.25 56.77 8.76
N ARG A 231 1.43 56.23 9.07
CA ARG A 231 2.66 56.61 8.37
C ARG A 231 2.64 56.33 6.86
N LEU A 232 1.90 55.29 6.46
CA LEU A 232 1.69 54.98 5.05
C LEU A 232 1.15 56.17 4.22
N ARG A 233 0.24 56.91 4.82
CA ARG A 233 -0.76 57.68 4.10
C ARG A 233 -0.40 59.15 3.80
N ALA A 234 -0.57 59.52 2.54
CA ALA A 234 -0.49 60.90 2.07
C ALA A 234 -1.81 61.25 1.38
N ASP A 235 -2.30 62.46 1.60
CA ASP A 235 -3.51 62.86 0.89
C ASP A 235 -3.15 63.55 -0.43
N ASP A 236 -4.18 64.07 -1.09
CA ASP A 236 -4.06 64.69 -2.41
C ASP A 236 -2.91 65.70 -2.48
N LYS A 237 -2.71 66.44 -1.39
CA LYS A 237 -1.75 67.56 -1.35
C LYS A 237 -0.36 67.16 -0.86
N GLY A 238 -0.16 65.86 -0.62
CA GLY A 238 1.03 65.37 0.01
C GLY A 238 1.05 65.52 1.53
N LYS A 239 -0.09 65.79 2.18
CA LYS A 239 -0.07 65.88 3.66
C LYS A 239 -0.10 64.47 4.25
N ARG A 240 0.81 64.21 5.18
CA ARG A 240 1.01 62.87 5.72
C ARG A 240 0.43 62.70 7.13
N HIS A 241 0.11 61.44 7.46
CA HIS A 241 -0.46 61.04 8.75
C HIS A 241 -1.89 61.54 8.91
N PHE A 242 -2.04 62.87 9.03
CA PHE A 242 -3.32 63.56 9.08
C PHE A 242 -3.51 64.34 7.79
N ASP A 243 -4.70 64.25 7.20
CA ASP A 243 -4.98 64.87 5.90
C ASP A 243 -5.17 66.39 6.03
N SER A 244 -5.51 67.05 4.92
CA SER A 244 -5.64 68.52 4.86
C SER A 244 -6.79 69.08 5.68
N ASN A 245 -7.72 68.21 6.02
CA ASN A 245 -8.76 68.57 6.96
C ASN A 245 -8.43 68.14 8.41
N GLY A 246 -7.21 67.68 8.65
CA GLY A 246 -6.78 67.29 10.01
C GLY A 246 -7.42 66.01 10.52
N ARG A 247 -7.85 65.14 9.61
CA ARG A 247 -8.46 63.85 9.98
C ARG A 247 -7.44 62.76 9.80
N LEU A 248 -7.33 61.87 10.79
CA LEU A 248 -6.27 60.85 10.80
C LEU A 248 -6.51 59.85 9.67
N MET A 249 -5.48 59.59 8.87
CA MET A 249 -5.54 58.53 7.86
C MET A 249 -4.95 57.22 8.42
N GLY A 250 -5.30 56.08 7.81
CA GLY A 250 -4.95 54.77 8.36
C GLY A 250 -5.80 54.47 9.59
N ASP A 251 -5.50 53.39 10.32
CA ASP A 251 -6.34 52.97 11.46
C ASP A 251 -5.81 53.42 12.82
N TYR A 252 -4.56 53.86 12.86
CA TYR A 252 -3.97 54.33 14.10
C TYR A 252 -2.79 55.24 13.80
N GLU A 253 -2.54 56.16 14.72
CA GLU A 253 -1.47 57.14 14.57
C GLU A 253 -0.15 56.47 14.97
N SER A 254 0.91 56.78 14.23
CA SER A 254 2.16 56.06 14.36
C SER A 254 3.38 56.94 14.21
N GLY A 255 3.31 58.16 14.74
CA GLY A 255 4.46 59.09 14.75
C GLY A 255 5.33 59.11 16.01
N TYR A 256 4.87 58.51 17.10
CA TYR A 256 5.57 58.57 18.37
C TYR A 256 6.67 57.49 18.42
N GLU A 257 7.83 57.85 17.86
CA GLU A 257 8.97 56.97 17.65
C GLU A 257 10.12 57.55 18.50
N ARG A 258 10.48 56.86 19.58
CA ARG A 258 11.43 57.38 20.56
C ARG A 258 10.97 58.72 21.19
N ARG A 259 9.67 58.91 21.31
CA ARG A 259 9.12 60.13 21.90
C ARG A 259 7.67 59.81 22.24
N LEU A 260 7.14 60.40 23.29
CA LEU A 260 5.74 60.19 23.70
C LEU A 260 4.96 61.49 23.92
N PRO A 261 3.63 61.44 23.79
CA PRO A 261 2.80 62.60 24.06
C PRO A 261 2.80 63.04 25.53
N ASP A 262 2.64 64.35 25.72
CA ASP A 262 2.67 64.94 27.04
C ASP A 262 1.35 64.67 27.73
N PRO A 263 1.40 64.10 28.94
CA PRO A 263 0.18 63.66 29.59
C PRO A 263 -0.75 64.77 30.06
N VAL A 264 -0.29 66.02 30.04
CA VAL A 264 -1.12 67.13 30.42
C VAL A 264 -1.56 67.86 29.16
N LYS A 265 -0.65 68.10 28.23
CA LYS A 265 -0.92 68.97 27.08
C LYS A 265 -1.42 68.26 25.80
N ASP A 266 -1.21 66.94 25.69
CA ASP A 266 -1.52 66.21 24.45
C ASP A 266 -2.65 65.20 24.58
N LEU A 267 -3.67 65.56 25.37
CA LEU A 267 -4.78 64.64 25.62
C LEU A 267 -5.59 64.31 24.37
N LYS A 268 -5.42 65.12 23.33
CA LYS A 268 -6.02 64.88 22.01
C LYS A 268 -5.80 63.44 21.50
N VAL A 269 -4.61 62.88 21.76
CA VAL A 269 -4.28 61.52 21.29
C VAL A 269 -5.24 60.47 21.83
N THR A 270 -5.96 60.80 22.90
CA THR A 270 -6.91 59.85 23.46
C THR A 270 -8.14 59.68 22.57
N GLN A 271 -8.27 60.53 21.55
CA GLN A 271 -9.42 60.40 20.65
C GLN A 271 -9.21 59.38 19.50
N TRP A 272 -7.98 58.90 19.30
CA TRP A 272 -7.71 57.95 18.22
C TRP A 272 -6.82 56.83 18.74
N ASP A 273 -6.87 55.68 18.09
CA ASP A 273 -5.94 54.61 18.37
C ASP A 273 -4.57 55.04 17.93
N TRP A 274 -3.54 54.61 18.63
CA TRP A 274 -2.17 54.98 18.26
C TRP A 274 -1.15 54.04 18.87
N GLU A 275 0.06 54.08 18.34
CA GLU A 275 1.10 53.14 18.75
C GLU A 275 2.46 53.85 18.78
N ALA A 276 3.15 53.73 19.89
CA ALA A 276 4.48 54.23 19.99
C ALA A 276 5.46 53.06 19.88
N CYS A 277 6.67 53.37 19.43
CA CYS A 277 7.78 52.42 19.46
C CYS A 277 9.00 53.09 20.05
N MET A 278 9.93 52.26 20.56
CA MET A 278 11.12 52.77 21.27
C MET A 278 12.32 51.84 21.15
N THR A 279 13.51 52.45 21.26
CA THR A 279 14.75 51.73 21.35
C THR A 279 15.18 51.63 22.80
N ILE A 280 16.03 50.66 23.09
CA ILE A 280 16.60 50.50 24.41
C ILE A 280 17.77 51.48 24.52
N PRO A 281 18.74 51.40 23.59
CA PRO A 281 19.66 52.49 23.50
C PRO A 281 18.94 53.72 22.99
N GLU A 282 19.71 54.77 22.74
CA GLU A 282 19.13 56.05 22.41
C GLU A 282 18.58 56.02 20.97
N ASN A 283 19.31 55.41 20.05
CA ASN A 283 18.85 55.31 18.64
C ASN A 283 19.59 54.18 17.87
N GLN A 284 19.26 52.94 18.24
CA GLN A 284 19.70 51.77 17.52
C GLN A 284 18.50 50.83 17.40
N TRP A 285 18.13 50.48 16.19
CA TRP A 285 17.07 49.52 15.98
C TRP A 285 17.68 48.19 15.57
N GLY A 286 18.49 48.21 14.53
CA GLY A 286 19.32 47.05 14.17
C GLY A 286 20.41 46.81 15.19
N TYR A 287 20.98 45.60 15.19
CA TYR A 287 22.09 45.21 16.07
C TYR A 287 23.28 46.11 15.87
N HIS A 288 23.76 46.68 16.96
CA HIS A 288 24.99 47.48 16.98
C HIS A 288 25.93 46.79 17.97
N LYS A 289 27.13 46.47 17.51
CA LYS A 289 28.10 45.75 18.34
C LYS A 289 28.53 46.46 19.62
N ASP A 290 28.46 47.80 19.65
CA ASP A 290 28.87 48.56 20.85
C ASP A 290 27.83 49.55 21.41
N TRP A 291 27.01 49.06 22.33
CA TRP A 291 26.00 49.86 23.03
C TRP A 291 26.55 50.87 24.08
N SER A 292 27.87 50.93 24.28
CA SER A 292 28.44 51.93 25.19
C SER A 292 28.51 53.32 24.57
N LEU A 293 28.18 53.47 23.29
CA LEU A 293 28.26 54.78 22.62
C LEU A 293 27.07 55.74 22.88
N SER A 294 26.01 55.26 23.52
CA SER A 294 24.88 56.12 23.90
C SER A 294 24.20 55.53 25.13
N TYR A 295 23.28 56.29 25.73
CA TYR A 295 22.62 55.85 26.96
C TYR A 295 21.72 54.67 26.66
N VAL A 296 21.78 53.65 27.51
CA VAL A 296 21.00 52.44 27.40
C VAL A 296 19.97 52.43 28.53
N LYS A 297 18.68 52.50 28.19
CA LYS A 297 17.62 52.62 29.19
C LYS A 297 17.59 51.41 30.13
N THR A 298 17.22 51.63 31.38
CA THR A 298 17.06 50.54 32.35
C THR A 298 15.65 49.97 32.21
N PRO A 299 15.39 48.79 32.80
CA PRO A 299 14.04 48.21 32.71
C PRO A 299 12.92 49.13 33.23
N ILE A 300 13.13 49.76 34.39
CA ILE A 300 12.14 50.69 34.94
C ILE A 300 11.84 51.82 33.98
N GLU A 301 12.88 52.35 33.33
CA GLU A 301 12.71 53.40 32.32
C GLU A 301 11.82 52.95 31.15
N VAL A 302 11.95 51.68 30.77
CA VAL A 302 11.12 51.12 29.71
C VAL A 302 9.71 50.91 30.21
N ILE A 303 9.57 50.39 31.43
CA ILE A 303 8.23 50.11 31.98
C ILE A 303 7.42 51.42 32.12
N ASP A 304 8.11 52.49 32.52
CA ASP A 304 7.53 53.83 32.60
C ASP A 304 6.95 54.23 31.26
N ARG A 305 7.72 54.03 30.19
CA ARG A 305 7.22 54.36 28.87
C ARG A 305 6.08 53.45 28.45
N ILE A 306 6.13 52.16 28.77
CA ILE A 306 4.99 51.28 28.43
C ILE A 306 3.67 51.79 29.06
N VAL A 307 3.71 52.07 30.35
CA VAL A 307 2.53 52.51 31.11
C VAL A 307 2.07 53.92 30.69
N HIS A 308 3.01 54.81 30.45
CA HIS A 308 2.73 56.14 29.89
C HIS A 308 1.84 56.02 28.64
N ALA A 309 2.23 55.13 27.72
CA ALA A 309 1.48 54.93 26.48
C ALA A 309 0.07 54.43 26.78
N VAL A 310 -0.04 53.40 27.61
CA VAL A 310 -1.34 52.81 27.88
C VAL A 310 -2.21 53.84 28.59
N SER A 311 -1.61 54.62 29.48
CA SER A 311 -2.35 55.63 30.24
C SER A 311 -2.95 56.72 29.34
N MET A 312 -2.43 56.88 28.13
CA MET A 312 -3.01 57.83 27.19
C MET A 312 -3.66 57.12 25.99
N GLY A 313 -4.03 55.86 26.21
CA GLY A 313 -4.83 55.11 25.27
C GLY A 313 -4.10 54.60 24.03
N GLY A 314 -2.80 54.34 24.17
CA GLY A 314 -2.00 53.83 23.07
C GLY A 314 -1.18 52.60 23.42
N ASN A 315 -0.60 51.98 22.39
CA ASN A 315 0.25 50.81 22.54
C ASN A 315 1.72 51.24 22.61
N MET A 316 2.56 50.35 23.12
CA MET A 316 4.01 50.56 23.08
C MET A 316 4.67 49.31 22.54
N VAL A 317 5.66 49.50 21.70
CA VAL A 317 6.41 48.40 21.13
C VAL A 317 7.89 48.59 21.46
N VAL A 318 8.46 47.62 22.18
CA VAL A 318 9.87 47.66 22.59
C VAL A 318 10.69 46.96 21.53
N ASN A 319 11.75 47.60 21.08
CA ASN A 319 12.57 47.05 19.99
C ASN A 319 13.68 46.10 20.44
N PHE A 320 13.92 45.07 19.63
CA PHE A 320 15.10 44.22 19.72
C PHE A 320 15.82 44.19 18.36
N GLY A 321 17.14 44.16 18.39
CA GLY A 321 17.94 44.08 17.18
C GLY A 321 18.79 42.82 17.23
N PRO A 322 18.25 41.70 16.74
CA PRO A 322 18.92 40.40 16.92
C PRO A 322 20.32 40.33 16.31
N GLN A 323 21.19 39.51 16.89
CA GLN A 323 22.54 39.30 16.35
C GLN A 323 22.49 38.64 14.98
N ALA A 324 23.56 38.82 14.22
CA ALA A 324 23.70 38.18 12.92
C ALA A 324 23.57 36.65 13.03
N ASP A 325 24.01 36.11 14.15
CA ASP A 325 23.99 34.66 14.34
C ASP A 325 22.63 34.10 14.77
N GLY A 326 21.68 34.98 15.09
CA GLY A 326 20.29 34.55 15.38
C GLY A 326 19.86 34.46 16.83
N ASP A 327 20.78 34.80 17.74
CA ASP A 327 20.48 34.81 19.17
C ASP A 327 20.29 36.28 19.55
N PHE A 328 19.79 36.53 20.76
CA PHE A 328 19.68 37.89 21.29
C PHE A 328 20.84 38.19 22.22
N ARG A 329 21.40 39.39 22.10
CA ARG A 329 22.47 39.82 22.97
C ARG A 329 22.01 39.78 24.43
N PRO A 330 22.95 39.63 25.38
CA PRO A 330 22.64 39.54 26.81
C PRO A 330 21.81 40.70 27.40
N GLU A 331 22.05 41.93 26.94
CA GLU A 331 21.33 43.07 27.47
C GLU A 331 19.83 42.94 27.16
N GLU A 332 19.51 42.45 25.96
CA GLU A 332 18.13 42.29 25.53
C GLU A 332 17.39 41.16 26.26
N LYS A 333 18.04 40.03 26.51
CA LYS A 333 17.41 38.94 27.27
C LYS A 333 17.13 39.41 28.70
N ALA A 334 18.09 40.14 29.27
CA ALA A 334 17.93 40.70 30.59
C ALA A 334 16.74 41.67 30.61
N MET A 335 16.71 42.59 29.66
CA MET A 335 15.55 43.51 29.54
C MET A 335 14.23 42.73 29.42
N ALA A 336 14.22 41.71 28.57
CA ALA A 336 13.02 40.89 28.35
C ALA A 336 12.55 40.23 29.63
N THR A 337 13.52 39.74 30.42
CA THR A 337 13.20 39.02 31.64
C THR A 337 12.66 40.00 32.69
N ALA A 338 13.34 41.12 32.89
CA ALA A 338 12.91 42.14 33.85
C ALA A 338 11.48 42.65 33.53
N ILE A 339 11.20 42.88 32.25
CA ILE A 339 9.84 43.30 31.84
C ILE A 339 8.79 42.22 32.14
N GLY A 340 9.08 40.99 31.77
CA GLY A 340 8.22 39.84 32.04
C GLY A 340 7.84 39.66 33.49
N LYS A 341 8.81 39.83 34.39
CA LYS A 341 8.54 39.71 35.82
C LYS A 341 7.57 40.80 36.27
N TRP A 342 7.79 42.03 35.85
CA TRP A 342 6.91 43.14 36.25
C TRP A 342 5.50 42.92 35.70
N MET A 343 5.41 42.57 34.42
CA MET A 343 4.12 42.37 33.77
C MET A 343 3.34 41.18 34.32
N ASN A 344 4.05 40.17 34.78
CA ASN A 344 3.43 39.03 35.41
C ASN A 344 2.73 39.45 36.69
N ARG A 345 3.35 40.36 37.44
CA ARG A 345 2.76 40.85 38.68
C ARG A 345 1.72 41.97 38.45
N TYR A 346 2.02 42.88 37.53
CA TYR A 346 1.24 44.10 37.40
C TYR A 346 0.44 44.25 36.08
N GLY A 347 0.45 43.21 35.26
CA GLY A 347 -0.10 43.30 33.91
C GLY A 347 -1.58 43.58 33.80
N LYS A 348 -2.31 43.30 34.86
CA LYS A 348 -3.74 43.62 34.88
C LYS A 348 -3.97 45.12 34.69
N ALA A 349 -2.94 45.92 34.98
CA ALA A 349 -3.02 47.39 34.82
C ALA A 349 -2.64 47.85 33.41
N VAL A 350 -2.28 46.90 32.54
CA VAL A 350 -1.75 47.23 31.22
C VAL A 350 -2.58 46.59 30.13
N TYR A 351 -2.64 45.26 30.09
CA TYR A 351 -3.45 44.56 29.05
C TYR A 351 -4.90 44.99 29.10
N ALA A 352 -5.46 45.23 27.92
CA ALA A 352 -6.87 45.60 27.76
C ALA A 352 -7.26 46.87 28.52
N CYS A 353 -6.26 47.70 28.84
CA CYS A 353 -6.50 48.95 29.55
C CYS A 353 -6.41 50.20 28.64
N ASP A 354 -6.78 51.35 29.19
CA ASP A 354 -6.98 52.58 28.40
C ASP A 354 -6.85 53.82 29.26
N TYR A 355 -6.95 54.97 28.62
CA TYR A 355 -7.08 56.28 29.27
C TYR A 355 -8.18 56.27 30.34
N ALA A 356 -7.90 56.81 31.52
CA ALA A 356 -8.89 56.83 32.62
C ALA A 356 -9.74 58.13 32.71
N GLY A 357 -9.28 59.21 32.08
CA GLY A 357 -10.02 60.46 32.14
C GLY A 357 -9.75 61.26 33.40
N PHE A 358 -8.70 60.86 34.14
CA PHE A 358 -8.32 61.53 35.39
C PHE A 358 -7.15 62.44 35.09
N GLU A 359 -7.11 63.56 35.78
CA GLU A 359 -6.00 64.49 35.71
C GLU A 359 -4.70 63.82 36.18
N LYS A 360 -3.65 63.95 35.37
CA LYS A 360 -2.35 63.37 35.67
C LYS A 360 -1.74 63.91 36.98
N GLN A 361 -1.09 63.03 37.73
CA GLN A 361 -0.43 63.41 38.97
C GLN A 361 1.02 62.92 38.98
N ASP A 362 1.84 63.58 39.78
CA ASP A 362 3.28 63.37 39.79
C ASP A 362 3.75 61.97 40.19
N TRP A 363 2.99 61.26 41.04
CA TRP A 363 3.41 59.92 41.47
C TRP A 363 3.44 58.92 40.34
N GLY A 364 2.73 59.19 39.24
CA GLY A 364 2.61 58.23 38.16
C GLY A 364 1.47 58.34 37.18
N TYR A 365 0.92 57.18 36.84
CA TYR A 365 -0.08 57.06 35.79
C TYR A 365 -1.34 56.32 36.28
N TYR A 366 -2.47 56.73 35.72
CA TYR A 366 -3.71 56.02 35.86
C TYR A 366 -3.97 55.24 34.56
N THR A 367 -4.49 54.02 34.67
CA THR A 367 -5.06 53.32 33.54
C THR A 367 -6.48 52.89 33.93
N ARG A 368 -7.37 52.75 32.94
CA ARG A 368 -8.75 52.28 33.17
C ARG A 368 -8.92 50.89 32.58
N GLY A 369 -9.46 49.97 33.38
CA GLY A 369 -9.71 48.59 32.96
C GLY A 369 -11.05 48.43 32.28
N LYS A 370 -11.32 47.22 31.81
CA LYS A 370 -12.53 46.94 31.01
C LYS A 370 -13.84 47.10 31.78
N ASN A 371 -13.79 46.82 33.09
CA ASN A 371 -14.96 46.95 33.97
C ASN A 371 -14.87 48.15 34.93
N ASP A 372 -14.35 49.26 34.42
CA ASP A 372 -14.24 50.53 35.14
C ASP A 372 -13.31 50.53 36.37
N GLU A 373 -12.44 49.52 36.48
CA GLU A 373 -11.40 49.58 37.47
C GLU A 373 -10.51 50.72 37.08
N VAL A 374 -10.05 51.50 38.05
CA VAL A 374 -9.04 52.52 37.78
C VAL A 374 -7.79 52.15 38.51
N TYR A 375 -6.67 52.11 37.80
CA TYR A 375 -5.42 51.64 38.35
C TYR A 375 -4.47 52.82 38.52
N MET A 376 -3.86 52.92 39.70
CA MET A 376 -2.81 53.88 39.89
C MET A 376 -1.52 53.10 39.76
N VAL A 377 -0.66 53.51 38.83
CA VAL A 377 0.68 52.92 38.68
C VAL A 377 1.73 53.93 39.15
N VAL A 378 2.36 53.62 40.29
CA VAL A 378 3.19 54.57 41.01
C VAL A 378 4.64 54.37 40.67
N PHE A 379 5.25 55.41 40.11
CA PHE A 379 6.65 55.32 39.73
C PHE A 379 7.53 56.21 40.61
N ASN A 380 6.94 57.25 41.17
CA ASN A 380 7.69 58.21 41.98
C ASN A 380 7.05 58.26 43.38
N GLN A 381 7.75 57.74 44.39
CA GLN A 381 7.16 57.56 45.70
C GLN A 381 7.22 58.87 46.49
N PRO A 382 6.06 59.44 46.86
CA PRO A 382 6.04 60.69 47.61
C PRO A 382 6.46 60.53 49.08
N TYR A 383 7.41 61.35 49.51
CA TYR A 383 7.80 61.35 50.91
C TYR A 383 6.61 61.68 51.82
N SER A 384 5.66 62.45 51.32
CA SER A 384 4.42 62.72 52.03
C SER A 384 3.62 61.48 52.44
N GLU A 385 3.90 60.37 51.76
CA GLU A 385 3.21 59.10 52.01
C GLU A 385 1.73 59.17 51.64
N ARG A 386 1.37 60.19 50.87
CA ARG A 386 0.03 60.38 50.35
C ARG A 386 0.08 60.55 48.84
N LEU A 387 -0.77 59.83 48.14
CA LEU A 387 -0.86 59.90 46.69
C LEU A 387 -2.12 60.68 46.32
N ILE A 388 -1.96 61.84 45.70
CA ILE A 388 -3.10 62.74 45.44
C ILE A 388 -3.95 62.21 44.30
N VAL A 389 -5.25 62.10 44.54
CA VAL A 389 -6.20 61.72 43.50
C VAL A 389 -7.29 62.79 43.35
N LYS A 390 -7.24 63.53 42.23
CA LYS A 390 -8.30 64.46 41.86
C LYS A 390 -9.19 63.73 40.88
N THR A 391 -10.45 63.58 41.25
CA THR A 391 -11.44 62.89 40.45
C THR A 391 -12.14 63.86 39.50
N PRO A 392 -12.63 63.34 38.35
CA PRO A 392 -13.53 64.12 37.48
C PRO A 392 -14.93 64.30 38.11
N LYS A 393 -15.65 65.31 37.61
CA LYS A 393 -16.94 65.69 38.19
C LYS A 393 -17.84 64.46 38.30
N GLY A 394 -18.43 64.29 39.48
CA GLY A 394 -19.42 63.26 39.74
C GLY A 394 -18.84 61.88 39.95
N ILE A 395 -17.53 61.79 40.20
CA ILE A 395 -16.90 60.49 40.42
C ILE A 395 -16.32 60.50 41.82
N THR A 396 -16.58 59.42 42.57
CA THR A 396 -16.02 59.27 43.91
C THR A 396 -15.17 58.03 43.98
N VAL A 397 -14.22 58.03 44.91
CA VAL A 397 -13.41 56.84 45.18
C VAL A 397 -13.97 56.10 46.38
N GLU A 398 -14.40 54.86 46.17
CA GLU A 398 -15.00 54.05 47.24
C GLU A 398 -14.01 53.12 47.95
N LYS A 399 -12.96 52.70 47.27
CA LYS A 399 -12.02 51.77 47.90
C LYS A 399 -10.68 51.77 47.18
N ALA A 400 -9.63 51.45 47.93
CA ALA A 400 -8.31 51.28 47.36
C ALA A 400 -7.70 49.96 47.85
N THR A 401 -7.16 49.18 46.92
CA THR A 401 -6.61 47.87 47.21
C THR A 401 -5.26 47.76 46.55
N LEU A 402 -4.26 47.22 47.25
CA LEU A 402 -2.97 46.95 46.65
C LEU A 402 -3.12 45.72 45.74
N LEU A 403 -2.73 45.86 44.47
CA LEU A 403 -3.07 44.84 43.49
C LEU A 403 -2.48 43.50 43.90
N THR A 404 -1.21 43.48 44.27
CA THR A 404 -0.51 42.22 44.50
C THR A 404 -0.96 41.42 45.73
N THR A 405 -1.27 42.09 46.84
CA THR A 405 -1.64 41.42 48.09
C THR A 405 -3.14 41.46 48.42
N GLY A 406 -3.91 42.26 47.70
CA GLY A 406 -5.36 42.45 47.99
C GLY A 406 -5.67 43.25 49.26
N GLU A 407 -4.66 43.90 49.84
CA GLU A 407 -4.83 44.58 51.13
C GLU A 407 -5.51 45.94 50.95
N ASP A 408 -6.45 46.25 51.83
CA ASP A 408 -7.15 47.53 51.85
C ASP A 408 -6.16 48.65 52.06
N ILE A 409 -6.29 49.72 51.29
CA ILE A 409 -5.48 50.94 51.44
C ILE A 409 -6.38 52.13 51.80
N THR A 410 -5.92 52.91 52.78
CA THR A 410 -6.67 54.05 53.32
C THR A 410 -6.86 55.16 52.29
N VAL A 411 -8.11 55.59 52.16
CA VAL A 411 -8.50 56.64 51.26
C VAL A 411 -9.14 57.76 52.08
N VAL A 412 -8.54 58.94 52.06
CA VAL A 412 -9.07 60.08 52.81
C VAL A 412 -9.51 61.18 51.87
N GLU A 413 -10.74 61.64 52.05
CA GLU A 413 -11.26 62.77 51.29
C GLU A 413 -10.62 64.07 51.82
N THR A 414 -9.95 64.84 50.96
CA THR A 414 -9.22 66.04 51.39
C THR A 414 -9.92 67.32 50.98
N THR A 415 -10.47 67.34 49.78
CA THR A 415 -11.41 68.37 49.44
C THR A 415 -12.39 67.89 48.37
N ARG A 416 -13.13 68.84 47.82
CA ARG A 416 -14.13 68.57 46.79
C ARG A 416 -13.45 67.82 45.64
N ASN A 417 -13.93 66.61 45.38
CA ASN A 417 -13.38 65.78 44.30
C ASN A 417 -11.87 65.50 44.45
N GLU A 418 -11.38 65.41 45.69
CA GLU A 418 -9.96 65.16 45.93
C GLU A 418 -9.71 64.26 47.16
N TYR A 419 -8.75 63.35 47.01
CA TYR A 419 -8.46 62.33 47.98
C TYR A 419 -6.97 62.16 48.13
N ASN A 420 -6.53 61.79 49.34
CA ASN A 420 -5.20 61.20 49.53
C ASN A 420 -5.36 59.67 49.62
N VAL A 421 -4.75 58.94 48.70
CA VAL A 421 -4.59 57.49 48.83
C VAL A 421 -3.26 57.25 49.54
N SER A 422 -3.29 56.54 50.66
CA SER A 422 -2.05 56.27 51.39
C SER A 422 -1.15 55.34 50.60
N VAL A 423 0.15 55.56 50.68
CA VAL A 423 1.08 54.58 50.15
C VAL A 423 0.95 53.33 51.01
N PRO A 424 1.33 52.17 50.48
CA PRO A 424 1.20 50.96 51.31
C PRO A 424 2.14 50.96 52.52
N LYS A 425 1.73 50.23 53.55
CA LYS A 425 2.46 50.15 54.83
C LYS A 425 3.92 49.76 54.60
N LYS A 426 4.12 48.83 53.69
CA LYS A 426 5.45 48.38 53.30
C LYS A 426 5.78 48.88 51.88
N ASN A 427 6.85 49.66 51.74
CA ASN A 427 7.30 50.15 50.44
C ASN A 427 7.56 49.02 49.47
N PRO A 428 6.73 48.87 48.43
CA PRO A 428 6.88 47.72 47.52
C PRO A 428 8.26 47.53 46.87
N GLY A 429 9.08 48.57 46.87
CA GLY A 429 10.45 48.49 46.38
C GLY A 429 10.61 48.52 44.87
N GLU A 430 9.54 48.88 44.16
CA GLU A 430 9.47 48.81 42.69
C GLU A 430 8.20 49.54 42.26
N PRO A 431 8.11 49.92 40.98
CA PRO A 431 6.84 50.54 40.58
C PRO A 431 5.70 49.61 40.89
N TYR A 432 4.58 50.14 41.39
CA TYR A 432 3.52 49.29 41.93
C TYR A 432 2.11 49.78 41.61
N VAL A 433 1.11 48.90 41.74
CA VAL A 433 -0.27 49.25 41.40
C VAL A 433 -1.25 49.23 42.60
N ILE A 434 -2.06 50.28 42.71
CA ILE A 434 -3.20 50.30 43.61
C ILE A 434 -4.42 50.35 42.73
N GLN A 435 -5.38 49.45 42.98
CA GLN A 435 -6.66 49.42 42.26
C GLN A 435 -7.70 50.15 43.06
N LEU A 436 -8.39 51.06 42.38
CA LEU A 436 -9.43 51.85 42.97
C LEU A 436 -10.75 51.34 42.47
N LYS A 437 -11.74 51.35 43.34
CA LYS A 437 -13.12 51.10 42.99
C LYS A 437 -13.73 52.50 42.98
N VAL A 438 -14.26 52.91 41.85
CA VAL A 438 -14.86 54.22 41.70
C VAL A 438 -16.35 54.07 41.42
N ARG A 439 -17.11 55.16 41.63
CA ARG A 439 -18.55 55.20 41.32
C ARG A 439 -18.91 56.55 40.73
N ALA A 440 -19.95 56.56 39.89
CA ALA A 440 -20.43 57.77 39.22
C ALA A 440 -21.52 58.48 40.04
N GLU B 4 -11.91 30.50 -46.68
CA GLU B 4 -12.26 30.36 -45.23
C GLU B 4 -13.45 31.25 -44.90
N ILE B 5 -14.23 30.86 -43.89
CA ILE B 5 -15.23 31.75 -43.28
C ILE B 5 -14.45 32.78 -42.44
N PRO B 6 -14.75 34.09 -42.63
CA PRO B 6 -14.03 35.09 -41.82
C PRO B 6 -14.67 35.18 -40.42
N LEU B 7 -13.87 35.55 -39.43
CA LEU B 7 -14.27 35.43 -38.03
C LEU B 7 -13.48 36.45 -37.23
N LYS B 8 -14.15 37.11 -36.31
CA LYS B 8 -13.47 37.99 -35.37
C LYS B 8 -12.96 37.21 -34.14
N TYR B 9 -13.64 36.11 -33.82
CA TYR B 9 -13.34 35.32 -32.60
C TYR B 9 -12.89 33.88 -32.86
N GLY B 10 -12.34 33.61 -34.04
CA GLY B 10 -11.78 32.31 -34.37
C GLY B 10 -10.35 32.13 -33.86
N ALA B 11 -9.63 31.18 -34.46
CA ALA B 11 -8.32 30.77 -33.95
C ALA B 11 -7.34 31.90 -33.79
N THR B 12 -6.56 31.76 -32.73
CA THR B 12 -5.74 32.79 -32.21
C THR B 12 -4.48 32.79 -33.10
N ASN B 13 -3.42 32.09 -32.68
CA ASN B 13 -2.17 32.05 -33.44
C ASN B 13 -2.21 30.95 -34.54
N GLU B 14 -1.04 30.71 -35.14
CA GLU B 14 -0.93 29.78 -36.26
C GLU B 14 -0.78 28.32 -35.80
N GLY B 15 0.37 27.99 -35.22
CA GLY B 15 0.68 26.61 -34.82
C GLY B 15 1.16 26.52 -33.37
N LYS B 16 2.23 25.76 -33.12
CA LYS B 16 2.68 25.52 -31.75
C LYS B 16 3.44 26.73 -31.25
N ARG B 17 3.15 27.14 -30.02
CA ARG B 17 3.97 28.15 -29.35
C ARG B 17 5.34 27.54 -29.08
N GLN B 18 6.39 28.33 -29.26
CA GLN B 18 7.74 27.87 -28.93
C GLN B 18 8.47 28.87 -28.08
N ASP B 19 7.70 29.62 -27.28
CA ASP B 19 8.24 30.40 -26.18
C ASP B 19 8.65 29.49 -25.03
N PRO B 20 9.59 29.92 -24.17
CA PRO B 20 10.04 29.02 -23.10
C PRO B 20 8.96 28.49 -22.13
N ALA B 21 7.87 29.24 -21.94
CA ALA B 21 6.80 28.79 -21.03
C ALA B 21 6.01 27.59 -21.60
N MET B 22 5.69 27.62 -22.89
CA MET B 22 5.02 26.46 -23.50
C MET B 22 5.93 25.24 -23.59
N GLN B 23 7.24 25.46 -23.77
CA GLN B 23 8.19 24.37 -23.81
C GLN B 23 8.27 23.68 -22.46
N LYS B 24 8.15 24.45 -21.37
CA LYS B 24 8.13 23.86 -20.03
C LYS B 24 6.80 23.10 -19.80
N PHE B 25 5.68 23.69 -20.22
CA PHE B 25 4.36 23.05 -20.18
C PHE B 25 4.37 21.72 -20.93
N ARG B 26 4.98 21.74 -22.11
CA ARG B 26 5.19 20.53 -22.90
C ARG B 26 6.13 19.54 -22.23
N ASP B 27 7.33 19.98 -21.84
CA ASP B 27 8.38 19.04 -21.38
C ASP B 27 8.06 18.39 -20.03
N ASN B 28 7.21 19.03 -19.24
CA ASN B 28 6.65 18.48 -18.02
C ASN B 28 6.00 17.10 -18.28
N ARG B 29 5.23 17.01 -19.35
CA ARG B 29 4.51 15.79 -19.78
C ARG B 29 3.54 15.16 -18.78
N LEU B 30 3.98 14.90 -17.57
CA LEU B 30 3.15 14.20 -16.62
C LEU B 30 2.73 15.11 -15.50
N GLY B 31 1.41 15.27 -15.39
CA GLY B 31 0.83 15.98 -14.28
C GLY B 31 -0.21 15.15 -13.53
N ALA B 32 -0.65 15.67 -12.38
CA ALA B 32 -1.77 15.11 -11.60
C ALA B 32 -2.95 16.07 -11.65
N PHE B 33 -4.16 15.53 -11.53
CA PHE B 33 -5.38 16.36 -11.39
C PHE B 33 -5.85 16.23 -9.92
N ILE B 34 -6.28 17.34 -9.33
CA ILE B 34 -6.94 17.34 -8.01
C ILE B 34 -8.35 17.88 -8.18
N HIS B 35 -9.35 17.01 -8.01
CA HIS B 35 -10.76 17.39 -7.94
C HIS B 35 -11.15 17.33 -6.46
N TRP B 36 -11.16 18.49 -5.81
CA TRP B 36 -11.59 18.55 -4.41
C TRP B 36 -12.59 19.68 -4.24
N GLY B 37 -13.72 19.32 -3.67
CA GLY B 37 -14.85 20.25 -3.46
C GLY B 37 -15.84 19.62 -2.46
N LEU B 38 -17.00 20.24 -2.32
CA LEU B 38 -17.96 19.85 -1.28
C LEU B 38 -18.46 18.44 -1.55
N TYR B 39 -18.47 18.06 -2.83
CA TYR B 39 -18.86 16.71 -3.25
C TYR B 39 -18.09 15.59 -2.51
N ALA B 40 -16.90 15.89 -2.01
CA ALA B 40 -16.10 14.94 -1.25
C ALA B 40 -16.73 14.52 0.08
N ILE B 41 -17.58 15.37 0.66
CA ILE B 41 -18.26 15.06 1.92
C ILE B 41 -19.25 13.91 1.79
N PRO B 42 -20.32 14.05 0.98
CA PRO B 42 -21.24 12.92 0.77
C PRO B 42 -20.61 11.75 -0.01
N GLY B 43 -19.60 12.04 -0.82
CA GLY B 43 -18.80 10.97 -1.44
C GLY B 43 -19.62 10.07 -2.36
N GLY B 44 -20.58 10.67 -3.06
CA GLY B 44 -21.38 9.94 -4.02
C GLY B 44 -22.62 9.30 -3.42
N GLU B 45 -22.96 9.72 -2.20
CA GLU B 45 -24.11 9.20 -1.48
C GLU B 45 -24.93 10.34 -0.90
N TRP B 46 -26.24 10.36 -1.22
CA TRP B 46 -27.15 11.38 -0.70
C TRP B 46 -28.34 10.77 0.04
N ASN B 47 -28.35 10.96 1.36
CA ASN B 47 -29.46 10.49 2.19
C ASN B 47 -29.62 8.99 2.17
N GLY B 48 -28.53 8.27 2.37
CA GLY B 48 -28.57 6.80 2.30
C GLY B 48 -28.79 6.17 0.93
N LYS B 49 -28.71 6.94 -0.15
CA LYS B 49 -28.71 6.31 -1.49
C LYS B 49 -27.38 6.57 -2.18
N VAL B 50 -26.65 5.48 -2.49
CA VAL B 50 -25.36 5.58 -3.16
C VAL B 50 -25.69 5.69 -4.64
N TYR B 51 -25.18 6.75 -5.28
CA TYR B 51 -25.33 6.92 -6.73
C TYR B 51 -24.03 6.49 -7.41
N GLY B 52 -24.18 5.81 -8.55
CA GLY B 52 -23.05 5.26 -9.30
C GLY B 52 -22.43 6.26 -10.24
N GLY B 53 -23.18 7.28 -10.63
CA GLY B 53 -22.64 8.39 -11.43
C GLY B 53 -21.48 9.11 -10.75
N ALA B 54 -20.75 9.91 -11.52
CA ALA B 54 -19.59 10.64 -11.00
C ALA B 54 -19.96 11.45 -9.77
N ALA B 55 -19.15 11.30 -8.72
CA ALA B 55 -19.50 11.88 -7.41
C ALA B 55 -19.55 13.42 -7.43
N GLU B 56 -18.71 14.05 -8.23
CA GLU B 56 -18.76 15.51 -8.34
C GLU B 56 -20.06 16.05 -8.98
N TRP B 57 -20.79 15.17 -9.67
CA TRP B 57 -22.13 15.48 -10.22
C TRP B 57 -23.32 15.02 -9.33
N LEU B 58 -23.09 14.78 -8.04
CA LEU B 58 -24.17 14.27 -7.16
C LEU B 58 -25.31 15.29 -7.00
N LYS B 59 -25.00 16.58 -6.86
CA LYS B 59 -26.07 17.57 -6.81
C LYS B 59 -27.13 17.28 -7.89
N SER B 60 -26.66 17.00 -9.10
CA SER B 60 -27.52 16.64 -10.23
C SER B 60 -28.17 15.25 -10.07
N TRP B 61 -27.41 14.23 -9.67
CA TRP B 61 -28.00 12.88 -9.59
C TRP B 61 -29.12 12.86 -8.56
N ALA B 62 -28.80 13.34 -7.36
CA ALA B 62 -29.73 13.37 -6.22
C ALA B 62 -30.70 14.54 -6.23
N LYS B 63 -30.57 15.45 -7.21
CA LYS B 63 -31.42 16.65 -7.40
C LYS B 63 -31.53 17.55 -6.17
N VAL B 64 -30.37 17.92 -5.64
CA VAL B 64 -30.27 18.75 -4.47
C VAL B 64 -30.31 20.20 -4.93
N PRO B 65 -31.17 21.03 -4.31
CA PRO B 65 -31.12 22.43 -4.72
C PRO B 65 -29.83 23.09 -4.22
N ALA B 66 -29.38 24.12 -4.94
CA ALA B 66 -28.17 24.87 -4.61
C ALA B 66 -28.05 25.22 -3.15
N ASP B 67 -29.14 25.74 -2.58
CA ASP B 67 -29.16 26.18 -1.19
C ASP B 67 -28.79 25.07 -0.24
N GLU B 68 -29.33 23.89 -0.49
CA GLU B 68 -29.06 22.76 0.35
C GLU B 68 -27.64 22.24 0.09
N TRP B 69 -27.30 22.02 -1.18
CA TRP B 69 -25.99 21.49 -1.53
C TRP B 69 -24.88 22.29 -0.83
N LEU B 70 -24.95 23.61 -0.95
CA LEU B 70 -23.90 24.48 -0.42
C LEU B 70 -23.79 24.48 1.12
N LYS B 71 -24.85 24.08 1.83
CA LYS B 71 -24.75 23.90 3.30
C LYS B 71 -23.67 22.91 3.68
N LEU B 72 -23.28 22.02 2.77
CA LEU B 72 -22.15 21.12 3.00
C LEU B 72 -20.90 21.85 3.51
N MET B 73 -20.71 23.08 3.06
CA MET B 73 -19.70 24.00 3.60
C MET B 73 -19.55 23.93 5.11
N ASP B 74 -20.67 23.76 5.81
CA ASP B 74 -20.64 23.78 7.27
C ASP B 74 -19.91 22.58 7.81
N GLN B 75 -19.69 21.57 6.96
CA GLN B 75 -19.00 20.34 7.35
C GLN B 75 -17.58 20.29 6.82
N TRP B 76 -17.13 21.38 6.18
CA TRP B 76 -15.85 21.38 5.50
C TRP B 76 -14.78 21.65 6.55
N ASN B 77 -14.05 20.59 6.88
CA ASN B 77 -13.05 20.63 7.92
C ASN B 77 -12.05 19.50 7.71
N PRO B 78 -11.21 19.61 6.67
CA PRO B 78 -10.24 18.59 6.28
C PRO B 78 -9.07 18.60 7.22
N THR B 79 -9.27 17.91 8.34
CA THR B 79 -8.36 18.00 9.47
C THR B 79 -7.00 17.37 9.19
N LYS B 80 -6.94 16.43 8.25
CA LYS B 80 -5.67 15.76 7.91
C LYS B 80 -4.95 16.42 6.75
N PHE B 81 -5.55 17.46 6.16
CA PHE B 81 -4.92 18.18 5.08
C PHE B 81 -3.59 18.69 5.55
N ASP B 82 -2.57 18.51 4.72
CA ASP B 82 -1.26 19.06 4.96
C ASP B 82 -0.66 19.23 3.54
N ALA B 83 -0.55 20.47 3.09
CA ALA B 83 -0.14 20.75 1.72
C ALA B 83 1.29 20.27 1.42
N LYS B 84 2.17 20.36 2.42
CA LYS B 84 3.56 19.90 2.23
C LYS B 84 3.59 18.43 1.86
N LYS B 85 2.67 17.69 2.45
CA LYS B 85 2.61 16.27 2.25
C LYS B 85 2.02 15.98 0.88
N TRP B 86 0.96 16.71 0.50
CA TRP B 86 0.40 16.61 -0.85
C TRP B 86 1.49 16.82 -1.90
N ALA B 87 2.37 17.77 -1.66
CA ALA B 87 3.45 18.11 -2.59
C ALA B 87 4.54 17.06 -2.60
N LYS B 88 4.88 16.52 -1.42
CA LYS B 88 5.86 15.43 -1.34
C LYS B 88 5.31 14.24 -2.12
N MET B 89 4.03 13.91 -1.89
CA MET B 89 3.40 12.82 -2.62
C MET B 89 3.51 12.99 -4.15
N ALA B 90 3.21 14.19 -4.64
CA ALA B 90 3.35 14.50 -6.07
C ALA B 90 4.79 14.39 -6.53
N LYS B 91 5.73 14.97 -5.80
CA LYS B 91 7.14 14.84 -6.18
C LYS B 91 7.51 13.38 -6.33
N GLU B 92 7.04 12.56 -5.40
CA GLU B 92 7.39 11.15 -5.38
C GLU B 92 6.79 10.37 -6.55
N MET B 93 5.60 10.78 -6.99
CA MET B 93 4.96 10.19 -8.14
C MET B 93 5.72 10.53 -9.43
N GLY B 94 6.56 11.56 -9.37
CA GLY B 94 7.26 12.07 -10.53
C GLY B 94 6.39 12.98 -11.38
N THR B 95 5.36 13.57 -10.78
CA THR B 95 4.47 14.47 -11.50
C THR B 95 5.11 15.84 -11.53
N LYS B 96 5.14 16.47 -12.69
CA LYS B 96 5.87 17.71 -12.85
C LYS B 96 4.95 18.94 -12.75
N TYR B 97 3.65 18.69 -12.62
CA TYR B 97 2.64 19.74 -12.50
C TYR B 97 1.32 19.20 -11.99
N VAL B 98 0.58 20.04 -11.30
CA VAL B 98 -0.72 19.65 -10.74
C VAL B 98 -1.77 20.64 -11.17
N LYS B 99 -2.91 20.14 -11.69
CA LYS B 99 -4.03 20.97 -12.08
C LYS B 99 -5.11 20.84 -11.02
N ILE B 100 -5.53 21.97 -10.43
CA ILE B 100 -6.43 21.98 -9.28
C ILE B 100 -7.76 22.65 -9.62
N THR B 101 -8.84 21.98 -9.23
CA THR B 101 -10.18 22.53 -9.27
C THR B 101 -10.26 23.71 -8.30
N THR B 102 -10.12 24.93 -8.84
CA THR B 102 -10.32 26.13 -8.05
C THR B 102 -11.81 26.31 -7.70
N LYS B 103 -12.66 25.90 -8.65
CA LYS B 103 -14.11 25.97 -8.53
C LYS B 103 -14.66 24.92 -9.50
N HIS B 104 -15.37 23.94 -8.98
CA HIS B 104 -15.98 22.95 -9.87
C HIS B 104 -17.44 23.38 -10.16
N HIS B 105 -18.26 22.57 -10.81
CA HIS B 105 -19.60 23.03 -11.24
C HIS B 105 -20.43 23.53 -10.05
N GLU B 106 -20.30 22.89 -8.92
CA GLU B 106 -21.02 23.29 -7.72
C GLU B 106 -20.80 24.77 -7.33
N GLY B 107 -19.68 25.39 -7.71
CA GLY B 107 -19.47 26.83 -7.44
C GLY B 107 -18.65 27.17 -6.18
N PHE B 108 -18.42 26.17 -5.35
CA PHE B 108 -17.60 26.32 -4.14
C PHE B 108 -16.12 26.55 -4.48
N CYS B 109 -15.56 27.65 -3.96
CA CYS B 109 -14.21 28.07 -4.28
C CYS B 109 -13.21 27.58 -3.25
N LEU B 110 -12.07 27.03 -3.71
CA LEU B 110 -11.00 26.58 -2.80
C LEU B 110 -10.03 27.72 -2.40
N TRP B 111 -10.31 28.94 -2.86
CA TRP B 111 -9.63 30.14 -2.41
C TRP B 111 -10.69 31.11 -1.89
N PRO B 112 -10.32 32.03 -0.97
CA PRO B 112 -11.33 32.90 -0.34
C PRO B 112 -11.76 34.06 -1.23
N SER B 113 -12.55 33.77 -2.26
CA SER B 113 -12.98 34.79 -3.21
C SER B 113 -13.87 35.82 -2.52
N LYS B 114 -13.64 37.08 -2.85
CA LYS B 114 -14.45 38.18 -2.36
C LYS B 114 -15.69 38.44 -3.22
N TYR B 115 -15.94 37.61 -4.22
CA TYR B 115 -17.08 37.83 -5.12
C TYR B 115 -18.26 36.89 -4.86
N THR B 116 -18.13 35.96 -3.93
CA THR B 116 -19.25 35.09 -3.52
C THR B 116 -19.02 34.68 -2.09
N LYS B 117 -20.07 34.25 -1.39
CA LYS B 117 -19.88 33.73 0.00
C LYS B 117 -19.44 32.26 0.05
N TYR B 118 -19.67 31.53 -1.05
CA TYR B 118 -19.44 30.09 -1.11
C TYR B 118 -17.99 29.73 -1.35
N THR B 119 -17.17 29.87 -0.31
CA THR B 119 -15.74 29.65 -0.39
C THR B 119 -15.19 29.02 0.88
N VAL B 120 -13.91 28.66 0.83
CA VAL B 120 -13.23 28.05 1.96
C VAL B 120 -13.18 28.95 3.23
N ALA B 121 -13.31 30.26 3.06
CA ALA B 121 -13.38 31.21 4.19
C ALA B 121 -14.59 30.93 5.09
N ASN B 122 -15.74 30.68 4.49
CA ASN B 122 -16.98 30.52 5.27
C ASN B 122 -17.22 29.05 5.60
N THR B 123 -16.19 28.42 6.17
CA THR B 123 -16.21 27.03 6.58
C THR B 123 -15.49 26.89 7.91
N PRO B 124 -15.77 25.83 8.66
CA PRO B 124 -15.04 25.69 9.91
C PRO B 124 -13.51 25.75 9.72
N TYR B 125 -13.00 25.21 8.62
CA TYR B 125 -11.55 25.16 8.39
C TYR B 125 -10.97 26.53 8.02
N LYS B 126 -11.77 27.38 7.38
CA LYS B 126 -11.42 28.78 7.11
C LYS B 126 -10.30 29.01 6.11
N ARG B 127 -9.33 28.12 6.07
CA ARG B 127 -8.09 28.44 5.40
C ARG B 127 -8.12 28.44 3.86
N ASP B 128 -7.19 29.18 3.26
CA ASP B 128 -7.04 29.24 1.81
C ASP B 128 -6.35 27.96 1.32
N ILE B 129 -7.14 26.93 1.05
CA ILE B 129 -6.59 25.68 0.51
C ILE B 129 -5.76 25.87 -0.77
N LEU B 130 -6.31 26.62 -1.72
CA LEU B 130 -5.62 26.82 -2.99
C LEU B 130 -4.24 27.44 -2.79
N GLY B 131 -4.18 28.51 -1.99
CA GLY B 131 -2.92 29.21 -1.69
C GLY B 131 -1.86 28.32 -1.04
N GLU B 132 -2.30 27.49 -0.12
CA GLU B 132 -1.36 26.57 0.55
C GLU B 132 -0.82 25.52 -0.42
N LEU B 133 -1.70 25.04 -1.29
CA LEU B 133 -1.27 24.11 -2.34
C LEU B 133 -0.32 24.76 -3.31
N VAL B 134 -0.65 25.97 -3.79
CA VAL B 134 0.25 26.69 -4.69
C VAL B 134 1.64 26.86 -4.08
N LYS B 135 1.69 27.31 -2.83
CA LYS B 135 2.98 27.48 -2.16
C LYS B 135 3.72 26.13 -2.08
N ALA B 136 3.06 25.12 -1.51
CA ALA B 136 3.67 23.78 -1.32
C ALA B 136 4.13 23.11 -2.64
N TYR B 137 3.28 23.08 -3.65
CA TYR B 137 3.75 22.49 -4.92
C TYR B 137 4.93 23.25 -5.52
N ASN B 138 4.86 24.58 -5.52
CA ASN B 138 5.95 25.39 -6.05
C ASN B 138 7.28 25.19 -5.29
N ASP B 139 7.19 25.04 -3.97
CA ASP B 139 8.34 24.72 -3.13
C ASP B 139 9.02 23.40 -3.52
N GLU B 140 8.29 22.50 -4.17
CA GLU B 140 8.88 21.25 -4.69
C GLU B 140 9.26 21.38 -6.16
N GLY B 141 9.19 22.59 -6.72
CA GLY B 141 9.52 22.84 -8.13
C GLY B 141 8.46 22.28 -9.06
N ILE B 142 7.22 22.21 -8.58
CA ILE B 142 6.09 21.65 -9.33
C ILE B 142 5.23 22.79 -9.78
N ASP B 143 4.94 22.85 -11.08
CA ASP B 143 4.10 23.90 -11.64
C ASP B 143 2.67 23.64 -11.16
N VAL B 144 1.90 24.71 -11.05
CA VAL B 144 0.49 24.60 -10.68
C VAL B 144 -0.40 25.22 -11.76
N HIS B 145 -1.44 24.49 -12.17
CA HIS B 145 -2.43 24.94 -13.16
C HIS B 145 -3.79 25.05 -12.48
N PHE B 146 -4.64 25.92 -12.97
CA PHE B 146 -5.94 26.13 -12.40
C PHE B 146 -7.05 25.64 -13.29
N TYR B 147 -7.77 24.64 -12.83
CA TYR B 147 -9.04 24.23 -13.41
C TYR B 147 -10.06 25.29 -13.00
N PHE B 148 -10.96 25.66 -13.91
CA PHE B 148 -12.03 26.57 -13.56
C PHE B 148 -13.28 26.20 -14.36
N SER B 149 -14.37 25.91 -13.66
CA SER B 149 -15.66 25.66 -14.31
C SER B 149 -16.39 26.96 -14.53
N VAL B 150 -16.66 27.28 -15.79
CA VAL B 150 -17.47 28.44 -16.14
C VAL B 150 -18.92 28.19 -15.66
N MET B 151 -19.48 27.06 -16.01
CA MET B 151 -20.79 26.65 -15.50
C MET B 151 -20.77 26.68 -13.96
N ASP B 152 -21.62 27.47 -13.35
CA ASP B 152 -21.59 27.64 -11.89
C ASP B 152 -23.01 27.48 -11.32
N TRP B 153 -23.26 26.34 -10.68
CA TRP B 153 -24.57 25.96 -10.15
C TRP B 153 -24.95 26.75 -8.90
N SER B 154 -24.01 27.52 -8.34
CA SER B 154 -24.27 28.31 -7.14
C SER B 154 -24.63 29.76 -7.41
N ASN B 155 -24.39 30.25 -8.63
CA ASN B 155 -24.67 31.66 -8.94
C ASN B 155 -26.03 31.84 -9.62
N PRO B 156 -26.96 32.62 -9.03
CA PRO B 156 -28.34 32.74 -9.58
C PRO B 156 -28.39 33.35 -10.96
N ASP B 157 -27.34 34.08 -11.34
CA ASP B 157 -27.28 34.68 -12.66
C ASP B 157 -26.86 33.71 -13.78
N TYR B 158 -26.43 32.50 -13.46
CA TYR B 158 -26.05 31.57 -14.52
C TYR B 158 -27.30 31.20 -15.29
N ARG B 159 -27.14 31.10 -16.61
CA ARG B 159 -28.17 30.58 -17.48
C ARG B 159 -27.58 29.51 -18.40
N TYR B 160 -28.38 28.50 -18.69
CA TYR B 160 -28.02 27.41 -19.63
C TYR B 160 -28.23 27.85 -21.10
N ASP B 161 -29.23 28.71 -21.30
CA ASP B 161 -29.53 29.29 -22.61
C ASP B 161 -30.02 30.75 -22.42
N ILE B 162 -29.86 31.56 -23.47
CA ILE B 162 -30.34 32.93 -23.46
C ILE B 162 -31.69 32.97 -24.17
N LYS B 163 -32.77 32.82 -23.42
CA LYS B 163 -34.12 32.82 -23.99
C LYS B 163 -34.82 34.21 -23.97
N SER B 164 -34.53 35.05 -22.97
CA SER B 164 -35.19 36.36 -22.83
C SER B 164 -34.22 37.50 -22.55
N LYS B 165 -34.73 38.73 -22.63
CA LYS B 165 -33.99 39.90 -22.16
C LYS B 165 -33.52 39.72 -20.71
N GLU B 166 -34.39 39.16 -19.87
CA GLU B 166 -34.05 38.81 -18.51
C GLU B 166 -32.77 37.97 -18.48
N ASP B 167 -32.76 36.88 -19.26
CA ASP B 167 -31.61 35.99 -19.33
C ASP B 167 -30.34 36.74 -19.73
N SER B 168 -30.48 37.59 -20.74
CA SER B 168 -29.36 38.40 -21.23
C SER B 168 -28.78 39.31 -20.15
N ILE B 169 -29.64 39.95 -19.37
CA ILE B 169 -29.16 40.84 -18.29
C ILE B 169 -28.41 40.04 -17.22
N ALA B 170 -28.98 38.90 -16.84
CA ALA B 170 -28.35 38.01 -15.86
C ALA B 170 -27.00 37.47 -16.37
N PHE B 171 -26.98 36.97 -17.61
CA PHE B 171 -25.79 36.27 -18.07
C PHE B 171 -24.66 37.23 -18.22
N SER B 172 -25.00 38.43 -18.66
CA SER B 172 -24.03 39.48 -18.81
C SER B 172 -23.37 39.79 -17.47
N ARG B 173 -24.17 39.87 -16.42
CA ARG B 173 -23.66 40.08 -15.06
C ARG B 173 -22.82 38.86 -14.65
N PHE B 174 -23.28 37.67 -15.03
CA PHE B 174 -22.53 36.45 -14.75
C PHE B 174 -21.13 36.45 -15.39
N LEU B 175 -21.03 36.91 -16.62
CA LEU B 175 -19.73 36.95 -17.28
C LEU B 175 -18.82 37.96 -16.59
N GLU B 176 -19.40 39.05 -16.09
CA GLU B 176 -18.60 40.00 -15.31
C GLU B 176 -18.10 39.36 -14.01
N PHE B 177 -18.99 38.64 -13.34
CA PHE B 177 -18.65 37.88 -12.15
C PHE B 177 -17.51 36.94 -12.47
N THR B 178 -17.67 36.23 -13.58
CA THR B 178 -16.68 35.27 -13.99
C THR B 178 -15.34 35.94 -14.21
N ASP B 179 -15.34 37.04 -14.98
CA ASP B 179 -14.12 37.85 -15.19
C ASP B 179 -13.48 38.26 -13.86
N ASN B 180 -14.29 38.71 -12.91
CA ASN B 180 -13.80 39.15 -11.60
C ASN B 180 -13.06 38.03 -10.87
N GLN B 181 -13.64 36.83 -10.85
CA GLN B 181 -12.95 35.70 -10.22
C GLN B 181 -11.66 35.35 -10.95
N LEU B 182 -11.65 35.47 -12.28
CA LEU B 182 -10.47 35.10 -13.08
C LEU B 182 -9.29 36.00 -12.83
N LYS B 183 -9.54 37.32 -12.78
CA LYS B 183 -8.51 38.33 -12.48
C LYS B 183 -7.97 38.12 -11.10
N GLU B 184 -8.89 37.79 -10.19
CA GLU B 184 -8.58 37.55 -8.80
C GLU B 184 -7.57 36.42 -8.62
N LEU B 185 -7.87 35.25 -9.21
CA LEU B 185 -6.95 34.08 -9.20
C LEU B 185 -5.59 34.40 -9.80
N ALA B 186 -5.61 35.11 -10.92
CA ALA B 186 -4.43 35.58 -11.62
C ALA B 186 -3.54 36.51 -10.77
N THR B 187 -4.18 37.39 -10.00
CA THR B 187 -3.44 38.39 -9.21
C THR B 187 -3.02 37.86 -7.81
N ARG B 188 -3.85 37.02 -7.20
CA ARG B 188 -3.49 36.38 -5.94
C ARG B 188 -2.38 35.33 -6.07
N TYR B 189 -2.36 34.60 -7.20
CA TYR B 189 -1.45 33.48 -7.40
C TYR B 189 -0.72 33.59 -8.76
N PRO B 190 0.17 34.59 -8.88
CA PRO B 190 0.80 34.88 -10.18
C PRO B 190 1.74 33.83 -10.73
N THR B 191 2.12 32.81 -9.93
CA THR B 191 2.90 31.70 -10.46
C THR B 191 2.08 30.71 -11.30
N VAL B 192 0.76 30.90 -11.34
CA VAL B 192 -0.09 30.04 -12.13
C VAL B 192 0.44 29.96 -13.58
N LYS B 193 0.44 28.74 -14.13
CA LYS B 193 0.95 28.51 -15.47
C LYS B 193 -0.12 28.19 -16.54
N ASP B 194 -1.36 27.99 -16.11
CA ASP B 194 -2.39 27.53 -17.03
C ASP B 194 -3.78 27.68 -16.40
N PHE B 195 -4.74 28.09 -17.21
CA PHE B 195 -6.16 28.00 -16.87
C PHE B 195 -6.78 26.94 -17.75
N TRP B 196 -7.32 25.90 -17.09
CA TRP B 196 -8.03 24.82 -17.77
C TRP B 196 -9.51 25.03 -17.53
N PHE B 197 -10.16 25.58 -18.53
CA PHE B 197 -11.58 25.84 -18.47
C PHE B 197 -12.40 24.61 -18.76
N ASP B 198 -13.54 24.55 -18.07
CA ASP B 198 -14.50 23.47 -18.19
C ASP B 198 -15.91 24.04 -18.09
N GLY B 199 -16.91 23.22 -18.40
CA GLY B 199 -18.31 23.58 -18.23
C GLY B 199 -18.67 24.73 -19.15
N THR B 200 -18.17 24.67 -20.38
CA THR B 200 -18.32 25.76 -21.34
C THR B 200 -19.19 25.36 -22.53
N TRP B 201 -19.90 24.24 -22.42
CA TRP B 201 -20.63 23.65 -23.56
C TRP B 201 -22.09 24.10 -23.70
N ASP B 202 -22.63 24.83 -22.72
CA ASP B 202 -24.05 25.24 -22.76
C ASP B 202 -24.26 26.30 -23.81
N ALA B 203 -25.48 26.38 -24.32
CA ALA B 203 -25.80 27.34 -25.37
C ALA B 203 -25.52 28.79 -24.98
N SER B 204 -25.58 29.09 -23.69
CA SER B 204 -25.30 30.44 -23.20
C SER B 204 -23.89 30.88 -23.58
N VAL B 205 -22.93 29.99 -23.34
CA VAL B 205 -21.52 30.23 -23.65
C VAL B 205 -21.21 30.17 -25.14
N LYS B 206 -21.82 29.21 -25.85
CA LYS B 206 -21.66 29.10 -27.32
C LYS B 206 -22.13 30.36 -28.06
N LYS B 207 -23.17 31.00 -27.55
CA LYS B 207 -23.69 32.22 -28.16
C LYS B 207 -22.87 33.45 -27.77
N ASN B 208 -21.86 33.29 -26.92
CA ASN B 208 -21.03 34.42 -26.50
C ASN B 208 -19.53 34.14 -26.71
N GLY B 209 -19.22 33.63 -27.90
CA GLY B 209 -17.87 33.29 -28.26
C GLY B 209 -16.92 34.43 -28.02
N TRP B 210 -17.38 35.64 -28.30
CA TRP B 210 -16.61 36.87 -28.04
C TRP B 210 -15.95 36.88 -26.62
N TRP B 211 -16.68 36.39 -25.63
CA TRP B 211 -16.22 36.46 -24.24
C TRP B 211 -15.10 35.43 -23.97
N THR B 212 -15.10 34.31 -24.70
CA THR B 212 -14.05 33.30 -24.50
C THR B 212 -12.72 33.81 -25.00
N ALA B 213 -12.75 34.44 -26.17
CA ALA B 213 -11.57 35.15 -26.71
C ALA B 213 -11.13 36.27 -25.78
N HIS B 214 -12.07 37.06 -25.25
CA HIS B 214 -11.72 38.10 -24.27
C HIS B 214 -11.11 37.47 -23.00
N ALA B 215 -11.68 36.36 -22.55
CA ALA B 215 -11.17 35.69 -21.34
C ALA B 215 -9.72 35.29 -21.58
N GLU B 216 -9.48 34.63 -22.71
CA GLU B 216 -8.15 34.20 -23.03
C GLU B 216 -7.19 35.38 -23.10
N GLN B 217 -7.55 36.38 -23.91
CA GLN B 217 -6.70 37.58 -24.06
C GLN B 217 -6.42 38.30 -22.73
N MET B 218 -7.44 38.49 -21.89
CA MET B 218 -7.25 39.17 -20.59
C MET B 218 -6.27 38.44 -19.65
N LEU B 219 -6.36 37.10 -19.63
CA LEU B 219 -5.49 36.30 -18.76
C LEU B 219 -4.05 36.29 -19.24
N LYS B 220 -3.86 36.26 -20.57
CA LYS B 220 -2.54 36.30 -21.18
C LYS B 220 -1.83 37.63 -20.88
N GLU B 221 -2.59 38.73 -20.76
CA GLU B 221 -2.04 40.01 -20.34
C GLU B 221 -1.73 40.04 -18.84
N LEU B 222 -2.57 39.39 -18.04
CA LEU B 222 -2.35 39.37 -16.59
C LEU B 222 -1.22 38.41 -16.16
N VAL B 223 -0.93 37.40 -16.98
CA VAL B 223 0.05 36.36 -16.59
C VAL B 223 1.01 36.03 -17.74
N PRO B 224 2.20 36.63 -17.74
CA PRO B 224 3.05 36.45 -18.90
C PRO B 224 3.35 34.98 -19.13
N GLY B 225 3.01 34.49 -20.32
CA GLY B 225 3.33 33.13 -20.69
C GLY B 225 2.31 32.09 -20.27
N VAL B 226 1.19 32.50 -19.67
CA VAL B 226 0.21 31.54 -19.20
C VAL B 226 -0.32 30.74 -20.37
N ALA B 227 -0.67 29.48 -20.14
CA ALA B 227 -1.27 28.65 -21.19
C ALA B 227 -2.77 28.64 -21.00
N ILE B 228 -3.53 28.52 -22.08
CA ILE B 228 -4.99 28.53 -22.03
C ILE B 228 -5.58 27.43 -22.90
N ASN B 229 -6.46 26.59 -22.34
CA ASN B 229 -6.92 25.39 -23.06
C ASN B 229 -7.98 25.67 -24.11
N SER B 230 -8.06 24.79 -25.10
CA SER B 230 -9.04 24.91 -26.19
C SER B 230 -10.49 24.83 -25.71
N ARG B 231 -10.74 24.12 -24.62
CA ARG B 231 -12.11 23.94 -24.16
C ARG B 231 -12.85 25.25 -23.78
N LEU B 232 -12.10 26.30 -23.48
CA LEU B 232 -12.64 27.61 -23.17
C LEU B 232 -13.35 28.24 -24.35
N ARG B 233 -12.83 27.96 -25.54
CA ARG B 233 -13.03 28.80 -26.69
C ARG B 233 -14.20 28.39 -27.60
N ALA B 234 -15.05 29.37 -27.90
CA ALA B 234 -16.04 29.28 -28.96
C ALA B 234 -15.82 30.43 -29.95
N ASP B 235 -16.07 30.16 -31.23
CA ASP B 235 -15.91 31.17 -32.28
C ASP B 235 -17.22 31.90 -32.51
N ASP B 236 -17.21 32.79 -33.51
CA ASP B 236 -18.37 33.62 -33.88
C ASP B 236 -19.62 32.82 -34.12
N LYS B 237 -19.49 31.60 -34.63
CA LYS B 237 -20.63 30.79 -35.04
C LYS B 237 -21.00 29.71 -34.03
N GLY B 238 -20.32 29.68 -32.88
CA GLY B 238 -20.66 28.74 -31.81
C GLY B 238 -19.89 27.41 -31.82
N LYS B 239 -18.97 27.27 -32.77
CA LYS B 239 -18.10 26.09 -32.86
C LYS B 239 -17.04 26.16 -31.76
N ARG B 240 -16.89 25.05 -31.03
CA ARG B 240 -16.02 24.97 -29.87
C ARG B 240 -14.74 24.16 -30.17
N HIS B 241 -13.66 24.50 -29.45
CA HIS B 241 -12.34 23.84 -29.55
C HIS B 241 -11.65 24.20 -30.86
N PHE B 242 -12.19 23.68 -31.96
CA PHE B 242 -11.73 24.07 -33.30
C PHE B 242 -12.74 25.05 -33.91
N ASP B 243 -12.21 26.12 -34.52
CA ASP B 243 -13.07 27.16 -35.08
C ASP B 243 -13.70 26.74 -36.41
N SER B 244 -14.54 27.61 -36.95
CA SER B 244 -15.40 27.27 -38.09
C SER B 244 -14.60 26.94 -39.37
N ASN B 245 -13.34 27.39 -39.42
CA ASN B 245 -12.36 26.97 -40.45
C ASN B 245 -11.39 25.87 -40.00
N GLY B 246 -11.73 25.11 -38.98
CA GLY B 246 -10.90 23.97 -38.55
C GLY B 246 -9.58 24.31 -37.87
N ARG B 247 -9.45 25.54 -37.37
CA ARG B 247 -8.24 25.94 -36.64
C ARG B 247 -8.43 25.81 -35.13
N LEU B 248 -7.43 25.25 -34.44
CA LEU B 248 -7.46 25.06 -32.99
C LEU B 248 -7.40 26.40 -32.28
N MET B 249 -8.36 26.64 -31.41
CA MET B 249 -8.38 27.85 -30.58
C MET B 249 -7.73 27.50 -29.23
N GLY B 250 -7.15 28.52 -28.58
CA GLY B 250 -6.40 28.32 -27.36
C GLY B 250 -5.02 27.79 -27.70
N ASP B 251 -4.27 27.42 -26.68
CA ASP B 251 -2.86 27.08 -26.81
C ASP B 251 -2.61 25.57 -26.99
N TYR B 252 -3.62 24.76 -26.69
CA TYR B 252 -3.54 23.32 -26.81
C TYR B 252 -4.91 22.65 -26.76
N GLU B 253 -5.00 21.50 -27.40
CA GLU B 253 -6.25 20.76 -27.49
C GLU B 253 -6.48 19.94 -26.21
N SER B 254 -7.72 19.94 -25.73
CA SER B 254 -8.06 19.38 -24.42
C SER B 254 -9.43 18.70 -24.46
N GLY B 255 -9.65 17.86 -25.46
CA GLY B 255 -10.91 17.13 -25.60
C GLY B 255 -10.74 15.67 -25.27
N TYR B 256 -9.50 15.21 -25.07
CA TYR B 256 -9.24 13.78 -24.81
C TYR B 256 -9.37 13.48 -23.33
N GLU B 257 -10.62 13.28 -22.91
CA GLU B 257 -10.98 13.09 -21.51
C GLU B 257 -11.51 11.66 -21.36
N ARG B 258 -10.76 10.84 -20.65
CA ARG B 258 -11.07 9.40 -20.56
C ARG B 258 -11.10 8.68 -21.94
N ARG B 259 -10.44 9.26 -22.94
CA ARG B 259 -10.13 8.57 -24.18
C ARG B 259 -8.82 9.14 -24.74
N LEU B 260 -8.22 8.41 -25.68
CA LEU B 260 -6.95 8.79 -26.32
C LEU B 260 -7.01 8.57 -27.84
N PRO B 261 -6.27 9.38 -28.62
CA PRO B 261 -6.24 9.20 -30.07
C PRO B 261 -5.58 7.92 -30.54
N ASP B 262 -6.13 7.34 -31.60
CA ASP B 262 -5.59 6.10 -32.16
C ASP B 262 -4.16 6.32 -32.66
N PRO B 263 -3.20 5.51 -32.17
CA PRO B 263 -1.77 5.66 -32.55
C PRO B 263 -1.42 5.34 -34.00
N VAL B 264 -2.39 4.83 -34.77
CA VAL B 264 -2.23 4.59 -36.21
C VAL B 264 -3.06 5.57 -37.04
N LYS B 265 -4.31 5.80 -36.65
CA LYS B 265 -5.25 6.61 -37.44
C LYS B 265 -5.41 8.10 -37.08
N ASP B 266 -4.93 8.53 -35.90
CA ASP B 266 -5.12 9.93 -35.44
C ASP B 266 -3.81 10.72 -35.30
N LEU B 267 -2.87 10.51 -36.20
CA LEU B 267 -1.54 11.16 -36.12
C LEU B 267 -1.60 12.67 -36.37
N LYS B 268 -2.76 13.17 -36.77
CA LYS B 268 -3.01 14.61 -36.85
C LYS B 268 -2.69 15.37 -35.56
N VAL B 269 -2.90 14.73 -34.40
CA VAL B 269 -2.72 15.40 -33.11
C VAL B 269 -1.29 15.86 -32.90
N THR B 270 -0.33 15.24 -33.59
CA THR B 270 1.07 15.64 -33.50
C THR B 270 1.34 17.04 -34.04
N GLN B 271 0.39 17.62 -34.76
CA GLN B 271 0.56 18.97 -35.30
C GLN B 271 0.27 20.08 -34.32
N TRP B 272 -0.32 19.75 -33.16
CA TRP B 272 -0.60 20.78 -32.13
C TRP B 272 -0.32 20.23 -30.74
N ASP B 273 -0.07 21.12 -29.79
CA ASP B 273 0.04 20.71 -28.40
C ASP B 273 -1.33 20.20 -27.93
N TRP B 274 -1.32 19.22 -27.05
CA TRP B 274 -2.55 18.70 -26.46
C TRP B 274 -2.26 18.02 -25.15
N GLU B 275 -3.33 17.81 -24.39
CA GLU B 275 -3.25 17.28 -23.02
C GLU B 275 -4.48 16.43 -22.78
N ALA B 276 -4.24 15.19 -22.37
CA ALA B 276 -5.28 14.27 -22.00
C ALA B 276 -5.39 14.26 -20.49
N CYS B 277 -6.59 13.96 -20.01
CA CYS B 277 -6.81 13.75 -18.60
C CYS B 277 -7.56 12.44 -18.41
N MET B 278 -7.27 11.74 -17.31
CA MET B 278 -7.89 10.43 -17.04
C MET B 278 -8.22 10.21 -15.57
N THR B 279 -9.28 9.42 -15.36
CA THR B 279 -9.66 8.95 -14.05
C THR B 279 -9.05 7.56 -13.79
N ILE B 280 -9.01 7.17 -12.52
CA ILE B 280 -8.51 5.87 -12.16
C ILE B 280 -9.64 4.83 -12.33
N PRO B 281 -10.82 5.04 -11.70
CA PRO B 281 -11.98 4.25 -12.10
C PRO B 281 -12.58 4.76 -13.40
N GLU B 282 -13.73 4.20 -13.79
CA GLU B 282 -14.31 4.42 -15.10
C GLU B 282 -14.66 5.88 -15.30
N ASN B 283 -15.41 6.45 -14.36
CA ASN B 283 -15.87 7.83 -14.42
C ASN B 283 -16.14 8.42 -13.01
N GLN B 284 -15.07 8.60 -12.25
CA GLN B 284 -15.12 9.29 -10.95
C GLN B 284 -13.96 10.29 -10.88
N TRP B 285 -14.29 11.55 -10.70
CA TRP B 285 -13.28 12.61 -10.61
C TRP B 285 -13.17 13.09 -9.16
N GLY B 286 -14.28 13.49 -8.57
CA GLY B 286 -14.33 13.74 -7.14
C GLY B 286 -14.30 12.45 -6.33
N TYR B 287 -14.07 12.56 -5.02
CA TYR B 287 -14.03 11.37 -4.15
C TYR B 287 -15.38 10.68 -4.09
N HIS B 288 -15.42 9.40 -4.49
CA HIS B 288 -16.59 8.52 -4.35
C HIS B 288 -16.20 7.41 -3.38
N LYS B 289 -17.09 7.08 -2.46
CA LYS B 289 -16.74 6.15 -1.38
C LYS B 289 -16.80 4.68 -1.81
N ASP B 290 -17.41 4.38 -2.95
CA ASP B 290 -17.53 2.99 -3.36
C ASP B 290 -16.93 2.77 -4.75
N TRP B 291 -15.64 2.48 -4.76
CA TRP B 291 -14.92 2.23 -6.00
C TRP B 291 -15.18 0.83 -6.56
N SER B 292 -15.88 -0.01 -5.81
CA SER B 292 -16.28 -1.34 -6.32
C SER B 292 -17.36 -1.24 -7.40
N LEU B 293 -17.92 -0.04 -7.64
CA LEU B 293 -19.02 0.10 -8.58
C LEU B 293 -18.59 0.13 -10.05
N SER B 294 -17.31 0.31 -10.32
CA SER B 294 -16.82 0.34 -11.70
C SER B 294 -15.40 -0.22 -11.75
N TYR B 295 -14.92 -0.52 -12.96
CA TYR B 295 -13.57 -1.05 -13.12
C TYR B 295 -12.54 -0.04 -12.65
N VAL B 296 -11.55 -0.49 -11.89
CA VAL B 296 -10.49 0.38 -11.43
C VAL B 296 -9.18 0.01 -12.14
N LYS B 297 -8.60 0.98 -12.83
CA LYS B 297 -7.37 0.81 -13.55
C LYS B 297 -6.21 0.47 -12.64
N THR B 298 -5.42 -0.48 -13.09
CA THR B 298 -4.20 -0.86 -12.44
C THR B 298 -3.09 0.12 -12.85
N PRO B 299 -1.97 0.13 -12.11
CA PRO B 299 -0.84 1.00 -12.42
C PRO B 299 -0.25 0.86 -13.82
N ILE B 300 -0.15 -0.36 -14.32
CA ILE B 300 0.36 -0.59 -15.67
C ILE B 300 -0.62 -0.01 -16.71
N GLU B 301 -1.92 -0.16 -16.47
CA GLU B 301 -2.90 0.44 -17.37
C GLU B 301 -2.82 1.94 -17.45
N VAL B 302 -2.55 2.59 -16.31
CA VAL B 302 -2.36 4.05 -16.28
C VAL B 302 -1.02 4.43 -16.92
N ILE B 303 0.03 3.69 -16.60
CA ILE B 303 1.32 3.94 -17.22
C ILE B 303 1.29 3.81 -18.75
N ASP B 304 0.61 2.76 -19.24
CA ASP B 304 0.40 2.62 -20.69
C ASP B 304 -0.19 3.90 -21.32
N ARG B 305 -1.22 4.46 -20.70
CA ARG B 305 -1.88 5.66 -21.20
C ARG B 305 -1.01 6.92 -21.13
N ILE B 306 -0.14 7.02 -20.12
CA ILE B 306 0.83 8.12 -20.03
C ILE B 306 1.77 8.10 -21.25
N VAL B 307 2.48 6.97 -21.45
CA VAL B 307 3.43 6.79 -22.55
C VAL B 307 2.73 6.90 -23.93
N HIS B 308 1.52 6.37 -24.02
CA HIS B 308 0.67 6.54 -25.20
C HIS B 308 0.59 8.02 -25.57
N ALA B 309 0.15 8.84 -24.61
CA ALA B 309 0.04 10.26 -24.84
C ALA B 309 1.34 10.88 -25.32
N VAL B 310 2.43 10.58 -24.63
CA VAL B 310 3.73 11.20 -24.96
C VAL B 310 4.22 10.75 -26.32
N SER B 311 3.99 9.48 -26.66
CA SER B 311 4.35 8.96 -27.97
C SER B 311 3.64 9.65 -29.13
N MET B 312 2.54 10.34 -28.83
CA MET B 312 1.78 11.06 -29.85
C MET B 312 1.82 12.58 -29.67
N GLY B 313 2.81 13.05 -28.93
CA GLY B 313 3.03 14.47 -28.70
C GLY B 313 2.16 15.15 -27.66
N GLY B 314 1.62 14.39 -26.70
CA GLY B 314 0.73 14.95 -25.70
C GLY B 314 1.13 14.74 -24.26
N ASN B 315 0.55 15.58 -23.40
CA ASN B 315 0.67 15.45 -21.95
C ASN B 315 -0.41 14.50 -21.44
N MET B 316 -0.21 13.90 -20.27
CA MET B 316 -1.25 13.11 -19.62
C MET B 316 -1.34 13.55 -18.15
N VAL B 317 -2.56 13.68 -17.67
CA VAL B 317 -2.82 14.14 -16.33
C VAL B 317 -3.65 13.09 -15.59
N VAL B 318 -3.09 12.56 -14.51
CA VAL B 318 -3.77 11.50 -13.76
C VAL B 318 -4.49 12.11 -12.60
N ASN B 319 -5.78 11.82 -12.53
CA ASN B 319 -6.65 12.43 -11.54
C ASN B 319 -6.68 11.72 -10.21
N PHE B 320 -6.82 12.54 -9.19
CA PHE B 320 -7.00 12.13 -7.79
C PHE B 320 -8.17 12.92 -7.20
N GLY B 321 -8.99 12.27 -6.38
CA GLY B 321 -10.15 12.90 -5.73
C GLY B 321 -10.00 12.78 -4.21
N PRO B 322 -9.38 13.79 -3.58
CA PRO B 322 -9.06 13.66 -2.17
C PRO B 322 -10.29 13.47 -1.30
N GLN B 323 -10.09 12.76 -0.19
CA GLN B 323 -11.15 12.57 0.80
C GLN B 323 -11.61 13.87 1.47
N ALA B 324 -12.80 13.83 2.04
CA ALA B 324 -13.32 14.90 2.87
C ALA B 324 -12.31 15.34 3.93
N ASP B 325 -11.67 14.38 4.57
CA ASP B 325 -10.71 14.71 5.65
C ASP B 325 -9.39 15.35 5.20
N GLY B 326 -9.12 15.40 3.88
CA GLY B 326 -7.87 15.98 3.40
C GLY B 326 -6.76 14.98 3.18
N ASP B 327 -7.09 13.70 3.25
CA ASP B 327 -6.14 12.65 2.93
C ASP B 327 -6.53 12.02 1.61
N PHE B 328 -5.61 11.22 1.07
CA PHE B 328 -5.88 10.42 -0.10
C PHE B 328 -6.16 8.98 0.27
N ARG B 329 -7.19 8.43 -0.36
CA ARG B 329 -7.50 7.03 -0.28
C ARG B 329 -6.30 6.13 -0.65
N PRO B 330 -6.25 4.92 -0.08
CA PRO B 330 -5.08 4.08 -0.27
C PRO B 330 -4.91 3.61 -1.72
N GLU B 331 -5.99 3.51 -2.48
CA GLU B 331 -5.87 3.13 -3.89
C GLU B 331 -5.01 4.16 -4.65
N GLU B 332 -5.25 5.43 -4.34
CA GLU B 332 -4.55 6.53 -5.00
C GLU B 332 -3.11 6.61 -4.56
N LYS B 333 -2.89 6.41 -3.26
CA LYS B 333 -1.52 6.39 -2.73
C LYS B 333 -0.72 5.25 -3.35
N ALA B 334 -1.34 4.10 -3.53
CA ALA B 334 -0.65 2.99 -4.18
C ALA B 334 -0.34 3.36 -5.64
N MET B 335 -1.31 3.97 -6.32
CA MET B 335 -1.10 4.38 -7.72
C MET B 335 0.10 5.33 -7.88
N ALA B 336 0.15 6.37 -7.06
CA ALA B 336 1.20 7.39 -7.11
C ALA B 336 2.55 6.78 -6.78
N THR B 337 2.58 5.90 -5.78
CA THR B 337 3.81 5.18 -5.45
C THR B 337 4.22 4.24 -6.59
N ALA B 338 3.29 3.48 -7.16
CA ALA B 338 3.65 2.60 -8.33
C ALA B 338 4.12 3.40 -9.54
N ILE B 339 3.45 4.50 -9.84
CA ILE B 339 3.86 5.35 -10.98
C ILE B 339 5.25 5.97 -10.72
N GLY B 340 5.43 6.47 -9.50
CA GLY B 340 6.68 7.07 -9.06
C GLY B 340 7.88 6.15 -9.17
N LYS B 341 7.70 4.88 -8.80
CA LYS B 341 8.77 3.89 -8.93
C LYS B 341 9.12 3.64 -10.38
N TRP B 342 8.12 3.57 -11.24
CA TRP B 342 8.40 3.35 -12.66
C TRP B 342 9.07 4.59 -13.29
N MET B 343 8.58 5.78 -12.98
CA MET B 343 9.17 7.01 -13.53
C MET B 343 10.63 7.23 -13.07
N ASN B 344 10.98 6.77 -11.88
CA ASN B 344 12.36 6.81 -11.42
C ASN B 344 13.31 5.99 -12.30
N ARG B 345 12.87 4.82 -12.72
CA ARG B 345 13.65 3.98 -13.64
C ARG B 345 13.55 4.43 -15.07
N TYR B 346 12.37 4.83 -15.52
CA TYR B 346 12.13 4.96 -16.99
C TYR B 346 11.76 6.36 -17.49
N GLY B 347 11.66 7.32 -16.58
CA GLY B 347 11.22 8.66 -16.88
C GLY B 347 12.00 9.43 -17.92
N LYS B 348 13.22 9.00 -18.21
CA LYS B 348 13.99 9.62 -19.27
C LYS B 348 13.30 9.48 -20.60
N ALA B 349 12.38 8.52 -20.70
CA ALA B 349 11.65 8.26 -21.95
C ALA B 349 10.31 8.98 -21.96
N VAL B 350 10.05 9.73 -20.90
CA VAL B 350 8.81 10.46 -20.78
C VAL B 350 9.06 11.95 -20.72
N TYR B 351 9.83 12.41 -19.74
CA TYR B 351 10.04 13.85 -19.58
C TYR B 351 10.69 14.43 -20.79
N ALA B 352 10.17 15.55 -21.27
CA ALA B 352 10.82 16.28 -22.36
C ALA B 352 10.87 15.46 -23.64
N CYS B 353 9.97 14.48 -23.77
CA CYS B 353 9.91 13.65 -24.99
C CYS B 353 8.72 14.02 -25.86
N ASP B 354 8.66 13.42 -27.04
CA ASP B 354 7.71 13.80 -28.08
C ASP B 354 7.51 12.65 -29.09
N TYR B 355 6.55 12.83 -29.98
CA TYR B 355 6.34 11.93 -31.13
C TYR B 355 7.66 11.69 -31.89
N ALA B 356 7.90 10.43 -32.26
CA ALA B 356 9.17 10.02 -32.83
C ALA B 356 9.10 9.87 -34.35
N GLY B 357 7.91 9.84 -34.93
CA GLY B 357 7.76 9.71 -36.38
C GLY B 357 7.94 8.31 -36.93
N PHE B 358 7.90 7.31 -36.05
CA PHE B 358 8.01 5.89 -36.43
C PHE B 358 6.62 5.25 -36.46
N GLU B 359 6.34 4.42 -37.45
CA GLU B 359 5.13 3.60 -37.47
C GLU B 359 4.93 2.77 -36.20
N LYS B 360 3.78 2.91 -35.57
CA LYS B 360 3.40 2.12 -34.40
C LYS B 360 3.61 0.60 -34.58
N GLN B 361 4.16 -0.06 -33.55
CA GLN B 361 4.30 -1.52 -33.53
C GLN B 361 3.63 -2.11 -32.30
N ASP B 362 3.34 -3.40 -32.35
CA ASP B 362 2.55 -4.08 -31.33
C ASP B 362 3.18 -4.19 -29.93
N TRP B 363 4.49 -4.21 -29.87
CA TRP B 363 5.19 -4.38 -28.59
C TRP B 363 5.04 -3.17 -27.66
N GLY B 364 4.59 -2.02 -28.17
CA GLY B 364 4.56 -0.80 -27.34
C GLY B 364 4.67 0.50 -28.12
N TYR B 365 5.36 1.49 -27.54
CA TYR B 365 5.41 2.86 -28.09
C TYR B 365 6.84 3.39 -28.26
N TYR B 366 7.06 4.23 -29.26
CA TYR B 366 8.30 5.00 -29.36
C TYR B 366 8.10 6.37 -28.72
N THR B 367 9.15 6.93 -28.14
CA THR B 367 9.20 8.38 -27.83
C THR B 367 10.56 8.93 -28.28
N ARG B 368 10.62 10.23 -28.55
CA ARG B 368 11.85 10.87 -29.03
C ARG B 368 12.31 11.88 -27.99
N GLY B 369 13.57 11.77 -27.56
CA GLY B 369 14.15 12.68 -26.58
C GLY B 369 14.62 13.99 -27.19
N LYS B 370 15.10 14.90 -26.36
CA LYS B 370 15.57 16.22 -26.81
C LYS B 370 16.70 16.09 -27.83
N ASN B 371 17.65 15.20 -27.55
CA ASN B 371 18.85 15.01 -28.41
C ASN B 371 18.69 13.83 -29.36
N ASP B 372 17.49 13.71 -29.94
CA ASP B 372 17.20 12.73 -30.99
C ASP B 372 17.43 11.27 -30.55
N GLU B 373 17.34 11.00 -29.25
CA GLU B 373 17.26 9.63 -28.72
C GLU B 373 15.89 9.06 -29.13
N VAL B 374 15.82 7.77 -29.46
CA VAL B 374 14.54 7.13 -29.72
C VAL B 374 14.36 6.00 -28.71
N TYR B 375 13.34 6.12 -27.88
CA TYR B 375 13.10 5.12 -26.84
C TYR B 375 12.01 4.21 -27.30
N MET B 376 12.21 2.92 -27.09
CA MET B 376 11.21 1.91 -27.27
C MET B 376 10.72 1.56 -25.87
N VAL B 377 9.43 1.77 -25.62
CA VAL B 377 8.84 1.43 -24.33
C VAL B 377 7.93 0.22 -24.56
N VAL B 378 8.37 -0.94 -24.07
CA VAL B 378 7.76 -2.21 -24.37
C VAL B 378 6.72 -2.58 -23.32
N PHE B 379 5.46 -2.72 -23.76
CA PHE B 379 4.38 -3.16 -22.88
C PHE B 379 3.93 -4.57 -23.17
N ASN B 380 4.17 -5.03 -24.40
CA ASN B 380 3.67 -6.34 -24.84
C ASN B 380 4.84 -7.15 -25.33
N GLN B 381 5.24 -8.14 -24.54
CA GLN B 381 6.50 -8.85 -24.75
C GLN B 381 6.30 -9.92 -25.82
N PRO B 382 6.95 -9.76 -26.99
CA PRO B 382 6.80 -10.76 -28.04
C PRO B 382 7.39 -12.12 -27.66
N TYR B 383 6.60 -13.18 -27.78
CA TYR B 383 7.16 -14.53 -27.66
C TYR B 383 8.33 -14.77 -28.65
N SER B 384 8.32 -14.09 -29.80
CA SER B 384 9.40 -14.24 -30.79
C SER B 384 10.73 -13.74 -30.31
N GLU B 385 10.68 -12.93 -29.24
CA GLU B 385 11.85 -12.41 -28.56
C GLU B 385 12.53 -11.43 -29.46
N ARG B 386 11.79 -10.97 -30.47
CA ARG B 386 12.30 -10.00 -31.40
C ARG B 386 11.32 -8.83 -31.46
N LEU B 387 11.82 -7.62 -31.23
CA LEU B 387 11.01 -6.40 -31.33
C LEU B 387 11.24 -5.73 -32.69
N ILE B 388 10.22 -5.78 -33.55
CA ILE B 388 10.29 -5.19 -34.90
C ILE B 388 10.36 -3.67 -34.86
N VAL B 389 11.36 -3.10 -35.54
CA VAL B 389 11.48 -1.64 -35.70
C VAL B 389 11.57 -1.25 -37.18
N LYS B 390 10.52 -0.60 -37.69
CA LYS B 390 10.51 -0.07 -39.06
C LYS B 390 10.88 1.40 -39.03
N THR B 391 12.04 1.76 -39.57
CA THR B 391 12.44 3.16 -39.55
C THR B 391 11.81 3.97 -40.69
N PRO B 392 11.64 5.28 -40.49
CA PRO B 392 11.22 6.14 -41.59
C PRO B 392 12.34 6.26 -42.65
N LYS B 393 11.99 6.78 -43.82
CA LYS B 393 12.90 6.76 -44.96
C LYS B 393 14.11 7.60 -44.61
N GLY B 394 15.28 6.99 -44.72
CA GLY B 394 16.54 7.67 -44.42
C GLY B 394 17.13 7.47 -43.02
N ILE B 395 16.39 6.82 -42.12
CA ILE B 395 16.86 6.63 -40.75
C ILE B 395 17.44 5.24 -40.60
N THR B 396 18.59 5.15 -39.94
CA THR B 396 19.25 3.87 -39.68
C THR B 396 19.49 3.73 -38.18
N VAL B 397 19.56 2.50 -37.69
CA VAL B 397 19.69 2.25 -36.25
C VAL B 397 21.11 1.81 -36.01
N GLU B 398 21.89 2.61 -35.26
CA GLU B 398 23.28 2.26 -34.93
C GLU B 398 23.35 1.27 -33.77
N LYS B 399 22.51 1.45 -32.76
CA LYS B 399 22.72 0.75 -31.51
C LYS B 399 21.48 0.78 -30.64
N ALA B 400 21.32 -0.29 -29.85
CA ALA B 400 20.24 -0.45 -28.89
C ALA B 400 20.89 -0.75 -27.54
N THR B 401 20.42 -0.05 -26.49
CA THR B 401 20.96 -0.15 -25.14
C THR B 401 19.81 -0.29 -24.17
N LEU B 402 19.88 -1.22 -23.22
CA LEU B 402 18.86 -1.31 -22.18
C LEU B 402 19.07 -0.14 -21.21
N LEU B 403 18.07 0.73 -21.08
CA LEU B 403 18.23 2.01 -20.36
C LEU B 403 18.70 1.87 -18.90
N THR B 404 18.11 0.92 -18.17
CA THR B 404 18.39 0.74 -16.75
C THR B 404 19.82 0.27 -16.42
N THR B 405 20.40 -0.56 -17.28
CA THR B 405 21.69 -1.20 -16.98
C THR B 405 22.82 -0.82 -17.93
N GLY B 406 22.50 -0.22 -19.07
CA GLY B 406 23.52 0.14 -20.06
C GLY B 406 23.96 -1.02 -20.93
N GLU B 407 23.34 -2.18 -20.78
CA GLU B 407 23.76 -3.37 -21.53
C GLU B 407 23.42 -3.21 -23.03
N ASP B 408 24.35 -3.61 -23.88
CA ASP B 408 24.15 -3.58 -25.33
C ASP B 408 23.12 -4.63 -25.70
N ILE B 409 22.23 -4.28 -26.64
CA ILE B 409 21.17 -5.19 -27.12
C ILE B 409 21.34 -5.40 -28.63
N THR B 410 21.28 -6.66 -29.07
CA THR B 410 21.57 -6.99 -30.45
C THR B 410 20.54 -6.36 -31.38
N VAL B 411 21.03 -5.75 -32.46
CA VAL B 411 20.20 -5.21 -33.53
C VAL B 411 20.57 -5.90 -34.85
N VAL B 412 19.58 -6.58 -35.45
CA VAL B 412 19.77 -7.32 -36.70
C VAL B 412 18.91 -6.71 -37.82
N GLU B 413 19.52 -6.35 -38.93
CA GLU B 413 18.78 -5.82 -40.08
C GLU B 413 17.97 -6.96 -40.72
N THR B 414 16.68 -6.75 -41.03
CA THR B 414 15.87 -7.84 -41.60
C THR B 414 15.38 -7.58 -43.01
N THR B 415 15.08 -6.32 -43.30
CA THR B 415 14.85 -5.90 -44.66
C THR B 415 15.15 -4.42 -44.70
N ARG B 416 14.79 -3.76 -45.80
CA ARG B 416 15.05 -2.32 -45.95
C ARG B 416 14.23 -1.53 -44.92
N ASN B 417 14.90 -0.67 -44.16
CA ASN B 417 14.23 0.16 -43.15
C ASN B 417 13.47 -0.67 -42.10
N GLU B 418 14.03 -1.83 -41.74
CA GLU B 418 13.41 -2.75 -40.80
C GLU B 418 14.50 -3.52 -40.06
N TYR B 419 14.33 -3.66 -38.74
CA TYR B 419 15.29 -4.33 -37.86
C TYR B 419 14.55 -5.20 -36.88
N ASN B 420 15.26 -6.16 -36.32
CA ASN B 420 14.79 -6.89 -35.16
C ASN B 420 15.69 -6.52 -34.00
N VAL B 421 15.13 -5.82 -33.02
CA VAL B 421 15.84 -5.53 -31.79
C VAL B 421 15.51 -6.64 -30.81
N SER B 422 16.54 -7.34 -30.32
CA SER B 422 16.29 -8.47 -29.40
C SER B 422 15.69 -7.97 -28.09
N VAL B 423 14.96 -8.83 -27.42
CA VAL B 423 14.53 -8.53 -26.05
C VAL B 423 15.78 -8.66 -25.17
N PRO B 424 15.75 -8.09 -23.97
CA PRO B 424 16.87 -8.34 -23.05
C PRO B 424 17.05 -9.82 -22.70
N LYS B 425 18.27 -10.19 -22.30
CA LYS B 425 18.57 -11.59 -21.92
C LYS B 425 17.70 -12.00 -20.77
N LYS B 426 17.57 -11.12 -19.78
CA LYS B 426 16.73 -11.35 -18.63
C LYS B 426 15.46 -10.54 -18.81
N ASN B 427 14.30 -11.18 -18.74
CA ASN B 427 13.03 -10.47 -18.76
C ASN B 427 12.96 -9.42 -17.64
N PRO B 428 12.70 -8.14 -17.99
CA PRO B 428 12.57 -7.12 -16.94
C PRO B 428 11.39 -7.31 -15.97
N GLY B 429 10.38 -8.08 -16.35
CA GLY B 429 9.21 -8.32 -15.47
C GLY B 429 8.25 -7.14 -15.33
N GLU B 430 8.45 -6.10 -16.14
CA GLU B 430 7.61 -4.90 -16.15
C GLU B 430 7.82 -4.17 -17.47
N PRO B 431 7.00 -3.17 -17.80
CA PRO B 431 7.28 -2.39 -18.99
C PRO B 431 8.63 -1.75 -18.89
N TYR B 432 9.40 -1.82 -19.98
CA TYR B 432 10.79 -1.39 -19.95
C TYR B 432 11.19 -0.59 -21.19
N VAL B 433 12.36 0.02 -21.14
CA VAL B 433 12.83 0.87 -22.20
C VAL B 433 14.16 0.40 -22.81
N ILE B 434 14.17 0.35 -24.14
CA ILE B 434 15.40 0.16 -24.88
C ILE B 434 15.56 1.44 -25.61
N GLN B 435 16.75 2.01 -25.50
CA GLN B 435 17.09 3.31 -26.07
C GLN B 435 17.91 3.07 -27.31
N LEU B 436 17.47 3.64 -28.43
CA LEU B 436 18.16 3.47 -29.68
C LEU B 436 18.97 4.71 -30.01
N LYS B 437 20.14 4.50 -30.59
CA LYS B 437 20.90 5.57 -31.23
C LYS B 437 20.59 5.46 -32.71
N VAL B 438 19.98 6.49 -33.28
CA VAL B 438 19.63 6.49 -34.69
C VAL B 438 20.52 7.50 -35.39
N ARG B 439 20.76 7.29 -36.68
CA ARG B 439 21.54 8.23 -37.49
C ARG B 439 20.72 8.59 -38.72
N ALA B 440 20.89 9.81 -39.24
CA ALA B 440 20.18 10.26 -40.47
C ALA B 440 21.14 10.67 -41.61
N GLU C 4 1.71 -34.23 42.62
CA GLU C 4 1.09 -33.71 41.35
C GLU C 4 0.29 -34.79 40.62
N ILE C 5 -0.69 -34.37 39.81
CA ILE C 5 -1.74 -35.26 39.34
C ILE C 5 -1.33 -36.10 38.11
N PRO C 6 -1.53 -37.44 38.17
CA PRO C 6 -1.20 -38.30 37.03
C PRO C 6 -1.98 -37.94 35.77
N LEU C 7 -1.26 -37.79 34.67
CA LEU C 7 -1.83 -37.39 33.39
C LEU C 7 -1.17 -38.17 32.28
N LYS C 8 -1.99 -38.75 31.39
CA LYS C 8 -1.46 -39.36 30.20
C LYS C 8 -1.44 -38.35 29.03
N TYR C 9 -2.26 -37.30 29.11
CA TYR C 9 -2.38 -36.35 27.99
C TYR C 9 -2.14 -34.90 28.36
N GLY C 10 -1.39 -34.67 29.43
CA GLY C 10 -1.00 -33.33 29.86
C GLY C 10 0.21 -32.84 29.09
N ALA C 11 0.95 -31.91 29.66
CA ALA C 11 1.97 -31.17 28.95
C ALA C 11 3.11 -32.04 28.43
N THR C 12 3.60 -31.56 27.29
CA THR C 12 4.42 -32.31 26.40
C THR C 12 5.85 -31.92 26.79
N ASN C 13 6.33 -30.79 26.26
CA ASN C 13 7.59 -30.20 26.69
C ASN C 13 7.47 -29.56 28.08
N GLU C 14 8.60 -29.24 28.70
CA GLU C 14 8.60 -28.63 30.03
C GLU C 14 8.80 -27.12 29.94
N GLY C 15 9.67 -26.65 29.05
CA GLY C 15 9.90 -25.19 28.83
C GLY C 15 9.84 -24.81 27.36
N LYS C 16 10.49 -23.71 26.97
CA LYS C 16 10.45 -23.23 25.57
C LYS C 16 11.22 -24.13 24.58
N ARG C 17 10.57 -24.49 23.47
CA ARG C 17 11.26 -25.11 22.31
C ARG C 17 12.34 -24.16 21.78
N GLN C 18 13.54 -24.67 21.54
CA GLN C 18 14.62 -23.81 21.00
C GLN C 18 15.26 -24.38 19.72
N ASP C 19 14.58 -25.35 19.09
CA ASP C 19 14.90 -25.77 17.71
C ASP C 19 14.73 -24.60 16.72
N PRO C 20 15.36 -24.68 15.53
CA PRO C 20 15.31 -23.52 14.63
C PRO C 20 13.92 -23.16 14.06
N ALA C 21 13.06 -24.12 13.87
CA ALA C 21 11.70 -23.83 13.42
C ALA C 21 10.92 -22.98 14.45
N MET C 22 11.05 -23.28 15.75
CA MET C 22 10.39 -22.45 16.80
C MET C 22 11.03 -21.08 16.91
N GLN C 23 12.35 -21.03 16.86
CA GLN C 23 13.05 -19.75 16.84
C GLN C 23 12.51 -18.82 15.75
N LYS C 24 12.36 -19.37 14.54
CA LYS C 24 11.85 -18.64 13.38
C LYS C 24 10.39 -18.16 13.59
N PHE C 25 9.56 -19.03 14.15
CA PHE C 25 8.17 -18.71 14.50
C PHE C 25 8.15 -17.48 15.41
N ARG C 26 9.12 -17.46 16.33
CA ARG C 26 9.22 -16.45 17.37
C ARG C 26 9.76 -15.18 16.77
N ASP C 27 10.90 -15.26 16.09
CA ASP C 27 11.55 -14.07 15.56
C ASP C 27 10.67 -13.37 14.52
N ASN C 28 9.85 -14.12 13.79
CA ASN C 28 8.84 -13.54 12.89
C ASN C 28 8.08 -12.38 13.53
N ARG C 29 7.62 -12.63 14.75
CA ARG C 29 6.85 -11.68 15.58
C ARG C 29 5.52 -11.12 15.04
N LEU C 30 5.53 -10.50 13.87
CA LEU C 30 4.32 -9.87 13.32
C LEU C 30 3.72 -10.73 12.23
N GLY C 31 2.49 -11.18 12.46
CA GLY C 31 1.74 -11.90 11.45
C GLY C 31 0.46 -11.19 11.07
N ALA C 32 -0.17 -11.71 10.02
CA ALA C 32 -1.51 -11.31 9.60
C ALA C 32 -2.42 -12.52 9.68
N PHE C 33 -3.68 -12.29 10.05
CA PHE C 33 -4.72 -13.33 10.00
C PHE C 33 -5.54 -13.07 8.73
N ILE C 34 -5.93 -14.13 8.05
CA ILE C 34 -6.90 -14.07 6.98
C ILE C 34 -8.10 -14.92 7.40
N HIS C 35 -9.25 -14.27 7.58
CA HIS C 35 -10.54 -14.92 7.72
C HIS C 35 -11.31 -14.75 6.43
N TRP C 36 -11.37 -15.83 5.64
CA TRP C 36 -12.09 -15.82 4.37
C TRP C 36 -12.93 -17.09 4.25
N GLY C 37 -14.24 -16.90 4.05
CA GLY C 37 -15.19 -18.00 4.01
C GLY C 37 -16.50 -17.52 3.42
N LEU C 38 -17.52 -18.37 3.44
CA LEU C 38 -18.81 -18.02 2.79
C LEU C 38 -19.44 -16.81 3.47
N TYR C 39 -19.17 -16.65 4.77
CA TYR C 39 -19.61 -15.48 5.52
C TYR C 39 -19.27 -14.16 4.83
N ALA C 40 -18.23 -14.11 3.99
CA ALA C 40 -17.91 -12.88 3.27
C ALA C 40 -18.98 -12.43 2.25
N ILE C 41 -19.82 -13.37 1.79
CA ILE C 41 -20.87 -13.05 0.79
C ILE C 41 -21.99 -12.16 1.43
N PRO C 42 -22.71 -12.69 2.44
CA PRO C 42 -23.65 -11.83 3.20
C PRO C 42 -23.03 -10.62 3.92
N GLY C 43 -21.74 -10.69 4.27
CA GLY C 43 -21.03 -9.54 4.86
C GLY C 43 -21.70 -8.98 6.09
N GLY C 44 -22.27 -9.85 6.91
CA GLY C 44 -22.98 -9.43 8.10
C GLY C 44 -24.47 -9.15 7.94
N GLU C 45 -24.96 -9.09 6.70
CA GLU C 45 -26.33 -8.73 6.41
C GLU C 45 -27.09 -9.96 5.99
N TRP C 46 -28.21 -10.23 6.65
CA TRP C 46 -29.07 -11.34 6.25
C TRP C 46 -30.53 -10.89 6.14
N ASN C 47 -31.23 -11.32 5.08
CA ASN C 47 -32.60 -10.85 4.80
C ASN C 47 -32.78 -9.35 5.08
N GLY C 48 -31.85 -8.53 4.59
CA GLY C 48 -31.92 -7.07 4.74
C GLY C 48 -31.51 -6.52 6.09
N LYS C 49 -31.39 -7.39 7.11
CA LYS C 49 -30.87 -7.00 8.42
C LYS C 49 -29.34 -7.12 8.48
N VAL C 50 -28.71 -6.07 8.99
CA VAL C 50 -27.29 -6.07 9.33
C VAL C 50 -27.18 -6.35 10.81
N TYR C 51 -26.45 -7.41 11.18
CA TYR C 51 -26.26 -7.78 12.58
C TYR C 51 -24.92 -7.27 13.08
N GLY C 52 -24.90 -6.74 14.31
CA GLY C 52 -23.70 -6.09 14.87
C GLY C 52 -22.63 -7.10 15.27
N GLY C 53 -23.07 -8.30 15.65
CA GLY C 53 -22.19 -9.46 15.87
C GLY C 53 -21.15 -9.75 14.79
N ALA C 54 -20.13 -10.52 15.15
CA ALA C 54 -19.04 -10.88 14.22
C ALA C 54 -19.60 -11.57 12.96
N ALA C 55 -19.22 -11.09 11.77
CA ALA C 55 -19.84 -11.51 10.50
C ALA C 55 -19.70 -12.99 10.21
N GLU C 56 -18.57 -13.55 10.63
CA GLU C 56 -18.30 -14.96 10.47
C GLU C 56 -19.18 -15.86 11.32
N TRP C 57 -19.92 -15.28 12.27
CA TRP C 57 -20.87 -16.03 13.08
C TRP C 57 -22.33 -15.72 12.67
N LEU C 58 -22.53 -15.08 11.52
CA LEU C 58 -23.87 -14.72 11.04
C LEU C 58 -24.86 -15.90 10.96
N LYS C 59 -24.38 -17.09 10.61
CA LYS C 59 -25.27 -18.24 10.59
C LYS C 59 -25.91 -18.43 11.97
N SER C 60 -25.17 -18.10 13.03
CA SER C 60 -25.72 -18.25 14.38
C SER C 60 -26.61 -17.08 14.76
N TRP C 61 -26.19 -15.86 14.46
CA TRP C 61 -26.98 -14.68 14.79
C TRP C 61 -28.35 -14.76 14.14
N ALA C 62 -28.35 -15.06 12.84
CA ALA C 62 -29.57 -15.07 12.03
C ALA C 62 -30.27 -16.42 12.06
N LYS C 63 -29.76 -17.38 12.83
CA LYS C 63 -30.38 -18.71 12.93
C LYS C 63 -30.63 -19.30 11.52
N VAL C 64 -29.59 -19.33 10.71
CA VAL C 64 -29.69 -19.84 9.35
C VAL C 64 -29.33 -21.32 9.34
N PRO C 65 -30.23 -22.19 8.85
CA PRO C 65 -29.91 -23.63 8.81
C PRO C 65 -28.75 -23.96 7.84
N ALA C 66 -28.06 -25.07 8.12
CA ALA C 66 -26.83 -25.46 7.42
C ALA C 66 -26.96 -25.43 5.91
N ASP C 67 -27.93 -26.20 5.40
CA ASP C 67 -28.16 -26.29 3.96
C ASP C 67 -28.35 -24.90 3.36
N GLU C 68 -29.15 -24.07 4.01
CA GLU C 68 -29.39 -22.73 3.51
C GLU C 68 -28.12 -21.87 3.52
N TRP C 69 -27.35 -21.96 4.62
CA TRP C 69 -26.06 -21.27 4.70
C TRP C 69 -25.07 -21.76 3.62
N LEU C 70 -24.95 -23.07 3.45
CA LEU C 70 -23.94 -23.64 2.54
C LEU C 70 -24.23 -23.43 1.05
N LYS C 71 -25.50 -23.13 0.72
CA LYS C 71 -25.89 -22.71 -0.62
C LYS C 71 -25.19 -21.43 -1.07
N LEU C 72 -24.58 -20.70 -0.13
CA LEU C 72 -23.77 -19.53 -0.47
C LEU C 72 -22.57 -19.91 -1.37
N MET C 73 -22.18 -21.19 -1.30
CA MET C 73 -21.20 -21.77 -2.24
C MET C 73 -21.43 -21.47 -3.71
N ASP C 74 -22.71 -21.34 -4.08
CA ASP C 74 -23.11 -21.11 -5.47
C ASP C 74 -22.81 -19.69 -5.93
N GLN C 75 -22.55 -18.81 -4.97
CA GLN C 75 -22.18 -17.44 -5.29
C GLN C 75 -20.70 -17.19 -5.00
N TRP C 76 -19.95 -18.23 -4.64
CA TRP C 76 -18.53 -18.06 -4.35
C TRP C 76 -17.78 -17.86 -5.65
N ASN C 77 -17.45 -16.62 -5.94
CA ASN C 77 -16.80 -16.33 -7.18
C ASN C 77 -15.95 -15.07 -7.08
N PRO C 78 -14.86 -15.12 -6.29
CA PRO C 78 -13.99 -13.98 -6.04
C PRO C 78 -13.24 -13.59 -7.28
N THR C 79 -13.94 -12.91 -8.18
CA THR C 79 -13.40 -12.62 -9.49
C THR C 79 -12.10 -11.79 -9.42
N LYS C 80 -11.97 -10.92 -8.42
CA LYS C 80 -10.78 -10.07 -8.27
C LYS C 80 -9.58 -10.69 -7.49
N PHE C 81 -9.69 -11.95 -7.06
CA PHE C 81 -8.62 -12.63 -6.32
C PHE C 81 -7.33 -12.74 -7.09
N ASP C 82 -6.22 -12.44 -6.43
CA ASP C 82 -4.91 -12.56 -7.05
C ASP C 82 -3.87 -12.84 -5.96
N ALA C 83 -3.44 -14.10 -5.88
CA ALA C 83 -2.67 -14.54 -4.72
C ALA C 83 -1.39 -13.74 -4.61
N LYS C 84 -0.76 -13.49 -5.74
CA LYS C 84 0.48 -12.74 -5.80
C LYS C 84 0.29 -11.33 -5.21
N LYS C 85 -0.88 -10.75 -5.46
CA LYS C 85 -1.17 -9.42 -4.98
C LYS C 85 -1.35 -9.46 -3.47
N TRP C 86 -2.05 -10.48 -2.96
CA TRP C 86 -2.18 -10.68 -1.51
C TRP C 86 -0.79 -10.82 -0.83
N ALA C 87 0.12 -11.59 -1.43
CA ALA C 87 1.47 -11.78 -0.87
C ALA C 87 2.27 -10.48 -0.88
N LYS C 88 2.13 -9.73 -1.97
CA LYS C 88 2.74 -8.42 -2.08
C LYS C 88 2.24 -7.45 -1.00
N MET C 89 0.93 -7.41 -0.80
CA MET C 89 0.33 -6.60 0.28
C MET C 89 0.94 -6.97 1.62
N ALA C 90 1.12 -8.26 1.88
CA ALA C 90 1.70 -8.73 3.14
C ALA C 90 3.14 -8.29 3.23
N LYS C 91 3.89 -8.42 2.14
CA LYS C 91 5.27 -8.06 2.20
C LYS C 91 5.44 -6.57 2.54
N GLU C 92 4.62 -5.71 1.94
CA GLU C 92 4.71 -4.27 2.14
C GLU C 92 4.28 -3.88 3.54
N MET C 93 3.35 -4.65 4.12
CA MET C 93 2.96 -4.43 5.51
C MET C 93 4.08 -4.78 6.48
N GLY C 94 5.01 -5.64 6.07
CA GLY C 94 6.11 -6.09 6.91
C GLY C 94 5.77 -7.35 7.70
N THR C 95 4.65 -7.99 7.36
CA THR C 95 4.25 -9.24 7.98
C THR C 95 5.16 -10.40 7.56
N LYS C 96 5.71 -11.11 8.53
CA LYS C 96 6.59 -12.22 8.25
C LYS C 96 5.86 -13.55 8.12
N TYR C 97 4.56 -13.57 8.47
CA TYR C 97 3.74 -14.78 8.34
C TYR C 97 2.25 -14.49 8.28
N VAL C 98 1.51 -15.36 7.60
CA VAL C 98 0.04 -15.21 7.50
C VAL C 98 -0.63 -16.47 7.97
N LYS C 99 -1.61 -16.34 8.85
CA LYS C 99 -2.39 -17.50 9.30
C LYS C 99 -3.70 -17.47 8.52
N ILE C 100 -4.03 -18.56 7.84
CA ILE C 100 -5.20 -18.60 6.97
C ILE C 100 -6.30 -19.57 7.47
N THR C 101 -7.56 -19.12 7.41
CA THR C 101 -8.68 -19.99 7.70
C THR C 101 -8.79 -21.02 6.60
N THR C 102 -8.33 -22.23 6.89
CA THR C 102 -8.48 -23.32 5.94
C THR C 102 -9.95 -23.78 5.96
N LYS C 103 -10.53 -23.82 7.16
CA LYS C 103 -11.96 -24.10 7.37
C LYS C 103 -12.37 -23.40 8.67
N HIS C 104 -13.41 -22.58 8.63
CA HIS C 104 -13.96 -21.93 9.82
C HIS C 104 -15.18 -22.72 10.36
N HIS C 105 -15.89 -22.19 11.35
CA HIS C 105 -16.96 -22.96 12.01
C HIS C 105 -18.00 -23.48 10.99
N GLU C 106 -18.25 -22.68 9.96
CA GLU C 106 -19.19 -23.03 8.89
C GLU C 106 -18.88 -24.33 8.11
N GLY C 107 -17.61 -24.69 8.04
CA GLY C 107 -17.24 -26.04 7.58
C GLY C 107 -16.86 -26.04 6.11
N PHE C 108 -16.90 -24.87 5.50
CA PHE C 108 -16.50 -24.66 4.12
C PHE C 108 -14.97 -24.60 4.00
N CYS C 109 -14.40 -25.51 3.22
CA CYS C 109 -12.96 -25.65 3.07
C CYS C 109 -12.42 -24.81 1.90
N LEU C 110 -11.30 -24.15 2.14
CA LEU C 110 -10.67 -23.31 1.13
C LEU C 110 -9.68 -24.09 0.26
N TRP C 111 -9.51 -25.37 0.56
CA TRP C 111 -8.79 -26.32 -0.28
C TRP C 111 -9.78 -27.43 -0.63
N PRO C 112 -9.62 -28.06 -1.80
CA PRO C 112 -10.57 -29.06 -2.31
C PRO C 112 -10.44 -30.39 -1.59
N SER C 113 -10.87 -30.40 -0.33
CA SER C 113 -10.77 -31.60 0.45
C SER C 113 -11.53 -32.75 -0.20
N LYS C 114 -10.93 -33.92 -0.10
CA LYS C 114 -11.55 -35.17 -0.51
C LYS C 114 -12.70 -35.62 0.42
N TYR C 115 -12.84 -34.99 1.60
CA TYR C 115 -13.69 -35.54 2.67
C TYR C 115 -15.01 -34.83 2.90
N THR C 116 -15.28 -33.82 2.07
CA THR C 116 -16.56 -33.15 2.09
C THR C 116 -16.76 -32.45 0.77
N LYS C 117 -18.03 -32.18 0.47
CA LYS C 117 -18.43 -31.54 -0.77
C LYS C 117 -18.51 -30.01 -0.64
N TYR C 118 -18.45 -29.55 0.60
CA TYR C 118 -18.47 -28.13 0.94
C TYR C 118 -17.05 -27.55 0.86
N THR C 119 -16.55 -27.41 -0.36
CA THR C 119 -15.23 -26.85 -0.58
C THR C 119 -15.21 -25.93 -1.78
N VAL C 120 -14.09 -25.23 -1.96
CA VAL C 120 -13.82 -24.39 -3.12
C VAL C 120 -13.96 -25.09 -4.48
N ALA C 121 -13.77 -26.40 -4.52
CA ALA C 121 -13.90 -27.17 -5.76
C ALA C 121 -15.31 -27.06 -6.31
N ASN C 122 -16.31 -27.15 -5.40
CA ASN C 122 -17.73 -27.03 -5.74
C ASN C 122 -18.31 -25.62 -5.71
N THR C 123 -17.66 -24.70 -6.40
CA THR C 123 -18.11 -23.32 -6.49
C THR C 123 -17.90 -22.88 -7.94
N PRO C 124 -18.57 -21.81 -8.38
CA PRO C 124 -18.19 -21.28 -9.68
C PRO C 124 -16.68 -21.00 -9.85
N TYR C 125 -16.00 -20.64 -8.75
CA TYR C 125 -14.59 -20.25 -8.86
C TYR C 125 -13.69 -21.46 -9.06
N LYS C 126 -13.96 -22.52 -8.32
CA LYS C 126 -13.34 -23.83 -8.53
C LYS C 126 -11.90 -24.02 -8.06
N ARG C 127 -11.08 -22.97 -8.11
CA ARG C 127 -9.65 -23.10 -7.84
C ARG C 127 -9.29 -23.31 -6.38
N ASP C 128 -8.13 -23.93 -6.18
CA ASP C 128 -7.59 -24.18 -4.86
C ASP C 128 -7.03 -22.88 -4.24
N ILE C 129 -7.92 -22.10 -3.65
CA ILE C 129 -7.54 -20.83 -3.00
C ILE C 129 -6.38 -21.02 -2.03
N LEU C 130 -6.50 -22.02 -1.16
CA LEU C 130 -5.49 -22.26 -0.15
C LEU C 130 -4.12 -22.49 -0.77
N GLY C 131 -4.07 -23.39 -1.76
CA GLY C 131 -2.83 -23.75 -2.42
C GLY C 131 -2.22 -22.59 -3.17
N GLU C 132 -3.06 -21.72 -3.73
CA GLU C 132 -2.53 -20.55 -4.41
C GLU C 132 -1.95 -19.56 -3.43
N LEU C 133 -2.61 -19.34 -2.30
CA LEU C 133 -2.05 -18.44 -1.29
C LEU C 133 -0.75 -18.97 -0.70
N VAL C 134 -0.68 -20.27 -0.44
CA VAL C 134 0.54 -20.89 0.11
C VAL C 134 1.72 -20.63 -0.81
N LYS C 135 1.54 -20.89 -2.10
CA LYS C 135 2.59 -20.64 -3.08
C LYS C 135 3.05 -19.17 -3.11
N ALA C 136 2.11 -18.25 -3.22
CA ALA C 136 2.44 -16.83 -3.38
C ALA C 136 3.12 -16.24 -2.13
N TYR C 137 2.60 -16.60 -0.95
CA TYR C 137 3.21 -16.14 0.30
C TYR C 137 4.65 -16.68 0.45
N ASN C 138 4.83 -17.99 0.21
CA ASN C 138 6.16 -18.58 0.26
C ASN C 138 7.14 -17.94 -0.71
N ASP C 139 6.67 -17.63 -1.93
CA ASP C 139 7.54 -16.99 -2.92
C ASP C 139 8.02 -15.62 -2.46
N GLU C 140 7.28 -14.97 -1.54
CA GLU C 140 7.71 -13.69 -0.96
C GLU C 140 8.52 -13.87 0.33
N GLY C 141 8.88 -15.11 0.67
CA GLY C 141 9.59 -15.37 1.91
C GLY C 141 8.73 -15.26 3.17
N ILE C 142 7.41 -15.39 3.00
CA ILE C 142 6.43 -15.33 4.11
C ILE C 142 6.01 -16.75 4.49
N ASP C 143 6.12 -17.10 5.78
CA ASP C 143 5.67 -18.41 6.23
C ASP C 143 4.15 -18.49 6.26
N VAL C 144 3.61 -19.69 6.03
CA VAL C 144 2.16 -19.88 6.12
C VAL C 144 1.75 -20.79 7.28
N HIS C 145 0.74 -20.35 8.04
CA HIS C 145 0.21 -21.09 9.19
C HIS C 145 -1.23 -21.37 8.86
N PHE C 146 -1.73 -22.53 9.27
CA PHE C 146 -3.09 -22.94 8.95
C PHE C 146 -3.97 -22.84 10.20
N TYR C 147 -4.96 -21.97 10.12
CA TYR C 147 -6.09 -21.94 11.07
C TYR C 147 -7.00 -23.09 10.74
N PHE C 148 -7.47 -23.82 11.77
CA PHE C 148 -8.38 -24.95 11.59
C PHE C 148 -9.43 -25.03 12.71
N SER C 149 -10.69 -24.83 12.36
CA SER C 149 -11.78 -24.92 13.33
C SER C 149 -12.21 -26.38 13.49
N VAL C 150 -12.02 -26.93 14.69
CA VAL C 150 -12.48 -28.28 14.97
C VAL C 150 -14.00 -28.33 14.94
N MET C 151 -14.65 -27.46 15.71
CA MET C 151 -16.10 -27.27 15.63
C MET C 151 -16.48 -27.02 14.19
N ASP C 152 -17.41 -27.83 13.67
CA ASP C 152 -17.79 -27.80 12.24
C ASP C 152 -19.31 -27.91 12.12
N TRP C 153 -19.96 -26.81 11.77
CA TRP C 153 -21.42 -26.75 11.69
C TRP C 153 -22.03 -27.40 10.42
N SER C 154 -21.22 -27.98 9.53
CA SER C 154 -21.72 -28.63 8.31
C SER C 154 -21.75 -30.17 8.39
N ASN C 155 -21.16 -30.73 9.43
CA ASN C 155 -21.06 -32.17 9.55
C ASN C 155 -22.03 -32.68 10.61
N PRO C 156 -23.01 -33.50 10.19
CA PRO C 156 -24.04 -33.98 11.11
C PRO C 156 -23.51 -34.76 12.31
N ASP C 157 -22.28 -35.29 12.23
CA ASP C 157 -21.72 -36.08 13.31
C ASP C 157 -21.07 -35.26 14.42
N TYR C 158 -21.00 -33.95 14.24
CA TYR C 158 -20.38 -33.11 15.25
C TYR C 158 -21.30 -33.12 16.46
N ARG C 159 -20.72 -33.09 17.65
CA ARG C 159 -21.48 -33.03 18.88
C ARG C 159 -20.87 -31.99 19.83
N TYR C 160 -21.74 -31.27 20.54
CA TYR C 160 -21.30 -30.23 21.48
C TYR C 160 -20.97 -30.81 22.85
N ASP C 161 -21.55 -31.99 23.12
CA ASP C 161 -21.31 -32.70 24.36
C ASP C 161 -21.45 -34.23 24.09
N ILE C 162 -20.79 -35.05 24.90
CA ILE C 162 -20.96 -36.50 24.87
C ILE C 162 -21.81 -36.96 26.08
N LYS C 163 -23.12 -37.06 25.84
CA LYS C 163 -24.07 -37.47 26.87
C LYS C 163 -24.48 -38.96 26.77
N SER C 164 -24.34 -39.54 25.56
CA SER C 164 -24.75 -40.93 25.27
C SER C 164 -23.70 -41.69 24.44
N LYS C 165 -23.89 -43.01 24.33
CA LYS C 165 -23.05 -43.83 23.42
C LYS C 165 -23.30 -43.41 21.99
N GLU C 166 -24.53 -42.96 21.70
CA GLU C 166 -24.81 -42.45 20.38
C GLU C 166 -23.92 -41.24 20.10
N ASP C 167 -23.92 -40.25 21.01
CA ASP C 167 -23.04 -39.09 20.90
C ASP C 167 -21.56 -39.50 20.74
N SER C 168 -21.15 -40.51 21.49
CA SER C 168 -19.76 -40.93 21.50
C SER C 168 -19.36 -41.56 20.15
N ILE C 169 -20.27 -42.35 19.59
CA ILE C 169 -20.12 -42.93 18.26
C ILE C 169 -20.10 -41.87 17.15
N ALA C 170 -21.10 -41.01 17.12
CA ALA C 170 -21.09 -39.94 16.12
C ALA C 170 -19.79 -39.15 16.22
N PHE C 171 -19.36 -38.83 17.44
CA PHE C 171 -18.21 -37.94 17.60
C PHE C 171 -16.93 -38.62 17.12
N SER C 172 -16.83 -39.92 17.36
CA SER C 172 -15.76 -40.76 16.84
C SER C 172 -15.65 -40.68 15.30
N ARG C 173 -16.77 -40.72 14.60
CA ARG C 173 -16.77 -40.57 13.14
C ARG C 173 -16.29 -39.15 12.79
N PHE C 174 -16.76 -38.18 13.56
CA PHE C 174 -16.38 -36.80 13.37
C PHE C 174 -14.88 -36.62 13.56
N LEU C 175 -14.31 -37.21 14.59
CA LEU C 175 -12.89 -37.07 14.86
C LEU C 175 -12.00 -37.78 13.84
N GLU C 176 -12.52 -38.83 13.22
CA GLU C 176 -11.78 -39.52 12.19
C GLU C 176 -11.70 -38.67 10.94
N PHE C 177 -12.84 -38.08 10.59
CA PHE C 177 -12.99 -37.12 9.49
C PHE C 177 -12.11 -35.88 9.67
N THR C 178 -11.93 -35.48 10.93
CA THR C 178 -11.08 -34.37 11.25
C THR C 178 -9.62 -34.75 11.04
N ASP C 179 -9.24 -35.93 11.53
CA ASP C 179 -7.90 -36.45 11.31
C ASP C 179 -7.62 -36.48 9.80
N ASN C 180 -8.58 -37.01 9.03
CA ASN C 180 -8.43 -37.08 7.56
C ASN C 180 -8.15 -35.73 6.90
N GLN C 181 -8.87 -34.69 7.31
CA GLN C 181 -8.62 -33.35 6.78
C GLN C 181 -7.25 -32.85 7.22
N LEU C 182 -6.89 -33.11 8.48
CA LEU C 182 -5.63 -32.64 9.00
C LEU C 182 -4.46 -33.27 8.27
N LYS C 183 -4.49 -34.58 8.08
CA LYS C 183 -3.44 -35.26 7.31
C LYS C 183 -3.37 -34.76 5.88
N GLU C 184 -4.52 -34.58 5.26
CA GLU C 184 -4.62 -34.07 3.91
C GLU C 184 -3.93 -32.70 3.77
N LEU C 185 -4.16 -31.77 4.72
CA LEU C 185 -3.49 -30.46 4.75
C LEU C 185 -1.98 -30.61 4.99
N ALA C 186 -1.60 -31.46 5.93
CA ALA C 186 -0.17 -31.59 6.23
C ALA C 186 0.57 -32.14 5.00
N THR C 187 -0.04 -33.07 4.27
CA THR C 187 0.63 -33.73 3.11
C THR C 187 0.52 -32.98 1.76
N ARG C 188 -0.60 -32.30 1.49
CA ARG C 188 -0.75 -31.48 0.26
C ARG C 188 0.12 -30.21 0.29
N TYR C 189 0.29 -29.66 1.50
CA TYR C 189 0.92 -28.36 1.70
C TYR C 189 2.01 -28.46 2.76
N PRO C 190 3.10 -29.17 2.43
CA PRO C 190 4.10 -29.49 3.45
C PRO C 190 5.01 -28.33 3.88
N THR C 191 4.84 -27.13 3.30
CA THR C 191 5.57 -25.94 3.78
C THR C 191 4.89 -25.23 4.98
N VAL C 192 3.72 -25.74 5.39
CA VAL C 192 2.97 -25.21 6.53
C VAL C 192 3.87 -25.24 7.74
N LYS C 193 3.90 -24.17 8.53
CA LYS C 193 4.78 -24.06 9.71
C LYS C 193 4.05 -24.15 11.05
N ASP C 194 2.71 -24.11 11.00
CA ASP C 194 1.91 -24.03 12.21
C ASP C 194 0.49 -24.47 11.92
N PHE C 195 -0.09 -25.22 12.85
CA PHE C 195 -1.53 -25.40 12.90
C PHE C 195 -2.11 -24.70 14.14
N TRP C 196 -3.06 -23.80 13.90
CA TRP C 196 -3.71 -23.03 14.97
C TRP C 196 -5.16 -23.49 15.07
N PHE C 197 -5.42 -24.34 16.04
CA PHE C 197 -6.73 -24.93 16.23
C PHE C 197 -7.63 -23.94 16.96
N ASP C 198 -8.87 -23.83 16.48
CA ASP C 198 -9.91 -23.01 17.08
C ASP C 198 -11.18 -23.85 17.26
N GLY C 199 -12.16 -23.32 17.98
CA GLY C 199 -13.42 -24.04 18.18
C GLY C 199 -13.24 -25.40 18.83
N THR C 200 -12.41 -25.42 19.86
CA THR C 200 -12.12 -26.60 20.60
C THR C 200 -12.56 -26.45 22.05
N TRP C 201 -13.53 -25.58 22.32
CA TRP C 201 -13.96 -25.34 23.71
C TRP C 201 -15.16 -26.19 24.16
N ASP C 202 -15.90 -26.76 23.20
CA ASP C 202 -17.08 -27.54 23.53
C ASP C 202 -16.74 -28.71 24.44
N ALA C 203 -17.71 -29.14 25.24
CA ALA C 203 -17.52 -30.23 26.20
C ALA C 203 -17.15 -31.56 25.52
N SER C 204 -17.58 -31.73 24.28
CA SER C 204 -17.23 -32.91 23.51
C SER C 204 -15.71 -33.04 23.37
N VAL C 205 -15.08 -31.96 22.96
CA VAL C 205 -13.63 -31.95 22.83
C VAL C 205 -12.94 -32.09 24.19
N LYS C 206 -13.45 -31.40 25.21
CA LYS C 206 -12.90 -31.49 26.57
C LYS C 206 -12.88 -32.94 27.07
N LYS C 207 -13.93 -33.70 26.75
CA LYS C 207 -14.02 -35.10 27.19
C LYS C 207 -13.14 -36.04 26.36
N ASN C 208 -12.43 -35.53 25.37
CA ASN C 208 -11.64 -36.35 24.47
C ASN C 208 -10.23 -35.79 24.32
N GLY C 209 -9.61 -35.52 25.46
CA GLY C 209 -8.30 -34.93 25.51
C GLY C 209 -7.25 -35.78 24.84
N TRP C 210 -7.48 -37.09 24.84
CA TRP C 210 -6.62 -38.05 24.17
C TRP C 210 -6.51 -37.66 22.70
N TRP C 211 -7.64 -37.25 22.11
CA TRP C 211 -7.64 -36.92 20.71
C TRP C 211 -6.73 -35.72 20.45
N THR C 212 -6.81 -34.69 21.31
CA THR C 212 -6.01 -33.48 21.12
C THR C 212 -4.51 -33.80 21.13
N ALA C 213 -4.08 -34.64 22.07
CA ALA C 213 -2.68 -35.03 22.14
C ALA C 213 -2.27 -35.81 20.88
N HIS C 214 -3.17 -36.66 20.41
CA HIS C 214 -2.97 -37.45 19.20
C HIS C 214 -2.87 -36.56 17.97
N ALA C 215 -3.69 -35.50 17.94
CA ALA C 215 -3.68 -34.53 16.84
C ALA C 215 -2.35 -33.83 16.74
N GLU C 216 -1.86 -33.31 17.86
CA GLU C 216 -0.52 -32.71 17.97
C GLU C 216 0.58 -33.64 17.48
N GLN C 217 0.60 -34.83 18.05
CA GLN C 217 1.66 -35.78 17.78
C GLN C 217 1.68 -36.17 16.31
N MET C 218 0.51 -36.52 15.82
CA MET C 218 0.35 -36.94 14.44
C MET C 218 0.88 -35.89 13.45
N LEU C 219 0.61 -34.62 13.74
CA LEU C 219 0.97 -33.56 12.82
C LEU C 219 2.48 -33.28 12.91
N LYS C 220 3.04 -33.42 14.10
CA LYS C 220 4.47 -33.19 14.28
C LYS C 220 5.30 -34.26 13.57
N GLU C 221 4.74 -35.45 13.44
CA GLU C 221 5.35 -36.53 12.69
C GLU C 221 5.25 -36.28 11.20
N LEU C 222 4.12 -35.80 10.74
CA LEU C 222 3.93 -35.50 9.34
C LEU C 222 4.69 -34.23 8.87
N VAL C 223 4.94 -33.28 9.77
CA VAL C 223 5.53 -31.99 9.40
C VAL C 223 6.72 -31.60 10.32
N PRO C 224 7.93 -31.94 9.91
CA PRO C 224 9.03 -31.71 10.86
C PRO C 224 9.07 -30.25 11.31
N GLY C 225 9.14 -30.04 12.62
CA GLY C 225 9.28 -28.69 13.16
C GLY C 225 8.01 -27.87 13.34
N VAL C 226 6.86 -28.38 12.88
CA VAL C 226 5.61 -27.63 12.96
C VAL C 226 5.26 -27.20 14.40
N ALA C 227 4.71 -26.00 14.50
CA ALA C 227 4.19 -25.48 15.76
C ALA C 227 2.74 -25.89 15.91
N ILE C 228 2.32 -26.15 17.13
CA ILE C 228 0.93 -26.40 17.47
C ILE C 228 0.51 -25.53 18.69
N ASN C 229 -0.65 -24.87 18.56
CA ASN C 229 -1.09 -23.93 19.58
C ASN C 229 -1.77 -24.60 20.77
N SER C 230 -1.74 -23.93 21.93
CA SER C 230 -2.31 -24.48 23.16
C SER C 230 -3.82 -24.70 23.06
N ARG C 231 -4.50 -23.89 22.25
CA ARG C 231 -5.98 -23.96 22.15
C ARG C 231 -6.51 -25.32 21.74
N LEU C 232 -5.68 -26.08 21.02
CA LEU C 232 -5.98 -27.46 20.62
C LEU C 232 -6.24 -28.37 21.81
N ARG C 233 -5.48 -28.17 22.87
CA ARG C 233 -5.17 -29.23 23.81
C ARG C 233 -6.04 -29.20 25.07
N ALA C 234 -6.67 -30.35 25.35
CA ALA C 234 -7.23 -30.67 26.68
C ALA C 234 -6.54 -31.89 27.27
N ASP C 235 -6.35 -31.87 28.60
CA ASP C 235 -5.75 -33.01 29.28
C ASP C 235 -6.86 -34.01 29.66
N ASP C 236 -6.49 -34.99 30.48
CA ASP C 236 -7.39 -36.09 30.87
C ASP C 236 -8.63 -35.61 31.59
N LYS C 237 -8.46 -34.56 32.40
CA LYS C 237 -9.54 -34.03 33.22
C LYS C 237 -10.40 -33.00 32.47
N GLY C 238 -10.02 -32.71 31.23
CA GLY C 238 -10.73 -31.73 30.42
C GLY C 238 -10.21 -30.32 30.56
N LYS C 239 -9.10 -30.13 31.27
CA LYS C 239 -8.55 -28.77 31.43
C LYS C 239 -7.86 -28.36 30.12
N ARG C 240 -8.13 -27.15 29.64
CA ARG C 240 -7.59 -26.68 28.35
C ARG C 240 -6.42 -25.70 28.45
N HIS C 241 -5.68 -25.57 27.36
CA HIS C 241 -4.46 -24.73 27.27
C HIS C 241 -3.31 -25.20 28.18
N PHE C 242 -3.56 -25.12 29.49
CA PHE C 242 -2.60 -25.50 30.52
C PHE C 242 -3.23 -26.71 31.17
N ASP C 243 -2.43 -27.73 31.46
CA ASP C 243 -2.99 -28.96 32.04
C ASP C 243 -3.28 -28.84 33.56
N SER C 244 -3.73 -29.95 34.16
CA SER C 244 -4.19 -29.96 35.54
C SER C 244 -3.10 -29.73 36.57
N ASN C 245 -1.83 -29.80 36.14
CA ASN C 245 -0.69 -29.43 36.96
C ASN C 245 -0.12 -28.03 36.65
N GLY C 246 -0.85 -27.25 35.86
CA GLY C 246 -0.45 -25.89 35.52
C GLY C 246 0.63 -25.76 34.45
N ARG C 247 0.86 -26.83 33.68
CA ARG C 247 1.87 -26.82 32.59
C ARG C 247 1.25 -26.55 31.19
N LEU C 248 1.82 -25.61 30.45
CA LEU C 248 1.36 -25.24 29.11
C LEU C 248 1.36 -26.45 28.16
N MET C 249 0.24 -26.75 27.52
CA MET C 249 0.22 -27.77 26.48
C MET C 249 0.41 -27.11 25.13
N GLY C 250 0.91 -27.88 24.17
CA GLY C 250 1.26 -27.35 22.85
C GLY C 250 2.53 -26.54 22.96
N ASP C 251 2.87 -25.83 21.89
CA ASP C 251 4.17 -25.17 21.77
C ASP C 251 4.15 -23.69 22.12
N TYR C 252 2.95 -23.13 22.26
CA TYR C 252 2.76 -21.69 22.53
C TYR C 252 1.39 -21.39 22.99
N GLU C 253 1.31 -20.46 23.94
CA GLU C 253 0.04 -20.05 24.52
C GLU C 253 -0.72 -19.13 23.54
N SER C 254 -2.03 -19.34 23.44
CA SER C 254 -2.81 -18.79 22.34
C SER C 254 -4.20 -18.35 22.74
N GLY C 255 -4.37 -17.82 23.95
CA GLY C 255 -5.67 -17.40 24.46
C GLY C 255 -5.91 -15.87 24.54
N TYR C 256 -4.92 -15.08 24.10
CA TYR C 256 -4.97 -13.67 24.14
C TYR C 256 -5.53 -13.22 22.82
N GLU C 257 -6.86 -13.13 22.82
CA GLU C 257 -7.63 -12.88 21.62
C GLU C 257 -8.41 -11.60 21.85
N ARG C 258 -8.00 -10.54 21.17
CA ARG C 258 -8.59 -9.21 21.40
C ARG C 258 -8.39 -8.72 22.84
N ARG C 259 -7.44 -9.30 23.54
CA ARG C 259 -6.99 -8.78 24.81
C ARG C 259 -5.50 -9.05 24.88
N LEU C 260 -4.83 -8.44 25.86
CA LEU C 260 -3.37 -8.54 26.04
C LEU C 260 -2.98 -8.57 27.51
N PRO C 261 -1.85 -9.23 27.83
CA PRO C 261 -1.41 -9.28 29.22
C PRO C 261 -0.97 -7.92 29.73
N ASP C 262 -1.25 -7.67 31.01
CA ASP C 262 -0.88 -6.45 31.67
C ASP C 262 0.64 -6.39 31.87
N PRO C 263 1.29 -5.30 31.42
CA PRO C 263 2.74 -5.22 31.42
C PRO C 263 3.41 -5.09 32.77
N VAL C 264 2.65 -4.84 33.84
CA VAL C 264 3.19 -4.87 35.19
C VAL C 264 2.79 -6.15 35.93
N LYS C 265 1.55 -6.60 35.77
CA LYS C 265 0.99 -7.67 36.59
C LYS C 265 1.02 -9.08 35.97
N ASP C 266 1.27 -9.20 34.67
CA ASP C 266 1.19 -10.50 34.00
C ASP C 266 2.53 -10.89 33.38
N LEU C 267 3.63 -10.63 34.09
CA LEU C 267 4.95 -10.93 33.59
C LEU C 267 5.25 -12.43 33.49
N LYS C 268 4.44 -13.26 34.14
CA LYS C 268 4.45 -14.71 33.94
C LYS C 268 4.48 -15.18 32.46
N VAL C 269 3.85 -14.40 31.56
CA VAL C 269 3.74 -14.78 30.15
C VAL C 269 5.13 -14.86 29.49
N THR C 270 6.09 -14.15 30.07
CA THR C 270 7.47 -14.19 29.58
C THR C 270 8.16 -15.54 29.75
N GLN C 271 7.54 -16.44 30.50
CA GLN C 271 8.13 -17.76 30.71
C GLN C 271 7.82 -18.75 29.57
N TRP C 272 6.91 -18.39 28.67
CA TRP C 272 6.55 -19.28 27.59
C TRP C 272 6.34 -18.54 26.30
N ASP C 273 6.42 -19.26 25.20
CA ASP C 273 6.14 -18.66 23.89
C ASP C 273 4.64 -18.40 23.86
N TRP C 274 4.23 -17.32 23.23
CA TRP C 274 2.81 -17.02 23.04
C TRP C 274 2.55 -16.08 21.85
N GLU C 275 1.28 -16.07 21.45
CA GLU C 275 0.88 -15.30 20.28
C GLU C 275 -0.52 -14.76 20.56
N ALA C 276 -0.65 -13.46 20.36
CA ALA C 276 -1.93 -12.78 20.40
C ALA C 276 -2.47 -12.57 18.98
N CYS C 277 -3.79 -12.50 18.88
CA CYS C 277 -4.42 -12.13 17.65
C CYS C 277 -5.35 -10.96 17.93
N MET C 278 -5.60 -10.13 16.92
CA MET C 278 -6.45 -8.93 17.12
C MET C 278 -7.24 -8.54 15.89
N THR C 279 -8.42 -7.93 16.14
CA THR C 279 -9.24 -7.36 15.07
C THR C 279 -9.06 -5.86 14.98
N ILE C 280 -9.41 -5.29 13.81
CA ILE C 280 -9.32 -3.84 13.64
C ILE C 280 -10.53 -3.14 14.30
N PRO C 281 -11.76 -3.55 13.93
CA PRO C 281 -12.87 -3.13 14.76
C PRO C 281 -12.88 -3.87 16.09
N GLU C 282 -13.95 -3.71 16.86
CA GLU C 282 -14.05 -4.35 18.16
C GLU C 282 -14.05 -5.88 18.09
N ASN C 283 -14.82 -6.41 17.16
CA ASN C 283 -14.96 -7.86 17.05
C ASN C 283 -15.57 -8.24 15.70
N GLN C 284 -14.81 -7.99 14.65
CA GLN C 284 -15.10 -8.54 13.34
C GLN C 284 -13.83 -9.20 12.80
N TRP C 285 -13.93 -10.50 12.53
CA TRP C 285 -12.87 -11.29 11.91
C TRP C 285 -13.17 -11.50 10.43
N GLY C 286 -14.31 -12.11 10.13
CA GLY C 286 -14.80 -12.17 8.75
C GLY C 286 -15.20 -10.77 8.22
N TYR C 287 -15.25 -10.62 6.91
CA TYR C 287 -15.71 -9.39 6.28
C TYR C 287 -17.11 -8.99 6.74
N HIS C 288 -17.22 -7.76 7.24
CA HIS C 288 -18.48 -7.14 7.61
C HIS C 288 -18.67 -5.84 6.84
N LYS C 289 -19.82 -5.68 6.19
CA LYS C 289 -20.01 -4.56 5.26
C LYS C 289 -20.18 -3.19 5.94
N ASP C 290 -20.53 -3.16 7.23
CA ASP C 290 -20.64 -1.86 7.94
C ASP C 290 -19.74 -1.75 9.18
N TRP C 291 -18.55 -1.19 9.02
CA TRP C 291 -17.66 -1.00 10.16
C TRP C 291 -18.07 0.16 11.09
N SER C 292 -19.02 0.99 10.64
CA SER C 292 -19.55 2.10 11.46
C SER C 292 -20.27 1.64 12.73
N LEU C 293 -20.51 0.33 12.90
CA LEU C 293 -21.25 -0.17 14.05
C LEU C 293 -20.44 -0.38 15.33
N SER C 294 -19.12 -0.23 15.27
CA SER C 294 -18.29 -0.39 16.47
C SER C 294 -17.02 0.38 16.28
N TYR C 295 -16.24 0.49 17.35
CA TYR C 295 -15.03 1.29 17.29
C TYR C 295 -13.99 0.62 16.43
N VAL C 296 -13.37 1.41 15.56
CA VAL C 296 -12.37 0.95 14.61
C VAL C 296 -10.99 1.51 14.99
N LYS C 297 -10.04 0.61 15.26
CA LYS C 297 -8.73 1.03 15.73
C LYS C 297 -8.01 1.82 14.65
N THR C 298 -7.29 2.86 15.05
CA THR C 298 -6.38 3.57 14.18
C THR C 298 -5.02 2.84 14.08
N PRO C 299 -4.24 3.13 13.03
CA PRO C 299 -2.93 2.54 12.91
C PRO C 299 -2.09 2.55 14.20
N ILE C 300 -1.94 3.71 14.83
CA ILE C 300 -1.11 3.80 16.03
C ILE C 300 -1.61 2.91 17.13
N GLU C 301 -2.94 2.77 17.25
CA GLU C 301 -3.54 1.87 18.24
C GLU C 301 -3.23 0.40 17.95
N VAL C 302 -3.08 0.04 16.66
CA VAL C 302 -2.69 -1.32 16.31
C VAL C 302 -1.18 -1.48 16.59
N ILE C 303 -0.36 -0.50 16.21
CA ILE C 303 1.10 -0.57 16.45
C ILE C 303 1.50 -0.66 17.93
N ASP C 304 0.77 0.05 18.78
CA ASP C 304 0.89 -0.08 20.21
C ASP C 304 0.71 -1.54 20.68
N ARG C 305 -0.32 -2.20 20.18
CA ARG C 305 -0.62 -3.58 20.55
C ARG C 305 0.44 -4.53 20.04
N ILE C 306 0.94 -4.26 18.85
CA ILE C 306 1.98 -5.07 18.31
C ILE C 306 3.17 -4.99 19.24
N VAL C 307 3.59 -3.77 19.55
CA VAL C 307 4.81 -3.56 20.34
C VAL C 307 4.58 -4.05 21.79
N HIS C 308 3.38 -3.85 22.30
CA HIS C 308 3.02 -4.35 23.63
C HIS C 308 3.30 -5.85 23.68
N ALA C 309 2.85 -6.61 22.68
CA ALA C 309 3.13 -8.06 22.65
C ALA C 309 4.63 -8.42 22.60
N VAL C 310 5.35 -7.88 21.64
CA VAL C 310 6.79 -8.18 21.54
C VAL C 310 7.46 -7.88 22.89
N SER C 311 7.11 -6.73 23.48
CA SER C 311 7.66 -6.30 24.77
C SER C 311 7.48 -7.28 25.92
N MET C 312 6.55 -8.21 25.79
CA MET C 312 6.32 -9.24 26.81
C MET C 312 6.58 -10.65 26.30
N GLY C 313 7.35 -10.72 25.23
CA GLY C 313 7.84 -11.96 24.67
C GLY C 313 6.89 -12.72 23.77
N GLY C 314 5.89 -12.02 23.23
CA GLY C 314 4.87 -12.64 22.37
C GLY C 314 4.75 -12.12 20.94
N ASN C 315 4.11 -12.94 20.10
CA ASN C 315 3.76 -12.57 18.73
C ASN C 315 2.42 -11.82 18.70
N MET C 316 2.23 -11.00 17.66
CA MET C 316 0.95 -10.38 17.40
C MET C 316 0.57 -10.64 15.95
N VAL C 317 -0.71 -10.96 15.77
CA VAL C 317 -1.29 -11.30 14.47
C VAL C 317 -2.51 -10.39 14.25
N VAL C 318 -2.43 -9.55 13.23
CA VAL C 318 -3.46 -8.55 12.88
C VAL C 318 -4.40 -9.09 11.82
N ASN C 319 -5.70 -9.08 12.10
CA ASN C 319 -6.67 -9.72 11.22
C ASN C 319 -7.15 -8.86 10.05
N PHE C 320 -7.40 -9.57 8.95
CA PHE C 320 -8.02 -9.05 7.76
C PHE C 320 -9.14 -9.98 7.38
N GLY C 321 -10.25 -9.40 6.95
CA GLY C 321 -11.35 -10.19 6.42
C GLY C 321 -11.66 -9.73 5.00
N PRO C 322 -11.02 -10.36 4.01
CA PRO C 322 -11.18 -10.05 2.61
C PRO C 322 -12.61 -10.05 2.09
N GLN C 323 -12.85 -9.21 1.09
CA GLN C 323 -14.19 -9.06 0.51
C GLN C 323 -14.59 -10.32 -0.25
N ALA C 324 -15.86 -10.47 -0.53
CA ALA C 324 -16.32 -11.63 -1.29
C ALA C 324 -15.80 -11.62 -2.73
N ASP C 325 -15.46 -10.44 -3.26
CA ASP C 325 -14.91 -10.36 -4.63
C ASP C 325 -13.39 -10.67 -4.71
N GLY C 326 -12.73 -10.84 -3.56
CA GLY C 326 -11.34 -11.26 -3.53
C GLY C 326 -10.29 -10.17 -3.36
N ASP C 327 -10.74 -8.93 -3.17
CA ASP C 327 -9.83 -7.81 -2.83
C ASP C 327 -10.06 -7.48 -1.35
N PHE C 328 -9.29 -6.54 -0.86
CA PHE C 328 -9.41 -6.10 0.52
C PHE C 328 -10.10 -4.77 0.52
N ARG C 329 -10.89 -4.51 1.57
CA ARG C 329 -11.50 -3.21 1.74
C ARG C 329 -10.43 -2.14 1.95
N PRO C 330 -10.81 -0.87 1.71
CA PRO C 330 -9.82 0.19 1.78
C PRO C 330 -9.35 0.53 3.20
N GLU C 331 -10.19 0.29 4.20
CA GLU C 331 -9.76 0.52 5.56
C GLU C 331 -8.61 -0.44 5.93
N GLU C 332 -8.68 -1.66 5.42
CA GLU C 332 -7.62 -2.63 5.62
C GLU C 332 -6.33 -2.29 4.80
N LYS C 333 -6.50 -1.83 3.57
CA LYS C 333 -5.36 -1.41 2.73
C LYS C 333 -4.61 -0.23 3.33
N ALA C 334 -5.34 0.71 3.91
CA ALA C 334 -4.68 1.84 4.60
C ALA C 334 -3.96 1.37 5.87
N MET C 335 -4.61 0.48 6.63
CA MET C 335 -3.98 -0.06 7.84
C MET C 335 -2.68 -0.76 7.48
N ALA C 336 -2.74 -1.65 6.48
CA ALA C 336 -1.58 -2.42 6.05
C ALA C 336 -0.41 -1.52 5.66
N THR C 337 -0.72 -0.49 4.89
CA THR C 337 0.29 0.47 4.38
C THR C 337 0.90 1.27 5.54
N ALA C 338 0.04 1.77 6.44
CA ALA C 338 0.51 2.57 7.57
C ALA C 338 1.39 1.75 8.52
N ILE C 339 1.02 0.48 8.75
CA ILE C 339 1.86 -0.39 9.56
C ILE C 339 3.17 -0.61 8.81
N GLY C 340 3.04 -0.90 7.51
CA GLY C 340 4.18 -1.13 6.60
C GLY C 340 5.23 -0.04 6.68
N LYS C 341 4.78 1.20 6.61
CA LYS C 341 5.66 2.35 6.74
C LYS C 341 6.40 2.39 8.07
N TRP C 342 5.67 2.18 9.16
CA TRP C 342 6.25 2.24 10.51
C TRP C 342 7.21 1.07 10.67
N MET C 343 6.78 -0.12 10.27
CA MET C 343 7.67 -1.27 10.34
C MET C 343 8.96 -1.04 9.53
N ASN C 344 8.86 -0.40 8.36
CA ASN C 344 10.08 -0.12 7.57
C ASN C 344 11.06 0.76 8.34
N ARG C 345 10.56 1.74 9.07
CA ARG C 345 11.42 2.60 9.91
C ARG C 345 11.88 1.99 11.22
N TYR C 346 11.00 1.30 11.92
CA TYR C 346 11.27 0.92 13.33
C TYR C 346 11.25 -0.58 13.57
N GLY C 347 11.14 -1.35 12.48
CA GLY C 347 10.94 -2.80 12.60
C GLY C 347 12.08 -3.55 13.27
N LYS C 348 13.26 -2.94 13.32
CA LYS C 348 14.39 -3.53 14.06
C LYS C 348 14.10 -3.71 15.57
N ALA C 349 13.12 -2.97 16.10
CA ALA C 349 12.70 -3.12 17.49
C ALA C 349 11.61 -4.17 17.67
N VAL C 350 11.15 -4.77 16.58
CA VAL C 350 10.03 -5.71 16.62
C VAL C 350 10.50 -7.09 16.20
N TYR C 351 11.10 -7.21 15.01
CA TYR C 351 11.54 -8.53 14.51
C TYR C 351 12.63 -9.12 15.41
N ALA C 352 12.48 -10.38 15.80
CA ALA C 352 13.51 -11.09 16.57
C ALA C 352 13.85 -10.46 17.94
N CYS C 353 12.92 -9.66 18.48
CA CYS C 353 13.06 -9.02 19.78
C CYS C 353 12.20 -9.74 20.79
N ASP C 354 12.31 -9.34 22.06
CA ASP C 354 11.75 -10.10 23.18
C ASP C 354 11.62 -9.22 24.43
N TYR C 355 11.14 -9.82 25.51
CA TYR C 355 11.03 -9.16 26.81
C TYR C 355 12.41 -8.74 27.27
N ALA C 356 12.53 -7.49 27.73
CA ALA C 356 13.83 -6.90 28.07
C ALA C 356 14.24 -7.00 29.54
N GLY C 357 13.30 -7.28 30.42
CA GLY C 357 13.62 -7.40 31.84
C GLY C 357 13.72 -6.08 32.58
N PHE C 358 13.20 -5.00 31.98
CA PHE C 358 13.14 -3.68 32.61
C PHE C 358 11.74 -3.41 33.10
N GLU C 359 11.61 -2.66 34.18
CA GLU C 359 10.31 -2.23 34.69
C GLU C 359 9.62 -1.26 33.73
N LYS C 360 8.32 -1.47 33.51
CA LYS C 360 7.52 -0.69 32.55
C LYS C 360 7.43 0.79 32.95
N GLN C 361 7.71 1.71 32.01
CA GLN C 361 7.55 3.14 32.23
C GLN C 361 6.41 3.69 31.33
N ASP C 362 5.90 4.88 31.67
CA ASP C 362 4.69 5.40 31.03
C ASP C 362 4.89 5.89 29.60
N TRP C 363 6.12 6.15 29.19
CA TRP C 363 6.34 6.66 27.84
C TRP C 363 6.11 5.60 26.72
N GLY C 364 6.12 4.33 27.07
CA GLY C 364 5.95 3.27 26.08
C GLY C 364 6.55 1.95 26.52
N TYR C 365 7.27 1.27 25.62
CA TYR C 365 7.73 -0.10 25.86
C TYR C 365 9.20 -0.30 25.67
N TYR C 366 9.75 -1.31 26.30
CA TYR C 366 11.07 -1.79 25.97
C TYR C 366 10.93 -3.10 25.20
N THR C 367 11.78 -3.31 24.21
CA THR C 367 12.03 -4.62 23.63
C THR C 367 13.54 -4.80 23.66
N ARG C 368 13.97 -6.07 23.68
CA ARG C 368 15.38 -6.41 23.63
C ARG C 368 15.65 -7.22 22.35
N GLY C 369 16.73 -6.85 21.66
CA GLY C 369 17.21 -7.63 20.53
C GLY C 369 17.94 -8.88 20.98
N LYS C 370 18.20 -9.77 20.05
CA LYS C 370 18.91 -11.00 20.34
C LYS C 370 20.29 -10.69 20.96
N ASN C 371 20.97 -9.66 20.46
CA ASN C 371 22.30 -9.29 20.98
C ASN C 371 22.30 -8.18 22.05
N ASP C 372 21.36 -8.28 23.00
CA ASP C 372 21.24 -7.34 24.12
C ASP C 372 21.24 -5.83 23.74
N GLU C 373 20.76 -5.50 22.55
CA GLU C 373 20.32 -4.16 22.24
C GLU C 373 19.05 -3.93 23.06
N VAL C 374 18.83 -2.75 23.62
CA VAL C 374 17.57 -2.45 24.29
C VAL C 374 16.85 -1.29 23.59
N TYR C 375 15.63 -1.55 23.12
CA TYR C 375 14.89 -0.57 22.33
C TYR C 375 13.84 0.12 23.18
N MET C 376 13.86 1.44 23.22
CA MET C 376 12.79 2.21 23.85
C MET C 376 11.82 2.60 22.76
N VAL C 377 10.57 2.15 22.89
CA VAL C 377 9.53 2.48 21.89
C VAL C 377 8.57 3.48 22.52
N VAL C 378 8.61 4.73 22.05
CA VAL C 378 7.96 5.82 22.74
C VAL C 378 6.63 6.12 22.11
N PHE C 379 5.54 5.85 22.84
CA PHE C 379 4.19 6.15 22.35
C PHE C 379 3.57 7.40 22.96
N ASN C 380 4.04 7.73 24.16
CA ASN C 380 3.53 8.84 24.94
C ASN C 380 4.67 9.79 25.29
N GLN C 381 4.72 10.94 24.61
CA GLN C 381 5.82 11.90 24.72
C GLN C 381 5.73 12.70 26.01
N PRO C 382 6.78 12.64 26.85
CA PRO C 382 6.70 13.40 28.11
C PRO C 382 6.99 14.89 27.95
N TYR C 383 6.08 15.73 28.47
CA TYR C 383 6.34 17.16 28.56
C TYR C 383 7.64 17.50 29.31
N SER C 384 8.10 16.63 30.19
CA SER C 384 9.42 16.88 30.83
C SER C 384 10.62 16.84 29.86
N GLU C 385 10.39 16.33 28.64
CA GLU C 385 11.46 16.14 27.65
C GLU C 385 12.48 15.12 28.12
N ARG C 386 12.07 14.30 29.09
CA ARG C 386 12.98 13.31 29.67
C ARG C 386 12.25 12.00 29.84
N LEU C 387 12.82 10.95 29.24
CA LEU C 387 12.29 9.60 29.30
C LEU C 387 13.02 8.81 30.39
N ILE C 388 12.28 8.37 31.41
CA ILE C 388 12.87 7.73 32.59
C ILE C 388 13.17 6.27 32.33
N VAL C 389 14.39 5.85 32.73
CA VAL C 389 14.84 4.46 32.60
C VAL C 389 15.36 3.95 33.95
N LYS C 390 14.58 3.08 34.56
CA LYS C 390 14.97 2.32 35.74
C LYS C 390 15.53 1.01 35.23
N THR C 391 16.84 0.86 35.30
CA THR C 391 17.49 -0.35 34.85
C THR C 391 17.49 -1.34 35.98
N PRO C 392 17.54 -2.64 35.67
CA PRO C 392 17.68 -3.67 36.70
C PRO C 392 19.09 -3.68 37.32
N LYS C 393 19.25 -4.42 38.42
CA LYS C 393 20.53 -4.50 39.14
C LYS C 393 21.65 -5.00 38.24
N GLY C 394 22.76 -4.26 38.20
CA GLY C 394 23.93 -4.68 37.42
C GLY C 394 24.01 -4.00 36.06
N ILE C 395 22.84 -3.62 35.52
CA ILE C 395 22.80 -3.04 34.17
C ILE C 395 23.01 -1.54 34.22
N THR C 396 23.98 -1.07 33.43
CA THR C 396 24.21 0.36 33.25
C THR C 396 23.90 0.70 31.78
N VAL C 397 23.59 1.97 31.53
CA VAL C 397 23.31 2.45 30.19
C VAL C 397 24.50 3.28 29.68
N GLU C 398 25.15 2.78 28.64
CA GLU C 398 26.34 3.42 28.10
C GLU C 398 25.99 4.53 27.11
N LYS C 399 24.93 4.34 26.33
CA LYS C 399 24.63 5.24 25.23
C LYS C 399 23.21 5.08 24.68
N ALA C 400 22.71 6.14 24.05
CA ALA C 400 21.41 6.15 23.42
C ALA C 400 21.54 6.73 22.03
N THR C 401 20.89 6.10 21.06
CA THR C 401 20.90 6.55 19.66
C THR C 401 19.49 6.47 19.09
N LEU C 402 19.09 7.48 18.33
CA LEU C 402 17.79 7.46 17.69
C LEU C 402 17.85 6.60 16.41
N LEU C 403 16.99 5.59 16.35
CA LEU C 403 17.08 4.52 15.36
C LEU C 403 17.11 5.00 13.92
N THR C 404 16.27 5.97 13.62
CA THR C 404 16.08 6.41 12.23
C THR C 404 17.20 7.27 11.65
N THR C 405 17.80 8.14 12.48
CA THR C 405 18.82 9.08 12.03
C THR C 405 20.23 8.65 12.44
N GLY C 406 20.33 7.81 13.48
CA GLY C 406 21.63 7.50 14.06
C GLY C 406 22.19 8.61 14.94
N GLU C 407 21.45 9.71 15.13
CA GLU C 407 21.94 10.75 16.03
C GLU C 407 22.06 10.23 17.47
N ASP C 408 23.09 10.69 18.16
CA ASP C 408 23.31 10.42 19.59
C ASP C 408 22.35 11.23 20.49
N ILE C 409 21.82 10.59 21.52
CA ILE C 409 20.84 11.17 22.43
C ILE C 409 21.46 11.24 23.83
N THR C 410 21.29 12.37 24.51
CA THR C 410 21.81 12.57 25.88
C THR C 410 21.24 11.58 26.90
N VAL C 411 22.11 10.96 27.70
CA VAL C 411 21.74 10.16 28.86
C VAL C 411 22.37 10.77 30.12
N VAL C 412 21.55 11.08 31.11
CA VAL C 412 22.01 11.60 32.38
C VAL C 412 21.64 10.59 33.49
N GLU C 413 22.62 10.27 34.33
CA GLU C 413 22.39 9.39 35.45
C GLU C 413 21.69 10.21 36.51
N THR C 414 20.55 9.75 37.02
CA THR C 414 19.80 10.55 38.00
C THR C 414 19.93 10.02 39.41
N THR C 415 19.98 8.71 39.54
CA THR C 415 20.26 8.06 40.81
C THR C 415 20.82 6.69 40.48
N ARG C 416 21.10 5.86 41.48
CA ARG C 416 21.59 4.51 41.18
C ARG C 416 20.51 3.76 40.40
N ASN C 417 20.91 3.15 39.28
CA ASN C 417 19.99 2.38 38.43
C ASN C 417 18.86 3.21 37.81
N GLU C 418 19.10 4.50 37.56
CA GLU C 418 18.08 5.34 36.99
C GLU C 418 18.70 6.44 36.13
N TYR C 419 18.11 6.66 34.95
CA TYR C 419 18.61 7.64 34.02
C TYR C 419 17.46 8.45 33.39
N ASN C 420 17.79 9.66 32.93
CA ASN C 420 16.93 10.44 32.03
C ASN C 420 17.53 10.35 30.64
N VAL C 421 16.78 9.76 29.71
CA VAL C 421 17.15 9.76 28.32
C VAL C 421 16.36 10.88 27.67
N SER C 422 17.07 11.80 27.01
CA SER C 422 16.42 12.96 26.43
C SER C 422 15.61 12.59 25.24
N VAL C 423 14.46 13.24 25.06
CA VAL C 423 13.70 13.12 23.82
C VAL C 423 14.54 13.74 22.70
N PRO C 424 14.37 13.27 21.46
CA PRO C 424 15.08 13.93 20.36
C PRO C 424 14.83 15.42 20.25
N LYS C 425 15.83 16.11 19.70
CA LYS C 425 15.84 17.55 19.47
C LYS C 425 14.68 18.00 18.59
N LYS C 426 14.43 17.28 17.51
CA LYS C 426 13.20 17.47 16.75
C LYS C 426 12.22 16.31 17.07
N ASN C 427 10.99 16.66 17.37
CA ASN C 427 9.94 15.68 17.72
C ASN C 427 9.60 14.80 16.50
N PRO C 428 9.79 13.46 16.60
CA PRO C 428 9.47 12.60 15.45
C PRO C 428 8.04 12.66 14.90
N GLY C 429 7.07 13.04 15.72
CA GLY C 429 5.70 13.20 15.25
C GLY C 429 4.92 11.93 15.06
N GLU C 430 5.41 10.86 15.68
CA GLU C 430 4.84 9.49 15.63
C GLU C 430 5.58 8.63 16.67
N PRO C 431 5.07 7.44 16.96
CA PRO C 431 5.86 6.62 17.86
C PRO C 431 7.24 6.31 17.28
N TYR C 432 8.26 6.33 18.12
CA TYR C 432 9.64 6.33 17.64
C TYR C 432 10.51 5.52 18.55
N VAL C 433 11.76 5.28 18.11
CA VAL C 433 12.66 4.38 18.81
C VAL C 433 14.02 4.97 19.14
N ILE C 434 14.45 4.76 20.37
CA ILE C 434 15.79 5.10 20.81
C ILE C 434 16.40 3.79 21.21
N GLN C 435 17.58 3.51 20.66
CA GLN C 435 18.33 2.30 20.99
C GLN C 435 19.32 2.55 22.13
N LEU C 436 19.26 1.74 23.18
CA LEU C 436 20.22 1.82 24.27
C LEU C 436 21.31 0.78 24.10
N LYS C 437 22.55 1.23 24.25
CA LYS C 437 23.64 0.31 24.51
C LYS C 437 23.67 0.15 26.02
N VAL C 438 23.59 -1.10 26.50
CA VAL C 438 23.70 -1.38 27.92
C VAL C 438 24.95 -2.21 28.19
N ARG C 439 25.25 -2.46 29.47
CA ARG C 439 26.39 -3.31 29.86
C ARG C 439 26.19 -3.94 31.23
N ALA C 440 26.74 -5.15 31.38
CA ALA C 440 27.01 -5.83 32.67
C ALA C 440 27.18 -4.91 33.87
N GLU D 4 -9.87 -80.69 -2.62
CA GLU D 4 -9.48 -79.28 -2.34
C GLU D 4 -8.46 -79.17 -1.21
N ILE D 5 -7.30 -78.57 -1.50
CA ILE D 5 -6.24 -78.39 -0.49
C ILE D 5 -6.54 -77.25 0.50
N PRO D 6 -6.59 -77.54 1.81
CA PRO D 6 -6.97 -76.46 2.71
C PRO D 6 -5.81 -75.51 2.98
N LEU D 7 -6.09 -74.21 2.97
CA LEU D 7 -5.09 -73.15 3.16
C LEU D 7 -5.72 -72.03 3.94
N LYS D 8 -4.91 -71.29 4.70
CA LYS D 8 -5.35 -70.13 5.48
C LYS D 8 -5.04 -68.80 4.75
N TYR D 9 -3.98 -68.78 3.95
CA TYR D 9 -3.60 -67.59 3.19
C TYR D 9 -3.70 -67.83 1.69
N GLY D 10 -4.78 -68.47 1.26
CA GLY D 10 -5.03 -68.75 -0.15
C GLY D 10 -5.90 -67.68 -0.77
N ALA D 11 -6.35 -67.95 -1.99
CA ALA D 11 -7.18 -67.00 -2.74
C ALA D 11 -8.31 -66.42 -1.90
N THR D 12 -8.49 -65.12 -2.06
CA THR D 12 -9.45 -64.32 -1.34
C THR D 12 -10.73 -64.22 -2.19
N ASN D 13 -10.68 -63.41 -3.26
CA ASN D 13 -11.78 -63.28 -4.23
C ASN D 13 -12.25 -64.64 -4.78
N GLU D 14 -13.51 -64.72 -5.20
CA GLU D 14 -13.94 -65.73 -6.15
C GLU D 14 -13.60 -65.15 -7.54
N GLY D 15 -14.59 -64.76 -8.34
CA GLY D 15 -14.30 -64.33 -9.71
C GLY D 15 -13.68 -62.95 -9.78
N LYS D 16 -14.17 -62.15 -10.73
CA LYS D 16 -13.78 -60.76 -10.82
C LYS D 16 -14.57 -59.89 -9.82
N ARG D 17 -13.85 -59.05 -9.08
CA ARG D 17 -14.45 -57.94 -8.35
C ARG D 17 -15.28 -57.10 -9.31
N GLN D 18 -16.52 -56.79 -8.95
CA GLN D 18 -17.37 -55.94 -9.80
C GLN D 18 -17.86 -54.68 -9.10
N ASP D 19 -17.22 -54.30 -7.99
CA ASP D 19 -17.44 -52.99 -7.36
C ASP D 19 -16.91 -51.87 -8.28
N PRO D 20 -17.44 -50.64 -8.13
CA PRO D 20 -17.07 -49.57 -9.07
C PRO D 20 -15.56 -49.31 -9.18
N ALA D 21 -14.84 -49.46 -8.07
CA ALA D 21 -13.40 -49.21 -8.06
C ALA D 21 -12.61 -50.13 -9.00
N MET D 22 -12.93 -51.43 -8.99
CA MET D 22 -12.29 -52.36 -9.90
C MET D 22 -12.72 -52.07 -11.32
N GLN D 23 -14.01 -51.78 -11.49
CA GLN D 23 -14.52 -51.38 -12.79
C GLN D 23 -13.76 -50.16 -13.35
N LYS D 24 -13.33 -49.25 -12.49
CA LYS D 24 -12.54 -48.10 -12.93
C LYS D 24 -11.13 -48.52 -13.34
N PHE D 25 -10.49 -49.33 -12.51
CA PHE D 25 -9.19 -49.95 -12.80
C PHE D 25 -9.18 -50.60 -14.18
N ARG D 26 -10.20 -51.40 -14.42
CA ARG D 26 -10.37 -52.13 -15.66
C ARG D 26 -10.66 -51.19 -16.83
N ASP D 27 -11.58 -50.25 -16.66
CA ASP D 27 -12.01 -49.39 -17.78
C ASP D 27 -10.88 -48.48 -18.28
N ASN D 28 -10.01 -48.05 -17.37
CA ASN D 28 -8.85 -47.23 -17.73
C ASN D 28 -8.07 -47.82 -18.91
N ARG D 29 -7.75 -49.13 -18.78
CA ARG D 29 -7.03 -49.93 -19.77
C ARG D 29 -5.57 -49.53 -20.06
N LEU D 30 -5.32 -48.27 -20.39
CA LEU D 30 -3.97 -47.82 -20.75
C LEU D 30 -3.38 -47.06 -19.59
N GLY D 31 -2.20 -47.47 -19.17
CA GLY D 31 -1.48 -46.78 -18.13
C GLY D 31 -0.05 -46.54 -18.56
N ALA D 32 0.67 -45.79 -17.74
CA ALA D 32 2.10 -45.58 -17.94
C ALA D 32 2.81 -46.00 -16.66
N PHE D 33 4.07 -46.38 -16.80
CA PHE D 33 4.90 -46.82 -15.66
C PHE D 33 6.00 -45.79 -15.58
N ILE D 34 6.32 -45.36 -14.36
CA ILE D 34 7.46 -44.49 -14.14
C ILE D 34 8.42 -45.23 -13.25
N HIS D 35 9.64 -45.47 -13.77
CA HIS D 35 10.70 -46.01 -12.96
C HIS D 35 11.67 -44.89 -12.70
N TRP D 36 11.61 -44.32 -11.50
CA TRP D 36 12.49 -43.21 -11.15
C TRP D 36 13.12 -43.41 -9.79
N GLY D 37 14.46 -43.40 -9.78
CA GLY D 37 15.25 -43.67 -8.58
C GLY D 37 16.67 -43.23 -8.82
N LEU D 38 17.55 -43.59 -7.89
CA LEU D 38 18.95 -43.14 -7.94
C LEU D 38 19.67 -43.65 -9.18
N TYR D 39 19.24 -44.81 -9.66
CA TYR D 39 19.83 -45.41 -10.85
C TYR D 39 19.89 -44.49 -12.09
N ALA D 40 19.06 -43.46 -12.13
CA ALA D 40 19.03 -42.52 -13.26
C ALA D 40 20.28 -41.68 -13.40
N ILE D 41 21.05 -41.56 -12.32
CA ILE D 41 22.24 -40.70 -12.28
C ILE D 41 23.38 -41.36 -13.07
N PRO D 42 23.77 -42.59 -12.69
CA PRO D 42 24.81 -43.27 -13.46
C PRO D 42 24.34 -43.71 -14.86
N GLY D 43 23.07 -44.11 -14.95
CA GLY D 43 22.43 -44.41 -16.24
C GLY D 43 23.09 -45.57 -16.96
N GLY D 44 23.28 -46.65 -16.21
CA GLY D 44 23.92 -47.84 -16.75
C GLY D 44 25.44 -47.85 -16.83
N GLU D 45 26.08 -46.67 -16.63
CA GLU D 45 27.54 -46.57 -16.59
C GLU D 45 28.04 -46.47 -15.14
N TRP D 46 29.14 -47.16 -14.87
CA TRP D 46 29.77 -47.11 -13.57
C TRP D 46 31.27 -47.28 -13.68
N ASN D 47 31.99 -46.18 -13.45
CA ASN D 47 33.44 -46.14 -13.47
C ASN D 47 33.97 -46.54 -14.85
N GLY D 48 33.64 -45.70 -15.85
CA GLY D 48 34.05 -45.93 -17.23
C GLY D 48 33.25 -46.99 -17.99
N LYS D 49 32.99 -48.12 -17.31
CA LYS D 49 32.34 -49.33 -17.86
C LYS D 49 30.82 -49.18 -18.02
N VAL D 50 30.32 -49.31 -19.25
CA VAL D 50 28.87 -49.20 -19.55
C VAL D 50 28.22 -50.58 -19.65
N TYR D 51 27.14 -50.80 -18.90
CA TYR D 51 26.52 -52.11 -18.79
C TYR D 51 25.22 -52.17 -19.59
N GLY D 52 25.04 -53.27 -20.32
CA GLY D 52 23.91 -53.44 -21.22
C GLY D 52 22.68 -53.98 -20.53
N GLY D 53 22.84 -54.47 -19.31
CA GLY D 53 21.70 -54.87 -18.50
C GLY D 53 20.76 -53.72 -18.13
N ALA D 54 19.70 -54.06 -17.41
CA ALA D 54 18.72 -53.10 -16.96
C ALA D 54 19.40 -52.12 -16.00
N ALA D 55 19.42 -50.85 -16.41
CA ALA D 55 20.08 -49.76 -15.68
C ALA D 55 19.65 -49.68 -14.22
N GLU D 56 18.39 -49.95 -13.94
CA GLU D 56 17.94 -49.95 -12.54
C GLU D 56 18.57 -51.10 -11.72
N TRP D 57 19.27 -52.02 -12.39
CA TRP D 57 20.03 -53.07 -11.71
C TRP D 57 21.54 -52.82 -11.75
N LEU D 58 21.96 -51.58 -12.04
CA LEU D 58 23.39 -51.32 -12.15
C LEU D 58 24.18 -51.82 -10.92
N LYS D 59 23.64 -51.55 -9.73
CA LYS D 59 24.25 -51.98 -8.47
C LYS D 59 24.66 -53.45 -8.47
N SER D 60 23.82 -54.33 -9.01
CA SER D 60 24.13 -55.74 -9.10
C SER D 60 25.19 -56.01 -10.17
N TRP D 61 25.10 -55.34 -11.32
CA TRP D 61 26.01 -55.61 -12.43
C TRP D 61 27.43 -55.19 -12.09
N ALA D 62 27.59 -53.92 -11.70
CA ALA D 62 28.90 -53.38 -11.34
C ALA D 62 29.33 -53.77 -9.92
N LYS D 63 28.53 -54.60 -9.25
CA LYS D 63 28.86 -55.10 -7.91
C LYS D 63 29.23 -53.96 -6.96
N VAL D 64 28.40 -52.92 -6.96
CA VAL D 64 28.61 -51.77 -6.08
C VAL D 64 28.03 -52.10 -4.70
N PRO D 65 28.75 -51.75 -3.62
CA PRO D 65 28.21 -52.03 -2.27
C PRO D 65 27.10 -51.04 -1.88
N ALA D 66 26.17 -51.50 -1.03
CA ALA D 66 25.05 -50.67 -0.58
C ALA D 66 25.49 -49.23 -0.27
N ASP D 67 26.46 -49.09 0.62
CA ASP D 67 26.84 -47.79 1.15
C ASP D 67 27.23 -46.82 0.03
N GLU D 68 28.10 -47.26 -0.87
CA GLU D 68 28.58 -46.40 -1.95
C GLU D 68 27.49 -46.05 -2.98
N TRP D 69 26.62 -47.01 -3.30
CA TRP D 69 25.51 -46.78 -4.23
C TRP D 69 24.60 -45.65 -3.71
N LEU D 70 24.18 -45.76 -2.45
CA LEU D 70 23.27 -44.79 -1.84
C LEU D 70 23.81 -43.35 -1.71
N LYS D 71 25.13 -43.18 -1.80
CA LYS D 71 25.74 -41.86 -1.84
C LYS D 71 25.34 -41.04 -3.07
N LEU D 72 24.73 -41.72 -4.05
CA LEU D 72 24.15 -41.06 -5.20
C LEU D 72 23.08 -40.04 -4.77
N MET D 73 22.40 -40.33 -3.66
CA MET D 73 21.47 -39.37 -3.01
C MET D 73 21.98 -37.94 -2.99
N ASP D 74 23.28 -37.81 -2.78
CA ASP D 74 23.92 -36.49 -2.71
C ASP D 74 23.93 -35.78 -4.04
N GLN D 75 23.70 -36.50 -5.13
CA GLN D 75 23.57 -35.88 -6.46
C GLN D 75 22.13 -35.76 -6.91
N TRP D 76 21.21 -36.34 -6.15
CA TRP D 76 19.80 -36.32 -6.53
C TRP D 76 19.28 -34.90 -6.48
N ASN D 77 19.28 -34.25 -7.64
CA ASN D 77 18.80 -32.89 -7.75
C ASN D 77 18.19 -32.63 -9.13
N PRO D 78 17.01 -33.23 -9.40
CA PRO D 78 16.31 -33.07 -10.68
C PRO D 78 15.77 -31.64 -10.88
N THR D 79 16.71 -30.74 -11.10
CA THR D 79 16.47 -29.35 -11.46
C THR D 79 15.30 -29.12 -12.41
N LYS D 80 15.11 -30.03 -13.37
CA LYS D 80 14.12 -29.84 -14.42
C LYS D 80 12.76 -30.52 -14.16
N PHE D 81 12.60 -31.23 -13.05
CA PHE D 81 11.32 -31.87 -12.67
C PHE D 81 10.16 -30.88 -12.55
N ASP D 82 9.00 -31.24 -13.09
CA ASP D 82 7.81 -30.41 -12.95
C ASP D 82 6.57 -31.30 -13.08
N ALA D 83 5.99 -31.64 -11.93
CA ALA D 83 4.87 -32.58 -11.86
C ALA D 83 3.73 -32.25 -12.83
N LYS D 84 3.33 -30.98 -12.90
CA LYS D 84 2.26 -30.58 -13.81
C LYS D 84 2.62 -30.94 -15.26
N LYS D 85 3.91 -30.91 -15.59
CA LYS D 85 4.38 -31.13 -16.95
C LYS D 85 4.32 -32.62 -17.30
N TRP D 86 4.61 -33.44 -16.29
CA TRP D 86 4.51 -34.88 -16.38
C TRP D 86 3.05 -35.31 -16.55
N ALA D 87 2.17 -34.69 -15.78
CA ALA D 87 0.76 -35.02 -15.79
C ALA D 87 0.17 -34.71 -17.15
N LYS D 88 0.57 -33.57 -17.72
CA LYS D 88 0.11 -33.14 -19.05
C LYS D 88 0.61 -34.07 -20.13
N MET D 89 1.84 -34.53 -19.97
CA MET D 89 2.42 -35.44 -20.96
C MET D 89 1.64 -36.79 -20.97
N ALA D 90 1.25 -37.26 -19.79
CA ALA D 90 0.43 -38.44 -19.65
C ALA D 90 -0.98 -38.23 -20.25
N LYS D 91 -1.58 -37.07 -20.00
CA LYS D 91 -2.90 -36.75 -20.57
C LYS D 91 -2.90 -36.75 -22.10
N GLU D 92 -1.82 -36.21 -22.68
CA GLU D 92 -1.71 -36.07 -24.11
C GLU D 92 -1.48 -37.45 -24.73
N MET D 93 -0.74 -38.30 -24.03
CA MET D 93 -0.56 -39.70 -24.43
C MET D 93 -1.87 -40.46 -24.39
N GLY D 94 -2.81 -40.02 -23.59
CA GLY D 94 -4.05 -40.78 -23.40
C GLY D 94 -3.99 -41.82 -22.30
N THR D 95 -2.98 -41.76 -21.44
CA THR D 95 -2.90 -42.71 -20.30
C THR D 95 -3.91 -42.34 -19.23
N LYS D 96 -4.52 -43.33 -18.60
CA LYS D 96 -5.60 -43.07 -17.64
C LYS D 96 -5.15 -43.25 -16.23
N TYR D 97 -3.94 -43.79 -16.05
CA TYR D 97 -3.37 -43.98 -14.75
C TYR D 97 -1.89 -44.11 -14.91
N VAL D 98 -1.17 -43.76 -13.86
CA VAL D 98 0.28 -43.92 -13.85
C VAL D 98 0.69 -44.70 -12.62
N LYS D 99 1.59 -45.67 -12.81
CA LYS D 99 2.16 -46.48 -11.71
C LYS D 99 3.55 -45.97 -11.43
N ILE D 100 3.83 -45.60 -10.17
CA ILE D 100 5.10 -44.96 -9.82
C ILE D 100 5.95 -45.79 -8.85
N THR D 101 7.23 -45.89 -9.14
CA THR D 101 8.16 -46.58 -8.25
C THR D 101 8.37 -45.73 -7.01
N THR D 102 7.52 -45.97 -6.00
CA THR D 102 7.63 -45.28 -4.70
C THR D 102 8.99 -45.64 -4.07
N LYS D 103 9.38 -46.90 -4.26
CA LYS D 103 10.65 -47.46 -3.81
C LYS D 103 11.00 -48.69 -4.68
N HIS D 104 12.18 -48.67 -5.29
CA HIS D 104 12.66 -49.80 -6.08
C HIS D 104 13.58 -50.66 -5.19
N HIS D 105 14.33 -51.56 -5.82
CA HIS D 105 15.13 -52.54 -5.10
C HIS D 105 16.23 -51.81 -4.34
N GLU D 106 16.70 -50.71 -4.91
CA GLU D 106 17.77 -49.94 -4.28
C GLU D 106 17.41 -49.46 -2.86
N GLY D 107 16.12 -49.28 -2.57
CA GLY D 107 15.65 -48.87 -1.22
C GLY D 107 15.39 -47.37 -1.01
N PHE D 108 15.66 -46.57 -2.04
CA PHE D 108 15.55 -45.12 -2.01
C PHE D 108 14.13 -44.66 -2.29
N CYS D 109 13.55 -43.88 -1.37
CA CYS D 109 12.11 -43.59 -1.39
C CYS D 109 11.77 -42.27 -2.05
N LEU D 110 10.75 -42.26 -2.90
CA LEU D 110 10.34 -41.03 -3.62
C LEU D 110 9.43 -40.14 -2.76
N TRP D 111 9.12 -40.61 -1.54
CA TRP D 111 8.40 -39.84 -0.54
C TRP D 111 9.28 -39.80 0.71
N PRO D 112 9.08 -38.78 1.58
CA PRO D 112 9.98 -38.64 2.73
C PRO D 112 9.56 -39.54 3.89
N SER D 113 9.78 -40.84 3.73
CA SER D 113 9.43 -41.81 4.76
C SER D 113 10.16 -41.48 6.04
N LYS D 114 9.48 -41.66 7.17
CA LYS D 114 10.16 -41.45 8.44
C LYS D 114 10.81 -42.71 8.98
N TYR D 115 10.87 -43.77 8.16
CA TYR D 115 11.40 -45.05 8.64
C TYR D 115 12.78 -45.41 8.12
N THR D 116 13.34 -44.57 7.25
CA THR D 116 14.69 -44.75 6.70
C THR D 116 15.29 -43.39 6.34
N LYS D 117 16.61 -43.36 6.19
CA LYS D 117 17.31 -42.12 5.80
C LYS D 117 17.56 -42.03 4.29
N TYR D 118 17.17 -43.08 3.57
CA TYR D 118 17.37 -43.15 2.14
C TYR D 118 16.05 -42.73 1.50
N THR D 119 15.79 -41.43 1.62
CA THR D 119 14.65 -40.81 0.99
C THR D 119 15.04 -39.50 0.30
N VAL D 120 14.09 -39.00 -0.49
CA VAL D 120 14.17 -37.71 -1.14
C VAL D 120 14.41 -36.52 -0.18
N ALA D 121 13.96 -36.62 1.07
CA ALA D 121 14.15 -35.52 2.03
C ALA D 121 15.63 -35.27 2.27
N ASN D 122 16.44 -36.34 2.24
CA ASN D 122 17.86 -36.25 2.51
C ASN D 122 18.71 -36.11 1.27
N THR D 123 18.20 -35.35 0.30
CA THR D 123 18.96 -35.05 -0.90
C THR D 123 18.94 -33.55 -1.05
N PRO D 124 19.83 -32.98 -1.89
CA PRO D 124 19.73 -31.54 -2.16
C PRO D 124 18.33 -31.06 -2.60
N TYR D 125 17.59 -31.88 -3.36
CA TYR D 125 16.27 -31.45 -3.87
C TYR D 125 15.22 -31.38 -2.74
N LYS D 126 15.33 -32.28 -1.76
CA LYS D 126 14.53 -32.25 -0.53
C LYS D 126 13.04 -32.62 -0.66
N ARG D 127 12.42 -32.25 -1.78
CA ARG D 127 10.97 -32.29 -1.88
C ARG D 127 10.35 -33.67 -2.05
N ASP D 128 9.05 -33.73 -1.77
CA ASP D 128 8.23 -34.95 -1.85
C ASP D 128 7.76 -35.14 -3.30
N ILE D 129 8.66 -35.66 -4.11
CA ILE D 129 8.35 -36.01 -5.52
C ILE D 129 7.05 -36.80 -5.65
N LEU D 130 6.92 -37.86 -4.87
CA LEU D 130 5.74 -38.72 -4.93
C LEU D 130 4.46 -37.94 -4.69
N GLY D 131 4.44 -37.17 -3.60
CA GLY D 131 3.32 -36.31 -3.26
C GLY D 131 2.98 -35.30 -4.35
N GLU D 132 4.00 -34.74 -4.99
CA GLU D 132 3.75 -33.79 -6.08
C GLU D 132 3.16 -34.48 -7.32
N LEU D 133 3.60 -35.72 -7.58
CA LEU D 133 3.06 -36.48 -8.70
C LEU D 133 1.61 -36.85 -8.44
N VAL D 134 1.30 -37.27 -7.21
CA VAL D 134 -0.06 -37.70 -6.90
C VAL D 134 -1.01 -36.55 -7.19
N LYS D 135 -0.65 -35.39 -6.64
CA LYS D 135 -1.43 -34.18 -6.78
C LYS D 135 -1.59 -33.79 -8.25
N ALA D 136 -0.48 -33.68 -8.97
CA ALA D 136 -0.54 -33.30 -10.39
C ALA D 136 -1.32 -34.31 -11.25
N TYR D 137 -1.11 -35.61 -11.04
CA TYR D 137 -1.81 -36.60 -11.87
C TYR D 137 -3.28 -36.56 -11.55
N ASN D 138 -3.59 -36.49 -10.26
CA ASN D 138 -4.99 -36.41 -9.84
C ASN D 138 -5.66 -35.18 -10.42
N ASP D 139 -4.92 -34.06 -10.52
CA ASP D 139 -5.55 -32.84 -11.03
C ASP D 139 -5.95 -32.99 -12.49
N GLU D 140 -5.26 -33.87 -13.22
CA GLU D 140 -5.63 -34.12 -14.62
C GLU D 140 -6.64 -35.25 -14.78
N GLY D 141 -7.24 -35.70 -13.67
CA GLY D 141 -8.17 -36.83 -13.70
C GLY D 141 -7.49 -38.17 -13.93
N ILE D 142 -6.20 -38.25 -13.56
CA ILE D 142 -5.40 -39.46 -13.76
C ILE D 142 -5.19 -40.17 -12.42
N ASP D 143 -5.51 -41.46 -12.39
CA ASP D 143 -5.36 -42.31 -11.21
C ASP D 143 -3.91 -42.66 -10.96
N VAL D 144 -3.55 -42.80 -9.70
CA VAL D 144 -2.19 -43.12 -9.34
C VAL D 144 -2.13 -44.45 -8.62
N HIS D 145 -1.22 -45.28 -9.11
CA HIS D 145 -0.93 -46.58 -8.54
C HIS D 145 0.49 -46.49 -8.00
N PHE D 146 0.79 -47.25 -6.94
CA PHE D 146 2.13 -47.28 -6.34
C PHE D 146 2.84 -48.60 -6.59
N TYR D 147 3.91 -48.56 -7.35
CA TYR D 147 4.85 -49.68 -7.35
C TYR D 147 5.60 -49.65 -6.04
N PHE D 148 5.85 -50.83 -5.48
CA PHE D 148 6.60 -51.01 -4.23
C PHE D 148 7.41 -52.34 -4.20
N SER D 149 8.73 -52.23 -4.11
CA SER D 149 9.61 -53.36 -4.13
C SER D 149 9.84 -53.82 -2.70
N VAL D 150 9.39 -55.03 -2.38
CA VAL D 150 9.65 -55.62 -1.06
C VAL D 150 11.13 -55.89 -0.89
N MET D 151 11.75 -56.59 -1.84
CA MET D 151 13.20 -56.71 -1.85
C MET D 151 13.77 -55.30 -1.70
N ASP D 152 14.57 -55.07 -0.65
CA ASP D 152 15.19 -53.77 -0.38
C ASP D 152 16.66 -53.99 -0.09
N TRP D 153 17.51 -53.51 -0.98
CA TRP D 153 18.98 -53.65 -0.85
C TRP D 153 19.66 -52.70 0.16
N SER D 154 18.88 -51.83 0.80
CA SER D 154 19.42 -50.76 1.64
C SER D 154 19.24 -51.11 3.12
N ASN D 155 18.50 -52.18 3.40
CA ASN D 155 18.28 -52.63 4.74
C ASN D 155 19.02 -53.95 4.96
N PRO D 156 20.13 -53.94 5.73
CA PRO D 156 20.85 -55.20 5.99
C PRO D 156 20.05 -56.27 6.73
N ASP D 157 18.90 -55.91 7.27
CA ASP D 157 17.94 -56.87 7.83
C ASP D 157 17.25 -57.76 6.76
N TYR D 158 17.32 -57.39 5.48
CA TYR D 158 16.69 -58.19 4.44
C TYR D 158 17.46 -59.49 4.24
N ARG D 159 16.72 -60.60 4.21
CA ARG D 159 17.27 -61.92 3.97
C ARG D 159 16.68 -62.53 2.69
N TYR D 160 17.57 -63.07 1.87
CA TYR D 160 17.19 -63.71 0.62
C TYR D 160 16.56 -65.09 0.81
N ASP D 161 16.74 -65.66 2.02
CA ASP D 161 16.31 -67.03 2.33
C ASP D 161 16.46 -67.21 3.85
N ILE D 162 15.67 -68.10 4.45
CA ILE D 162 15.69 -68.30 5.90
C ILE D 162 16.40 -69.61 6.30
N LYS D 163 17.72 -69.64 6.12
CA LYS D 163 18.50 -70.84 6.43
C LYS D 163 18.55 -71.12 7.93
N SER D 164 18.97 -70.11 8.69
CA SER D 164 19.15 -70.20 10.14
C SER D 164 17.91 -69.71 10.90
N LYS D 165 18.06 -69.49 12.21
CA LYS D 165 17.07 -68.81 13.04
C LYS D 165 17.43 -67.32 13.15
N GLU D 166 18.73 -67.03 13.08
CA GLU D 166 19.20 -65.65 13.02
C GLU D 166 18.56 -64.92 11.83
N ASP D 167 18.71 -65.51 10.64
CA ASP D 167 18.10 -64.99 9.42
C ASP D 167 16.63 -64.59 9.68
N SER D 168 15.89 -65.46 10.35
CA SER D 168 14.46 -65.25 10.59
C SER D 168 14.17 -64.06 11.49
N ILE D 169 15.09 -63.76 12.40
CA ILE D 169 14.88 -62.63 13.31
C ILE D 169 15.03 -61.33 12.51
N ALA D 170 16.15 -61.19 11.81
CA ALA D 170 16.46 -60.01 11.03
C ALA D 170 15.41 -59.75 9.93
N PHE D 171 14.86 -60.81 9.35
CA PHE D 171 13.80 -60.67 8.36
C PHE D 171 12.46 -60.31 9.00
N SER D 172 12.20 -60.83 10.20
CA SER D 172 10.98 -60.46 10.93
C SER D 172 10.94 -58.94 11.18
N ARG D 173 12.11 -58.34 11.36
CA ARG D 173 12.22 -56.88 11.52
C ARG D 173 11.99 -56.16 10.19
N PHE D 174 12.53 -56.74 9.13
CA PHE D 174 12.30 -56.26 7.78
C PHE D 174 10.81 -56.16 7.49
N LEU D 175 10.05 -57.20 7.81
CA LEU D 175 8.61 -57.18 7.53
C LEU D 175 7.89 -56.03 8.24
N GLU D 176 8.24 -55.74 9.50
CA GLU D 176 7.58 -54.67 10.24
C GLU D 176 7.90 -53.30 9.63
N PHE D 177 9.17 -53.07 9.34
CA PHE D 177 9.61 -51.90 8.58
C PHE D 177 8.83 -51.73 7.25
N THR D 178 8.65 -52.83 6.53
CA THR D 178 7.91 -52.83 5.27
C THR D 178 6.46 -52.41 5.53
N ASP D 179 5.80 -53.11 6.46
CA ASP D 179 4.45 -52.74 6.93
C ASP D 179 4.39 -51.25 7.26
N ASN D 180 5.41 -50.74 7.97
CA ASN D 180 5.48 -49.32 8.36
C ASN D 180 5.42 -48.40 7.14
N GLN D 181 6.25 -48.67 6.14
CA GLN D 181 6.28 -47.88 4.91
C GLN D 181 4.97 -47.97 4.14
N LEU D 182 4.30 -49.10 4.25
CA LEU D 182 3.03 -49.28 3.55
C LEU D 182 1.88 -48.50 4.19
N LYS D 183 1.81 -48.51 5.53
CA LYS D 183 0.84 -47.68 6.27
C LYS D 183 1.04 -46.21 5.88
N GLU D 184 2.30 -45.80 5.98
CA GLU D 184 2.70 -44.44 5.66
C GLU D 184 2.18 -44.04 4.28
N LEU D 185 2.43 -44.90 3.29
CA LEU D 185 2.09 -44.59 1.92
C LEU D 185 0.57 -44.50 1.78
N ALA D 186 -0.13 -45.41 2.43
CA ALA D 186 -1.61 -45.43 2.35
C ALA D 186 -2.30 -44.22 3.01
N THR D 187 -1.65 -43.65 4.03
CA THR D 187 -2.30 -42.65 4.88
C THR D 187 -1.94 -41.25 4.41
N ARG D 188 -0.67 -41.05 4.06
CA ARG D 188 -0.23 -39.84 3.37
C ARG D 188 -0.97 -39.59 2.04
N TYR D 189 -1.26 -40.64 1.27
CA TYR D 189 -1.73 -40.49 -0.12
C TYR D 189 -2.96 -41.34 -0.35
N PRO D 190 -4.08 -40.99 0.32
CA PRO D 190 -5.30 -41.84 0.31
C PRO D 190 -6.02 -41.94 -1.03
N THR D 191 -5.68 -41.12 -2.02
CA THR D 191 -6.27 -41.28 -3.35
C THR D 191 -5.61 -42.40 -4.19
N VAL D 192 -4.54 -43.02 -3.67
CA VAL D 192 -3.93 -44.16 -4.33
C VAL D 192 -5.00 -45.21 -4.63
N LYS D 193 -4.96 -45.77 -5.85
CA LYS D 193 -5.94 -46.80 -6.29
C LYS D 193 -5.39 -48.23 -6.30
N ASP D 194 -4.07 -48.38 -6.21
CA ASP D 194 -3.45 -49.68 -6.38
C ASP D 194 -2.08 -49.70 -5.75
N PHE D 195 -1.74 -50.85 -5.17
CA PHE D 195 -0.40 -51.20 -4.84
C PHE D 195 0.03 -52.36 -5.74
N TRP D 196 1.15 -52.18 -6.42
CA TRP D 196 1.70 -53.17 -7.33
C TRP D 196 3.04 -53.59 -6.74
N PHE D 197 3.04 -54.74 -6.09
CA PHE D 197 4.22 -55.26 -5.43
C PHE D 197 5.17 -55.95 -6.40
N ASP D 198 6.46 -55.82 -6.09
CA ASP D 198 7.51 -56.40 -6.87
C ASP D 198 8.62 -56.92 -5.95
N GLY D 199 9.54 -57.72 -6.49
CA GLY D 199 10.68 -58.21 -5.70
C GLY D 199 10.20 -59.04 -4.52
N THR D 200 9.24 -59.91 -4.79
CA THR D 200 8.66 -60.80 -3.80
C THR D 200 8.91 -62.28 -4.15
N TRP D 201 9.92 -62.56 -4.97
CA TRP D 201 10.16 -63.93 -5.48
C TRP D 201 11.17 -64.74 -4.67
N ASP D 202 11.84 -64.09 -3.70
CA ASP D 202 12.84 -64.78 -2.85
C ASP D 202 12.17 -65.80 -1.93
N ALA D 203 12.92 -66.84 -1.55
CA ALA D 203 12.43 -67.90 -0.67
C ALA D 203 11.96 -67.33 0.65
N SER D 204 12.68 -66.32 1.13
CA SER D 204 12.28 -65.58 2.32
C SER D 204 10.81 -65.16 2.31
N VAL D 205 10.33 -64.59 1.19
CA VAL D 205 8.92 -64.20 1.08
C VAL D 205 8.03 -65.43 0.85
N LYS D 206 8.47 -66.36 0.00
CA LYS D 206 7.74 -67.64 -0.21
C LYS D 206 7.49 -68.33 1.13
N LYS D 207 8.53 -68.39 1.96
CA LYS D 207 8.42 -69.03 3.28
C LYS D 207 7.46 -68.30 4.24
N ASN D 208 6.84 -67.20 3.79
CA ASN D 208 6.07 -66.32 4.68
C ASN D 208 4.71 -65.88 4.16
N GLY D 209 4.10 -66.71 3.31
CA GLY D 209 2.80 -66.39 2.73
C GLY D 209 1.88 -65.57 3.61
N TRP D 210 1.76 -65.97 4.88
CA TRP D 210 0.92 -65.29 5.89
C TRP D 210 1.03 -63.76 5.87
N TRP D 211 2.25 -63.26 5.70
CA TRP D 211 2.51 -61.84 5.69
C TRP D 211 1.93 -61.20 4.43
N THR D 212 2.13 -61.88 3.30
CA THR D 212 1.66 -61.35 2.02
C THR D 212 0.14 -61.14 2.07
N ALA D 213 -0.58 -62.13 2.60
CA ALA D 213 -2.03 -62.03 2.81
C ALA D 213 -2.43 -60.91 3.79
N HIS D 214 -1.67 -60.75 4.86
CA HIS D 214 -1.93 -59.68 5.84
C HIS D 214 -1.70 -58.29 5.23
N ALA D 215 -0.60 -58.15 4.50
CA ALA D 215 -0.24 -56.88 3.87
C ALA D 215 -1.39 -56.37 2.99
N GLU D 216 -1.95 -57.30 2.21
CA GLU D 216 -3.13 -57.07 1.35
C GLU D 216 -4.32 -56.56 2.15
N GLN D 217 -4.68 -57.35 3.16
CA GLN D 217 -5.81 -57.09 4.05
C GLN D 217 -5.75 -55.70 4.67
N MET D 218 -4.57 -55.39 5.21
CA MET D 218 -4.33 -54.18 5.96
C MET D 218 -4.54 -52.99 5.04
N LEU D 219 -3.97 -53.07 3.83
CA LEU D 219 -4.05 -51.97 2.86
C LEU D 219 -5.47 -51.77 2.38
N LYS D 220 -6.23 -52.85 2.24
CA LYS D 220 -7.65 -52.75 1.88
C LYS D 220 -8.50 -52.16 3.02
N GLU D 221 -8.09 -52.40 4.27
CA GLU D 221 -8.70 -51.70 5.42
C GLU D 221 -8.43 -50.20 5.30
N LEU D 222 -7.16 -49.85 5.09
CA LEU D 222 -6.73 -48.44 5.04
C LEU D 222 -7.20 -47.64 3.83
N VAL D 223 -7.43 -48.32 2.71
CA VAL D 223 -7.80 -47.65 1.46
C VAL D 223 -9.01 -48.35 0.83
N PRO D 224 -10.23 -47.83 1.09
CA PRO D 224 -11.43 -48.48 0.55
C PRO D 224 -11.35 -48.58 -0.97
N GLY D 225 -11.51 -49.79 -1.50
CA GLY D 225 -11.55 -50.02 -2.93
C GLY D 225 -10.19 -50.20 -3.63
N VAL D 226 -9.10 -50.20 -2.87
CA VAL D 226 -7.80 -50.32 -3.48
C VAL D 226 -7.59 -51.68 -4.13
N ALA D 227 -6.70 -51.73 -5.11
CA ALA D 227 -6.36 -52.97 -5.82
C ALA D 227 -4.94 -53.40 -5.43
N ILE D 228 -4.75 -54.72 -5.34
CA ILE D 228 -3.47 -55.32 -4.95
C ILE D 228 -3.11 -56.40 -5.96
N ASN D 229 -1.88 -56.39 -6.47
CA ASN D 229 -1.51 -57.31 -7.54
C ASN D 229 -1.14 -58.70 -7.00
N SER D 230 -1.30 -59.71 -7.85
CA SER D 230 -0.96 -61.08 -7.55
C SER D 230 0.53 -61.30 -7.23
N ARG D 231 1.42 -60.51 -7.80
CA ARG D 231 2.87 -60.66 -7.54
C ARG D 231 3.25 -60.54 -6.05
N LEU D 232 2.43 -59.88 -5.25
CA LEU D 232 2.62 -59.79 -3.81
C LEU D 232 2.54 -61.17 -3.15
N ARG D 233 1.58 -61.95 -3.60
CA ARG D 233 1.03 -63.02 -2.79
C ARG D 233 1.76 -64.36 -2.94
N ALA D 234 2.01 -65.01 -1.82
CA ALA D 234 2.42 -66.41 -1.77
C ALA D 234 1.52 -67.10 -0.75
N ASP D 235 1.13 -68.34 -0.99
CA ASP D 235 0.26 -69.09 -0.04
C ASP D 235 1.06 -69.79 1.05
N ASP D 236 0.38 -70.63 1.83
CA ASP D 236 0.99 -71.35 2.95
C ASP D 236 2.13 -72.29 2.51
N LYS D 237 2.11 -72.70 1.24
CA LYS D 237 3.09 -73.65 0.70
C LYS D 237 4.22 -72.97 -0.08
N GLY D 238 4.24 -71.64 -0.08
CA GLY D 238 5.25 -70.90 -0.85
C GLY D 238 4.88 -70.71 -2.33
N LYS D 239 3.64 -71.05 -2.70
CA LYS D 239 3.19 -70.91 -4.12
C LYS D 239 2.64 -69.49 -4.43
N ARG D 240 3.19 -68.87 -5.46
CA ARG D 240 2.97 -67.45 -5.75
C ARG D 240 1.98 -67.17 -6.89
N HIS D 241 1.44 -65.95 -6.90
CA HIS D 241 0.37 -65.51 -7.84
C HIS D 241 -0.89 -66.38 -7.69
N PHE D 242 -0.76 -67.66 -8.03
CA PHE D 242 -1.86 -68.62 -7.93
C PHE D 242 -1.58 -69.60 -6.79
N ASP D 243 -2.61 -69.88 -6.01
CA ASP D 243 -2.42 -70.75 -4.84
C ASP D 243 -2.35 -72.23 -5.24
N SER D 244 -2.21 -73.09 -4.24
CA SER D 244 -2.00 -74.51 -4.47
C SER D 244 -3.28 -75.19 -4.94
N ASN D 245 -4.41 -74.48 -4.85
CA ASN D 245 -5.64 -74.88 -5.51
C ASN D 245 -5.91 -74.12 -6.84
N GLY D 246 -4.86 -73.66 -7.51
CA GLY D 246 -4.97 -73.03 -8.84
C GLY D 246 -5.73 -71.71 -8.94
N ARG D 247 -6.07 -71.10 -7.80
CA ARG D 247 -6.86 -69.87 -7.77
C ARG D 247 -5.99 -68.63 -7.56
N LEU D 248 -6.30 -67.59 -8.37
CA LEU D 248 -5.60 -66.31 -8.37
C LEU D 248 -5.71 -65.60 -7.02
N MET D 249 -4.58 -65.12 -6.52
CA MET D 249 -4.56 -64.31 -5.33
C MET D 249 -4.32 -62.86 -5.79
N GLY D 250 -4.83 -61.91 -5.01
CA GLY D 250 -4.80 -60.50 -5.42
C GLY D 250 -6.05 -60.25 -6.24
N ASP D 251 -6.17 -59.04 -6.77
CA ASP D 251 -7.35 -58.64 -7.54
C ASP D 251 -7.11 -58.80 -9.03
N TYR D 252 -5.86 -59.05 -9.41
CA TYR D 252 -5.50 -59.20 -10.82
C TYR D 252 -4.12 -59.79 -11.00
N GLU D 253 -3.95 -60.44 -12.14
CA GLU D 253 -2.76 -61.19 -12.43
C GLU D 253 -1.72 -60.22 -13.00
N SER D 254 -0.47 -60.39 -12.59
CA SER D 254 0.57 -59.41 -12.83
C SER D 254 1.88 -60.05 -13.30
N GLY D 255 1.79 -61.17 -14.02
CA GLY D 255 2.97 -61.90 -14.49
C GLY D 255 3.48 -61.51 -15.87
N TYR D 256 2.60 -60.97 -16.72
CA TYR D 256 2.95 -60.67 -18.10
C TYR D 256 3.83 -59.43 -18.15
N GLU D 257 5.14 -59.66 -18.00
CA GLU D 257 6.12 -58.61 -17.94
C GLU D 257 7.06 -58.78 -19.13
N ARG D 258 7.00 -57.82 -20.03
CA ARG D 258 7.69 -57.90 -21.31
C ARG D 258 7.33 -59.17 -22.11
N ARG D 259 6.07 -59.58 -21.98
CA ARG D 259 5.51 -60.72 -22.71
C ARG D 259 4.00 -60.68 -22.56
N LEU D 260 3.29 -61.32 -23.48
CA LEU D 260 1.83 -61.29 -23.49
C LEU D 260 1.31 -62.69 -23.71
N PRO D 261 0.10 -62.95 -23.26
CA PRO D 261 -0.56 -64.24 -23.50
C PRO D 261 -0.90 -64.45 -24.99
N ASP D 262 -0.78 -65.70 -25.47
CA ASP D 262 -1.08 -66.05 -26.84
C ASP D 262 -2.60 -65.92 -27.12
N PRO D 263 -2.97 -65.20 -28.18
CA PRO D 263 -4.41 -64.95 -28.40
C PRO D 263 -5.24 -66.16 -28.83
N VAL D 264 -4.58 -67.28 -29.16
CA VAL D 264 -5.30 -68.54 -29.45
C VAL D 264 -5.20 -69.52 -28.30
N LYS D 265 -4.01 -69.66 -27.72
CA LYS D 265 -3.74 -70.70 -26.69
C LYS D 265 -4.00 -70.31 -25.24
N ASP D 266 -3.92 -69.02 -24.91
CA ASP D 266 -4.03 -68.58 -23.52
C ASP D 266 -5.34 -67.88 -23.20
N LEU D 267 -6.44 -68.33 -23.78
CA LEU D 267 -7.73 -67.66 -23.55
C LEU D 267 -8.20 -67.77 -22.10
N LYS D 268 -7.58 -68.64 -21.30
CA LYS D 268 -7.84 -68.67 -19.85
C LYS D 268 -7.78 -67.30 -19.15
N VAL D 269 -6.90 -66.40 -19.62
CA VAL D 269 -6.71 -65.11 -18.95
C VAL D 269 -7.97 -64.23 -18.99
N THR D 270 -8.91 -64.52 -19.89
CA THR D 270 -10.17 -63.76 -19.97
C THR D 270 -11.10 -64.02 -18.75
N GLN D 271 -10.76 -65.00 -17.91
CA GLN D 271 -11.53 -65.30 -16.69
C GLN D 271 -11.15 -64.48 -15.45
N TRP D 272 -10.00 -63.81 -15.47
CA TRP D 272 -9.67 -62.87 -14.41
C TRP D 272 -9.17 -61.53 -14.95
N ASP D 273 -9.16 -60.53 -14.07
CA ASP D 273 -8.49 -59.28 -14.34
C ASP D 273 -6.98 -59.47 -14.38
N TRP D 274 -6.34 -58.76 -15.30
CA TRP D 274 -4.90 -58.82 -15.42
C TRP D 274 -4.34 -57.56 -16.07
N GLU D 275 -3.05 -57.32 -15.82
CA GLU D 275 -2.34 -56.14 -16.30
C GLU D 275 -0.92 -56.51 -16.73
N ALA D 276 -0.60 -56.18 -17.97
CA ALA D 276 0.74 -56.39 -18.49
C ALA D 276 1.49 -55.08 -18.36
N CYS D 277 2.82 -55.18 -18.33
CA CYS D 277 3.67 -54.01 -18.47
C CYS D 277 4.72 -54.30 -19.49
N MET D 278 5.33 -53.24 -20.01
CA MET D 278 6.35 -53.38 -21.03
C MET D 278 7.36 -52.22 -21.05
N THR D 279 8.54 -52.51 -21.57
CA THR D 279 9.59 -51.55 -21.79
C THR D 279 9.60 -51.15 -23.25
N ILE D 280 10.09 -49.95 -23.54
CA ILE D 280 10.17 -49.48 -24.92
C ILE D 280 11.39 -50.13 -25.58
N PRO D 281 12.58 -50.04 -24.95
CA PRO D 281 13.68 -50.91 -25.36
C PRO D 281 13.45 -52.33 -24.88
N GLU D 282 14.44 -53.19 -25.09
CA GLU D 282 14.28 -54.63 -24.84
C GLU D 282 14.05 -54.91 -23.38
N ASN D 283 14.89 -54.31 -22.53
CA ASN D 283 14.82 -54.45 -21.07
C ASN D 283 15.58 -53.27 -20.42
N GLN D 284 14.93 -52.11 -20.39
CA GLN D 284 15.40 -50.96 -19.63
C GLN D 284 14.15 -50.34 -19.00
N TRP D 285 14.05 -50.39 -17.67
CA TRP D 285 12.93 -49.75 -17.02
C TRP D 285 13.39 -48.39 -16.48
N GLY D 286 14.51 -48.39 -15.75
CA GLY D 286 15.16 -47.15 -15.32
C GLY D 286 15.85 -46.50 -16.50
N TYR D 287 16.23 -45.23 -16.34
CA TYR D 287 16.98 -44.49 -17.37
C TYR D 287 18.36 -45.11 -17.62
N HIS D 288 18.63 -45.35 -18.90
CA HIS D 288 19.92 -45.83 -19.39
C HIS D 288 20.32 -44.87 -20.51
N LYS D 289 21.57 -44.44 -20.50
CA LYS D 289 22.02 -43.38 -21.39
C LYS D 289 22.28 -43.81 -22.83
N ASP D 290 22.43 -45.12 -23.07
CA ASP D 290 22.66 -45.62 -24.44
C ASP D 290 21.57 -46.58 -24.88
N TRP D 291 20.60 -46.05 -25.63
CA TRP D 291 19.50 -46.85 -26.15
C TRP D 291 19.86 -47.65 -27.40
N SER D 292 21.05 -47.44 -27.96
CA SER D 292 21.48 -48.16 -29.14
C SER D 292 21.95 -49.59 -28.82
N LEU D 293 22.11 -49.92 -27.54
CA LEU D 293 22.60 -51.26 -27.18
C LEU D 293 21.57 -52.41 -27.31
N SER D 294 20.32 -52.09 -27.62
CA SER D 294 19.31 -53.11 -27.83
C SER D 294 18.20 -52.54 -28.73
N TYR D 295 17.21 -53.35 -29.08
CA TYR D 295 16.16 -52.92 -30.00
C TYR D 295 15.15 -52.01 -29.31
N VAL D 296 14.86 -50.87 -29.95
CA VAL D 296 13.90 -49.93 -29.42
C VAL D 296 12.58 -50.03 -30.21
N LYS D 297 11.48 -50.32 -29.52
CA LYS D 297 10.18 -50.51 -30.17
C LYS D 297 9.66 -49.23 -30.81
N THR D 298 8.98 -49.38 -31.93
CA THR D 298 8.36 -48.27 -32.61
C THR D 298 6.95 -48.10 -32.02
N PRO D 299 6.33 -46.95 -32.28
CA PRO D 299 4.97 -46.72 -31.81
C PRO D 299 3.97 -47.80 -32.17
N ILE D 300 3.98 -48.27 -33.41
CA ILE D 300 3.00 -49.26 -33.83
C ILE D 300 3.21 -50.55 -33.06
N GLU D 301 4.45 -50.89 -32.80
CA GLU D 301 4.77 -52.08 -32.04
C GLU D 301 4.18 -52.03 -30.62
N VAL D 302 4.20 -50.84 -30.01
CA VAL D 302 3.68 -50.62 -28.66
C VAL D 302 2.16 -50.63 -28.76
N ILE D 303 1.62 -49.92 -29.72
CA ILE D 303 0.18 -49.89 -29.92
C ILE D 303 -0.38 -51.31 -30.20
N ASP D 304 0.34 -52.09 -31.00
CA ASP D 304 -0.06 -53.48 -31.23
C ASP D 304 -0.22 -54.22 -29.90
N ARG D 305 0.74 -54.06 -29.00
CA ARG D 305 0.71 -54.71 -27.70
C ARG D 305 -0.39 -54.21 -26.75
N ILE D 306 -0.70 -52.92 -26.81
CA ILE D 306 -1.78 -52.35 -26.01
C ILE D 306 -3.09 -53.01 -26.42
N VAL D 307 -3.37 -52.98 -27.71
CA VAL D 307 -4.63 -53.56 -28.22
C VAL D 307 -4.74 -55.06 -27.91
N HIS D 308 -3.62 -55.76 -28.12
CA HIS D 308 -3.48 -57.18 -27.79
C HIS D 308 -3.94 -57.46 -26.35
N ALA D 309 -3.43 -56.68 -25.41
CA ALA D 309 -3.84 -56.80 -24.02
C ALA D 309 -5.34 -56.60 -23.83
N VAL D 310 -5.90 -55.52 -24.40
CA VAL D 310 -7.30 -55.21 -24.18
C VAL D 310 -8.21 -56.27 -24.79
N SER D 311 -7.85 -56.77 -25.98
CA SER D 311 -8.61 -57.79 -26.67
C SER D 311 -8.73 -59.09 -25.89
N MET D 312 -7.82 -59.31 -24.97
CA MET D 312 -7.84 -60.52 -24.14
C MET D 312 -8.21 -60.20 -22.66
N GLY D 313 -8.74 -58.99 -22.47
CA GLY D 313 -9.33 -58.56 -21.21
C GLY D 313 -8.34 -58.03 -20.20
N GLY D 314 -7.20 -57.53 -20.68
CA GLY D 314 -6.18 -57.02 -19.79
C GLY D 314 -5.83 -55.57 -20.05
N ASN D 315 -5.13 -54.99 -19.06
CA ASN D 315 -4.61 -53.65 -19.11
C ASN D 315 -3.18 -53.73 -19.58
N MET D 316 -2.72 -52.61 -20.15
CA MET D 316 -1.33 -52.53 -20.56
C MET D 316 -0.72 -51.24 -20.07
N VAL D 317 0.50 -51.36 -19.57
CA VAL D 317 1.21 -50.27 -18.95
C VAL D 317 2.53 -50.10 -19.66
N VAL D 318 2.73 -48.91 -20.24
CA VAL D 318 3.91 -48.57 -21.01
C VAL D 318 4.92 -47.79 -20.16
N ASN D 319 6.14 -48.32 -20.03
CA ASN D 319 7.13 -47.74 -19.13
C ASN D 319 7.93 -46.56 -19.69
N PHE D 320 8.14 -45.58 -18.82
CA PHE D 320 9.05 -44.47 -19.06
C PHE D 320 10.13 -44.44 -17.97
N GLY D 321 11.33 -44.03 -18.35
CA GLY D 321 12.48 -43.96 -17.44
C GLY D 321 13.06 -42.56 -17.43
N PRO D 322 12.50 -41.69 -16.58
CA PRO D 322 12.88 -40.27 -16.60
C PRO D 322 14.36 -40.02 -16.31
N GLN D 323 14.93 -39.03 -16.99
CA GLN D 323 16.32 -38.58 -16.78
C GLN D 323 16.62 -38.14 -15.34
N ALA D 324 17.91 -38.09 -15.01
CA ALA D 324 18.37 -37.61 -13.70
C ALA D 324 17.91 -36.18 -13.46
N ASP D 325 17.88 -35.37 -14.51
CA ASP D 325 17.48 -33.97 -14.38
C ASP D 325 15.98 -33.73 -14.23
N GLY D 326 15.17 -34.78 -14.36
CA GLY D 326 13.73 -34.62 -14.21
C GLY D 326 12.95 -34.34 -15.48
N ASP D 327 13.63 -34.29 -16.61
CA ASP D 327 12.95 -34.26 -17.90
C ASP D 327 12.87 -35.68 -18.49
N PHE D 328 12.13 -35.84 -19.58
CA PHE D 328 12.04 -37.11 -20.30
C PHE D 328 12.91 -37.03 -21.56
N ARG D 329 13.62 -38.10 -21.83
CA ARG D 329 14.38 -38.21 -23.09
C ARG D 329 13.46 -38.09 -24.33
N PRO D 330 14.04 -37.65 -25.48
CA PRO D 330 13.27 -37.39 -26.72
C PRO D 330 12.57 -38.61 -27.34
N GLU D 331 13.21 -39.77 -27.32
CA GLU D 331 12.56 -41.00 -27.79
C GLU D 331 11.22 -41.22 -27.07
N GLU D 332 11.20 -41.02 -25.75
CA GLU D 332 9.99 -41.22 -24.93
C GLU D 332 8.93 -40.12 -25.12
N LYS D 333 9.36 -38.89 -25.35
CA LYS D 333 8.45 -37.79 -25.73
C LYS D 333 7.81 -38.12 -27.06
N ALA D 334 8.62 -38.58 -28.00
CA ALA D 334 8.13 -38.98 -29.32
C ALA D 334 7.08 -40.10 -29.21
N MET D 335 7.41 -41.11 -28.41
CA MET D 335 6.52 -42.28 -28.25
C MET D 335 5.17 -41.91 -27.69
N ALA D 336 5.19 -41.06 -26.66
CA ALA D 336 3.99 -40.62 -25.94
C ALA D 336 3.07 -39.85 -26.86
N THR D 337 3.66 -38.96 -27.65
CA THR D 337 2.95 -38.14 -28.63
C THR D 337 2.28 -39.02 -29.68
N ALA D 338 3.06 -39.91 -30.28
CA ALA D 338 2.52 -40.84 -31.29
C ALA D 338 1.41 -41.76 -30.78
N ILE D 339 1.52 -42.25 -29.54
CA ILE D 339 0.45 -43.09 -28.98
C ILE D 339 -0.79 -42.24 -28.77
N GLY D 340 -0.58 -41.06 -28.18
CA GLY D 340 -1.66 -40.13 -27.88
C GLY D 340 -2.48 -39.78 -29.09
N LYS D 341 -1.80 -39.50 -30.21
CA LYS D 341 -2.47 -39.24 -31.49
C LYS D 341 -3.29 -40.45 -31.94
N TRP D 342 -2.74 -41.65 -31.79
CA TRP D 342 -3.50 -42.81 -32.23
C TRP D 342 -4.68 -43.05 -31.31
N MET D 343 -4.45 -42.86 -30.01
CA MET D 343 -5.53 -43.05 -29.03
C MET D 343 -6.63 -42.03 -29.21
N ASN D 344 -6.24 -40.83 -29.64
CA ASN D 344 -7.19 -39.75 -29.84
C ASN D 344 -8.16 -40.10 -30.96
N ARG D 345 -7.66 -40.76 -32.00
CA ARG D 345 -8.51 -41.19 -33.11
C ARG D 345 -9.24 -42.53 -32.86
N TYR D 346 -8.54 -43.48 -32.23
CA TYR D 346 -9.04 -44.87 -32.15
C TYR D 346 -9.35 -45.41 -30.75
N GLY D 347 -9.28 -44.59 -29.71
CA GLY D 347 -9.43 -45.03 -28.32
C GLY D 347 -10.79 -45.53 -27.86
N LYS D 348 -11.82 -45.26 -28.64
CA LYS D 348 -13.11 -45.93 -28.43
C LYS D 348 -12.99 -47.47 -28.50
N ALA D 349 -11.94 -48.00 -29.15
CA ALA D 349 -11.70 -49.45 -29.19
C ALA D 349 -10.76 -49.94 -28.08
N VAL D 350 -10.36 -49.04 -27.18
CA VAL D 350 -9.46 -49.42 -26.09
C VAL D 350 -10.15 -49.16 -24.74
N TYR D 351 -10.48 -47.90 -24.48
CA TYR D 351 -11.05 -47.50 -23.21
C TYR D 351 -12.35 -48.24 -22.93
N ALA D 352 -12.45 -48.83 -21.74
CA ALA D 352 -13.68 -49.50 -21.35
C ALA D 352 -14.05 -50.70 -22.23
N CYS D 353 -13.11 -51.23 -23.03
CA CYS D 353 -13.41 -52.37 -23.90
C CYS D 353 -12.84 -53.67 -23.33
N ASP D 354 -13.24 -54.81 -23.90
CA ASP D 354 -12.93 -56.11 -23.30
C ASP D 354 -12.89 -57.20 -24.35
N TYR D 355 -12.59 -58.42 -23.92
CA TYR D 355 -12.56 -59.59 -24.78
C TYR D 355 -13.93 -59.75 -25.42
N ALA D 356 -13.95 -59.99 -26.73
CA ALA D 356 -15.21 -60.06 -27.48
C ALA D 356 -15.66 -61.49 -27.64
N GLY D 357 -14.81 -62.45 -27.35
CA GLY D 357 -15.24 -63.82 -27.50
C GLY D 357 -15.33 -64.35 -28.92
N PHE D 358 -14.69 -63.65 -29.87
CA PHE D 358 -14.55 -64.08 -31.25
C PHE D 358 -13.16 -64.72 -31.46
N GLU D 359 -13.10 -65.68 -32.36
CA GLU D 359 -11.87 -66.37 -32.67
C GLU D 359 -10.84 -65.41 -33.32
N LYS D 360 -9.60 -65.47 -32.85
CA LYS D 360 -8.54 -64.62 -33.36
C LYS D 360 -8.39 -64.76 -34.85
N GLN D 361 -8.24 -63.64 -35.56
CA GLN D 361 -7.92 -63.65 -36.99
C GLN D 361 -6.64 -62.86 -37.26
N ASP D 362 -5.97 -63.15 -38.37
CA ASP D 362 -4.62 -62.58 -38.66
C ASP D 362 -4.53 -61.07 -38.97
N TRP D 363 -5.64 -60.45 -39.34
CA TRP D 363 -5.62 -59.02 -39.66
C TRP D 363 -5.47 -58.10 -38.44
N GLY D 364 -5.66 -58.65 -37.24
CA GLY D 364 -5.53 -57.88 -36.00
C GLY D 364 -6.35 -58.47 -34.85
N TYR D 365 -7.01 -57.59 -34.08
CA TYR D 365 -7.70 -57.96 -32.82
C TYR D 365 -9.13 -57.46 -32.81
N TYR D 366 -10.00 -58.19 -32.13
CA TYR D 366 -11.32 -57.72 -31.78
C TYR D 366 -11.31 -57.10 -30.39
N THR D 367 -12.11 -56.07 -30.17
CA THR D 367 -12.48 -55.71 -28.79
C THR D 367 -13.98 -55.45 -28.71
N ARG D 368 -14.53 -55.57 -27.50
CA ARG D 368 -15.97 -55.43 -27.26
C ARG D 368 -16.21 -54.19 -26.41
N GLY D 369 -17.19 -53.37 -26.83
CA GLY D 369 -17.50 -52.12 -26.15
C GLY D 369 -18.55 -52.34 -25.07
N LYS D 370 -18.87 -51.28 -24.34
CA LYS D 370 -19.72 -51.43 -23.15
C LYS D 370 -21.16 -51.74 -23.50
N ASN D 371 -21.61 -51.30 -24.68
CA ASN D 371 -22.88 -51.81 -25.19
C ASN D 371 -22.78 -52.76 -26.38
N ASP D 372 -21.88 -53.73 -26.27
CA ASP D 372 -21.80 -54.86 -27.20
C ASP D 372 -21.39 -54.54 -28.65
N GLU D 373 -20.85 -53.35 -28.89
CA GLU D 373 -20.11 -53.08 -30.13
C GLU D 373 -18.89 -54.02 -30.20
N VAL D 374 -18.56 -54.52 -31.38
CA VAL D 374 -17.35 -55.31 -31.57
C VAL D 374 -16.48 -54.55 -32.56
N TYR D 375 -15.32 -54.09 -32.10
CA TYR D 375 -14.37 -53.38 -32.94
C TYR D 375 -13.34 -54.34 -33.51
N MET D 376 -13.02 -54.14 -34.78
CA MET D 376 -11.95 -54.83 -35.44
C MET D 376 -10.86 -53.82 -35.52
N VAL D 377 -9.74 -54.10 -34.87
CA VAL D 377 -8.56 -53.24 -34.97
C VAL D 377 -7.57 -53.93 -35.88
N VAL D 378 -7.37 -53.34 -37.06
CA VAL D 378 -6.66 -53.96 -38.17
C VAL D 378 -5.22 -53.49 -38.19
N PHE D 379 -4.28 -54.42 -37.99
CA PHE D 379 -2.83 -54.13 -38.01
C PHE D 379 -2.12 -54.68 -39.23
N ASN D 380 -2.71 -55.71 -39.83
CA ASN D 380 -2.10 -56.44 -40.90
C ASN D 380 -3.10 -56.48 -42.05
N GLN D 381 -2.84 -55.64 -43.06
CA GLN D 381 -3.81 -55.41 -44.13
C GLN D 381 -3.76 -56.53 -45.17
N PRO D 382 -4.85 -57.28 -45.37
CA PRO D 382 -4.85 -58.38 -46.35
C PRO D 382 -4.86 -57.88 -47.78
N TYR D 383 -3.97 -58.40 -48.60
CA TYR D 383 -4.01 -58.17 -50.05
C TYR D 383 -5.32 -58.67 -50.64
N SER D 384 -5.94 -59.67 -50.01
CA SER D 384 -7.25 -60.10 -50.47
C SER D 384 -8.33 -59.01 -50.42
N GLU D 385 -8.12 -57.96 -49.61
CA GLU D 385 -9.08 -56.84 -49.43
C GLU D 385 -10.31 -57.27 -48.65
N ARG D 386 -10.15 -58.38 -47.95
CA ARG D 386 -11.21 -59.00 -47.22
C ARG D 386 -10.66 -59.31 -45.84
N LEU D 387 -11.37 -58.88 -44.81
CA LEU D 387 -11.05 -59.19 -43.43
C LEU D 387 -12.01 -60.26 -42.95
N ILE D 388 -11.51 -61.49 -42.79
CA ILE D 388 -12.31 -62.65 -42.36
C ILE D 388 -12.86 -62.47 -40.94
N VAL D 389 -14.16 -62.68 -40.77
CA VAL D 389 -14.79 -62.61 -39.46
C VAL D 389 -15.64 -63.83 -39.24
N LYS D 390 -15.19 -64.69 -38.32
CA LYS D 390 -15.92 -65.91 -37.92
C LYS D 390 -16.60 -65.66 -36.59
N THR D 391 -17.92 -65.79 -36.57
CA THR D 391 -18.72 -65.46 -35.38
C THR D 391 -19.02 -66.69 -34.53
N PRO D 392 -19.22 -66.50 -33.24
CA PRO D 392 -19.67 -67.60 -32.40
C PRO D 392 -21.09 -68.02 -32.77
N LYS D 393 -21.43 -69.27 -32.45
CA LYS D 393 -22.79 -69.78 -32.67
C LYS D 393 -23.81 -68.76 -32.16
N GLY D 394 -24.77 -68.40 -33.00
CA GLY D 394 -25.86 -67.53 -32.61
C GLY D 394 -25.65 -66.07 -32.95
N ILE D 395 -24.46 -65.71 -33.43
CA ILE D 395 -24.14 -64.31 -33.67
C ILE D 395 -24.04 -63.97 -35.15
N THR D 396 -24.64 -62.84 -35.54
CA THR D 396 -24.58 -62.34 -36.90
C THR D 396 -24.06 -60.92 -36.96
N VAL D 397 -23.37 -60.61 -38.05
CA VAL D 397 -22.85 -59.29 -38.30
C VAL D 397 -23.88 -58.55 -39.12
N GLU D 398 -24.50 -57.55 -38.49
CA GLU D 398 -25.56 -56.79 -39.14
C GLU D 398 -25.04 -55.59 -39.91
N LYS D 399 -23.87 -55.06 -39.54
CA LYS D 399 -23.31 -53.89 -40.21
C LYS D 399 -21.88 -53.65 -39.78
N ALA D 400 -21.11 -53.04 -40.66
CA ALA D 400 -19.76 -52.62 -40.37
C ALA D 400 -19.63 -51.15 -40.76
N THR D 401 -18.85 -50.41 -39.99
CA THR D 401 -18.68 -48.95 -40.17
C THR D 401 -17.24 -48.55 -39.84
N LEU D 402 -16.58 -47.78 -40.73
CA LEU D 402 -15.24 -47.25 -40.44
C LEU D 402 -15.40 -46.28 -39.25
N LEU D 403 -14.62 -46.47 -38.19
CA LEU D 403 -14.86 -45.71 -36.95
C LEU D 403 -14.73 -44.22 -37.19
N THR D 404 -13.65 -43.83 -37.86
CA THR D 404 -13.26 -42.43 -38.04
C THR D 404 -14.20 -41.57 -38.90
N THR D 405 -14.83 -42.15 -39.91
CA THR D 405 -15.60 -41.38 -40.90
C THR D 405 -17.08 -41.70 -40.93
N GLY D 406 -17.45 -42.89 -40.47
CA GLY D 406 -18.84 -43.29 -40.45
C GLY D 406 -19.35 -43.95 -41.73
N GLU D 407 -18.49 -44.09 -42.73
CA GLU D 407 -18.92 -44.75 -43.98
C GLU D 407 -19.30 -46.23 -43.79
N ASP D 408 -20.31 -46.66 -44.55
CA ASP D 408 -20.71 -48.07 -44.57
C ASP D 408 -19.59 -48.89 -45.21
N ILE D 409 -19.33 -50.05 -44.60
CA ILE D 409 -18.31 -50.97 -45.10
C ILE D 409 -19.07 -52.22 -45.50
N THR D 410 -18.76 -52.77 -46.67
CA THR D 410 -19.47 -53.93 -47.17
C THR D 410 -19.17 -55.15 -46.32
N VAL D 411 -20.21 -55.94 -46.06
CA VAL D 411 -20.12 -57.19 -45.32
C VAL D 411 -20.85 -58.31 -46.08
N VAL D 412 -20.11 -59.39 -46.40
CA VAL D 412 -20.65 -60.52 -47.19
C VAL D 412 -20.53 -61.82 -46.40
N GLU D 413 -21.61 -62.58 -46.33
CA GLU D 413 -21.62 -63.87 -45.66
C GLU D 413 -20.98 -64.88 -46.59
N THR D 414 -19.91 -65.53 -46.15
CA THR D 414 -19.23 -66.54 -46.96
C THR D 414 -19.67 -67.98 -46.66
N THR D 415 -20.00 -68.26 -45.41
CA THR D 415 -20.59 -69.55 -45.01
C THR D 415 -21.18 -69.34 -43.63
N ARG D 416 -21.77 -70.38 -43.04
CA ARG D 416 -22.43 -70.19 -41.74
C ARG D 416 -21.40 -69.74 -40.71
N ASN D 417 -21.69 -68.65 -40.01
CA ASN D 417 -20.81 -68.07 -38.98
C ASN D 417 -19.52 -67.46 -39.52
N GLU D 418 -19.57 -66.99 -40.75
CA GLU D 418 -18.37 -66.48 -41.35
C GLU D 418 -18.70 -65.46 -42.41
N TYR D 419 -17.92 -64.37 -42.41
CA TYR D 419 -18.18 -63.20 -43.23
C TYR D 419 -16.87 -62.64 -43.75
N ASN D 420 -16.92 -62.02 -44.92
CA ASN D 420 -15.87 -61.11 -45.37
C ASN D 420 -16.33 -59.68 -45.09
N VAL D 421 -15.56 -58.98 -44.25
CA VAL D 421 -15.67 -57.55 -44.11
C VAL D 421 -14.66 -56.89 -45.03
N SER D 422 -15.13 -56.02 -45.93
CA SER D 422 -14.22 -55.37 -46.86
C SER D 422 -13.33 -54.40 -46.14
N VAL D 423 -12.13 -54.20 -46.65
CA VAL D 423 -11.29 -53.12 -46.20
C VAL D 423 -11.87 -51.81 -46.74
N PRO D 424 -11.55 -50.66 -46.11
CA PRO D 424 -12.08 -49.39 -46.61
C PRO D 424 -11.61 -49.06 -48.04
N LYS D 425 -12.44 -48.33 -48.78
CA LYS D 425 -12.17 -47.95 -50.17
C LYS D 425 -10.77 -47.36 -50.33
N LYS D 426 -10.40 -46.49 -49.40
CA LYS D 426 -9.03 -45.92 -49.32
C LYS D 426 -8.27 -46.52 -48.14
N ASN D 427 -7.04 -46.94 -48.37
CA ASN D 427 -6.21 -47.48 -47.31
C ASN D 427 -5.88 -46.40 -46.26
N PRO D 428 -6.29 -46.61 -45.00
CA PRO D 428 -6.00 -45.65 -43.94
C PRO D 428 -4.53 -45.33 -43.69
N GLY D 429 -3.63 -46.22 -44.11
CA GLY D 429 -2.19 -45.98 -43.93
C GLY D 429 -1.69 -46.13 -42.50
N GLU D 430 -2.48 -46.77 -41.63
CA GLU D 430 -2.13 -46.94 -40.22
C GLU D 430 -3.10 -47.96 -39.63
N PRO D 431 -2.80 -48.52 -38.44
CA PRO D 431 -3.80 -49.38 -37.81
C PRO D 431 -5.10 -48.63 -37.62
N TYR D 432 -6.21 -49.27 -38.00
CA TYR D 432 -7.48 -48.60 -38.07
C TYR D 432 -8.59 -49.48 -37.50
N VAL D 433 -9.76 -48.88 -37.30
CA VAL D 433 -10.85 -49.57 -36.65
C VAL D 433 -12.09 -49.58 -37.50
N ILE D 434 -12.70 -50.74 -37.61
CA ILE D 434 -14.03 -50.89 -38.15
C ILE D 434 -14.92 -51.36 -37.04
N GLN D 435 -16.08 -50.71 -36.91
CA GLN D 435 -17.01 -51.03 -35.86
C GLN D 435 -18.09 -51.93 -36.40
N LEU D 436 -18.37 -53.03 -35.70
CA LEU D 436 -19.44 -53.93 -36.12
C LEU D 436 -20.64 -53.88 -35.19
N LYS D 437 -21.82 -53.87 -35.78
CA LYS D 437 -23.04 -54.08 -35.06
C LYS D 437 -23.32 -55.56 -35.20
N VAL D 438 -23.49 -56.27 -34.08
CA VAL D 438 -23.81 -57.70 -34.08
C VAL D 438 -25.14 -57.98 -33.34
N ARG D 439 -25.77 -59.14 -33.61
CA ARG D 439 -27.03 -59.52 -32.97
C ARG D 439 -27.03 -60.97 -32.48
N ALA D 440 -27.98 -61.26 -31.58
CA ALA D 440 -28.18 -62.61 -31.01
C ALA D 440 -29.39 -63.28 -31.63
#